data_4YSY
#
_entry.id   4YSY
#
_cell.length_a   124.120
_cell.length_b   127.660
_cell.length_c   220.736
_cell.angle_alpha   90.00
_cell.angle_beta   90.00
_cell.angle_gamma   90.00
#
_symmetry.space_group_name_H-M   'P 21 21 21'
#
loop_
_entity.id
_entity.type
_entity.pdbx_description
1 polymer 'Succinate dehydrogenase flavoprotein'
2 polymer 'Succinate dehydrogenase [ubiquinone] iron-sulfur subunit, mitochondrial'
3 polymer 'Cytochrome b-large subunit'
4 polymer 'Succinate dehydrogenase [ubiquinone] cytochrome b small subunit, mitochondrial'
5 non-polymer 'MALONATE ION'
6 non-polymer 'FLAVIN-ADENINE DINUCLEOTIDE'
7 non-polymer 'FE2/S2 (INORGANIC) CLUSTER'
8 non-polymer 'IRON/SULFUR CLUSTER'
9 non-polymer 'FE3-S4 CLUSTER'
10 non-polymer N-(2,4-dichlorobenzyl)-2-(trifluoromethyl)benzamide
11 non-polymer 'PROTOPORPHYRIN IX CONTAINING FE'
12 non-polymer L-ALPHA-PHOSPHATIDYL-BETA-OLEOYL-GAMMA-PALMITOYL-PHOSPHATIDYLETHANOLAMINE
13 water water
#
loop_
_entity_poly.entity_id
_entity_poly.type
_entity_poly.pdbx_seq_one_letter_code
_entity_poly.pdbx_strand_id
1 'polypeptide(L)'
;MLRAVRALICRIGARRTLSVSSSRLDVSTSNIAQYKVIDHAYDVVIIGAGGAGLRAAMGLGEAGFKTAVVTKMFPTRSHT
TAAQGGINAALGSMNPDDWKWHFYDTVKGSDWLGDQNAMHYLTRNAVEAVTELENFGMPFSRTPEGKIYQRSFGGQSNNY
GKGGVAKRTCCVADRTGHSMLHTLYGNSLRCHCTFFIEYFALDLLMDKGRCVGVIALCLEDGTIHRFRSKRTIVATGGYG
RAYFSCTTAHMNTGDGTALATRAGIALEDLEFIQFHPTGIYGVGCLITEGSRGEGGFLVNSEGERFMERYAPKAKDLASR
DVVSRAETIEIMEGRGVGPEKDHIYLQLHHLPAEQLHQRLPGISETAKIFAGVDVTKEPIPVIPTVHYNMGGIPTNYKAQ
VIKYTKEGGDKIVPGLYACGECACHSVHGANRLGANSLLDAVVFGRACSINIKEELKPDEKIPELPEGAGEESIANLDAV
RYANGDVPTAELRLTMQKTMQKHAGVFRRGDILAEGVKKMMDLFKELKRLKTTDRSLIWNSDLTESLELQNLMLNATQTI
VAAENRKESRGAHARDDFPKREDEYDYSKPIEGQTKRPFEKHWRKHTLTKQDPRTGHITLDYRPVIDKTLDPAEVDWIPP
IIRSY
;
A,E
2 'polypeptide(L)'
;MLRGSTSVCRSLELVTQAARYASAATAAAPTGKRIKTFEIYRFNPEEPGAKPKLQKFDVDLDKCGTMVLDALIKIKNEVD
PTLTFRRSCREGICGSCAMNIAGENTLACICNIDQNTSKTTKIYPLPHMFVIKDLVPDMNLFYAQYASIQPWLQKKTKIN
LGEKQQYQSIKEQEKLDGLYECILCACCSASCPSYWWNADKYLGPAVLMQAYRWIIDSRDDSAAERLARMQDGFSAFKCH
TIMNCTKTCPKHLNPARAIGEIKMLLTKMKTKPAPLPTPANF
;
B,F
3 'polypeptide(L)'
;MSLLPYNATLCRVLRHNVKFIRSVQTSAARVSAEKTPIQVWGWDYLMRQRALKRPIAPHLTIYKPQMTWMVSGLHRVTGC
AMAGTLLIGGVGFSVLPLDFTTFVEFIRGLGIPWVILDTFKFIIAFPIAFHTLNGIRFIGFDMAKGTDIPSIYRGAYLVL
GLAALISLAVVVYPRWERHKKATLPTNH
;
C,G
4 'polypeptide(L)'
;MLSAVRRAIPLSARILRTSLIQRCAGATSAAVTGAAPPQFDPIAAEKGFKPLHSHGTLFKIERYFAAAMVPLIPAAYFIH
GREMDLCLALALTLHVHWGVWGVVNDYGRPFVLGDTLAAAVRVGAYIFTACLLAGLLYFNEHDVGLTRAFEMVWEL
;
D,H
#
loop_
_chem_comp.id
_chem_comp.type
_chem_comp.name
_chem_comp.formula
E24 non-polymer N-(2,4-dichlorobenzyl)-2-(trifluoromethyl)benzamide 'C15 H10 Cl2 F3 N O'
EPH non-polymer L-ALPHA-PHOSPHATIDYL-BETA-OLEOYL-GAMMA-PALMITOYL-PHOSPHATIDYLETHANOLAMINE 'C39 H68 N O8 P'
F3S non-polymer 'FE3-S4 CLUSTER' 'Fe3 S4'
FAD non-polymer 'FLAVIN-ADENINE DINUCLEOTIDE' 'C27 H33 N9 O15 P2'
FES non-polymer 'FE2/S2 (INORGANIC) CLUSTER' 'Fe2 S2'
HEM non-polymer 'PROTOPORPHYRIN IX CONTAINING FE' 'C34 H32 Fe N4 O4'
MLI non-polymer 'MALONATE ION' 'C3 H2 O4 -2'
SF4 non-polymer 'IRON/SULFUR CLUSTER' 'Fe4 S4'
#
# COMPACT_ATOMS: atom_id res chain seq x y z
N SER A 30 -34.22 24.61 -7.13
CA SER A 30 -33.34 25.81 -7.26
C SER A 30 -34.13 27.09 -7.53
N ASN A 31 -35.41 26.95 -7.90
CA ASN A 31 -36.22 28.03 -8.43
C ASN A 31 -35.89 29.45 -7.95
N ILE A 32 -35.82 29.66 -6.63
CA ILE A 32 -35.80 31.03 -6.10
C ILE A 32 -34.38 31.64 -6.02
N ALA A 33 -33.42 30.93 -5.43
CA ALA A 33 -32.09 31.51 -5.13
C ALA A 33 -30.96 30.91 -5.96
N GLN A 34 -29.80 31.57 -5.92
CA GLN A 34 -28.59 31.12 -6.61
C GLN A 34 -27.66 30.34 -5.70
N TYR A 35 -27.22 29.17 -6.16
CA TYR A 35 -26.40 28.27 -5.34
C TYR A 35 -25.06 28.02 -6.00
N LYS A 36 -24.00 28.14 -5.21
CA LYS A 36 -22.65 27.97 -5.72
C LYS A 36 -22.26 26.50 -5.63
N VAL A 37 -22.19 25.82 -6.77
CA VAL A 37 -21.88 24.40 -6.82
C VAL A 37 -20.38 24.17 -7.07
N ILE A 38 -19.83 23.17 -6.41
CA ILE A 38 -18.38 22.95 -6.42
C ILE A 38 -18.09 21.46 -6.61
N ASP A 39 -17.33 21.14 -7.66
CA ASP A 39 -17.06 19.76 -8.02
C ASP A 39 -15.70 19.27 -7.49
N HIS A 40 -15.70 18.01 -7.01
CA HIS A 40 -14.55 17.35 -6.40
C HIS A 40 -14.45 15.92 -6.91
N ALA A 41 -13.23 15.42 -7.10
CA ALA A 41 -13.02 14.05 -7.59
C ALA A 41 -12.16 13.20 -6.65
N TYR A 42 -12.72 12.06 -6.20
CA TYR A 42 -12.05 11.23 -5.19
C TYR A 42 -12.19 9.75 -5.50
N ASP A 43 -11.26 8.95 -5.02
CA ASP A 43 -11.31 7.50 -5.22
C ASP A 43 -12.42 6.89 -4.39
N VAL A 44 -12.65 7.46 -3.21
CA VAL A 44 -13.73 7.02 -2.34
C VAL A 44 -14.16 8.18 -1.46
N VAL A 45 -15.47 8.38 -1.37
CA VAL A 45 -16.05 9.33 -0.43
C VAL A 45 -16.69 8.52 0.68
N ILE A 46 -16.46 8.93 1.93
CA ILE A 46 -17.06 8.29 3.10
C ILE A 46 -17.98 9.31 3.77
N ILE A 47 -19.27 8.99 3.82
CA ILE A 47 -20.21 9.79 4.59
C ILE A 47 -20.21 9.26 6.02
N GLY A 48 -19.46 9.93 6.90
CA GLY A 48 -19.38 9.57 8.31
C GLY A 48 -17.99 9.71 8.87
N ALA A 49 -17.89 10.00 10.16
CA ALA A 49 -16.60 10.04 10.86
C ALA A 49 -16.72 9.54 12.30
N GLY A 50 -17.40 8.41 12.47
CA GLY A 50 -17.43 7.73 13.76
C GLY A 50 -16.36 6.64 13.81
N GLY A 51 -16.63 5.55 14.49
CA GLY A 51 -15.77 4.40 14.38
C GLY A 51 -15.68 3.97 12.93
N ALA A 52 -16.80 3.55 12.37
CA ALA A 52 -16.82 2.97 11.03
C ALA A 52 -16.16 3.90 10.01
N GLY A 53 -16.60 5.15 9.99
CA GLY A 53 -16.09 6.11 9.02
C GLY A 53 -14.58 6.28 9.07
N LEU A 54 -14.04 6.49 10.27
CA LEU A 54 -12.62 6.77 10.41
C LEU A 54 -11.76 5.51 10.24
N ARG A 55 -12.26 4.36 10.68
CA ARG A 55 -11.50 3.15 10.49
C ARG A 55 -11.34 2.87 9.01
N ALA A 56 -12.42 3.07 8.25
CA ALA A 56 -12.39 2.92 6.80
C ALA A 56 -11.46 3.91 6.08
N ALA A 57 -11.40 5.16 6.56
CA ALA A 57 -10.51 6.15 5.96
C ALA A 57 -9.06 5.73 6.12
N MET A 58 -8.70 5.28 7.33
CA MET A 58 -7.35 4.80 7.63
C MET A 58 -6.92 3.68 6.69
N GLY A 59 -7.79 2.70 6.49
CA GLY A 59 -7.52 1.58 5.63
C GLY A 59 -7.29 2.01 4.20
N LEU A 60 -8.18 2.85 3.70
CA LEU A 60 -8.12 3.33 2.31
C LEU A 60 -6.91 4.23 2.05
N GLY A 61 -6.59 5.09 3.01
CA GLY A 61 -5.42 5.97 2.90
C GLY A 61 -4.10 5.23 3.05
N GLU A 62 -4.07 4.16 3.85
CA GLU A 62 -2.92 3.28 3.90
C GLU A 62 -2.78 2.59 2.56
N ALA A 63 -3.90 2.20 1.96
CA ALA A 63 -3.90 1.50 0.67
C ALA A 63 -3.71 2.43 -0.53
N GLY A 64 -3.43 3.71 -0.28
CA GLY A 64 -3.02 4.62 -1.33
C GLY A 64 -4.10 5.54 -1.87
N PHE A 65 -5.36 5.22 -1.60
CA PHE A 65 -6.51 5.91 -2.21
C PHE A 65 -6.74 7.35 -1.74
N LYS A 66 -6.98 8.24 -2.70
CA LYS A 66 -7.41 9.60 -2.42
C LYS A 66 -8.82 9.58 -1.82
N THR A 67 -8.88 9.67 -0.50
CA THR A 67 -10.11 9.48 0.25
C THR A 67 -10.65 10.81 0.75
N ALA A 68 -11.97 10.95 0.74
CA ALA A 68 -12.63 12.14 1.26
C ALA A 68 -13.63 11.72 2.31
N VAL A 69 -13.57 12.36 3.47
CA VAL A 69 -14.49 12.09 4.58
C VAL A 69 -15.46 13.27 4.74
N VAL A 70 -16.73 13.01 4.44
CA VAL A 70 -17.76 14.01 4.58
C VAL A 70 -18.49 13.75 5.89
N THR A 71 -18.50 14.72 6.78
CA THR A 71 -19.15 14.58 8.08
C THR A 71 -19.82 15.89 8.44
N LYS A 72 -21.05 15.82 8.95
CA LYS A 72 -21.81 17.02 9.28
C LYS A 72 -21.38 17.67 10.58
N MET A 73 -20.48 17.05 11.33
CA MET A 73 -19.91 17.61 12.58
C MET A 73 -18.47 17.16 12.76
N PHE A 74 -17.66 17.92 13.52
CA PHE A 74 -16.27 17.50 13.79
C PHE A 74 -16.24 16.06 14.32
N PRO A 75 -15.41 15.18 13.72
CA PRO A 75 -15.48 13.73 13.98
C PRO A 75 -15.51 13.29 15.45
N THR A 76 -14.70 13.92 16.28
CA THR A 76 -14.72 13.74 17.73
C THR A 76 -16.11 13.95 18.39
N ARG A 77 -16.95 14.78 17.78
CA ARG A 77 -18.33 14.99 18.27
C ARG A 77 -19.26 13.86 17.88
N SER A 78 -18.80 12.96 16.99
CA SER A 78 -19.61 11.81 16.60
C SER A 78 -20.08 11.01 17.80
N HIS A 79 -21.11 10.20 17.61
CA HIS A 79 -21.68 9.51 18.75
C HIS A 79 -20.83 8.40 19.34
N THR A 80 -20.03 7.75 18.51
CA THR A 80 -19.06 6.79 19.01
C THR A 80 -18.46 7.31 20.32
N THR A 81 -18.19 8.61 20.38
CA THR A 81 -17.51 9.22 21.53
C THR A 81 -18.32 9.12 22.83
N ALA A 82 -19.62 8.90 22.69
CA ALA A 82 -20.50 8.72 23.85
C ALA A 82 -20.49 7.30 24.38
N ALA A 83 -19.89 6.37 23.64
CA ALA A 83 -19.90 4.98 24.04
C ALA A 83 -19.02 4.75 25.26
N GLN A 84 -19.42 3.79 26.08
CA GLN A 84 -18.97 3.69 27.48
C GLN A 84 -18.44 2.32 27.87
N GLY A 85 -19.27 1.30 27.69
CA GLY A 85 -19.06 -0.02 28.28
C GLY A 85 -17.85 -0.77 27.80
N GLY A 86 -17.66 -0.84 26.49
CA GLY A 86 -16.51 -1.55 25.97
C GLY A 86 -16.65 -2.06 24.55
N ILE A 87 -15.73 -2.95 24.20
CA ILE A 87 -15.66 -3.56 22.88
C ILE A 87 -15.24 -5.02 23.06
N ASN A 88 -16.06 -5.92 22.52
CA ASN A 88 -15.86 -7.34 22.71
C ASN A 88 -14.74 -7.91 21.84
N ALA A 89 -13.92 -8.75 22.46
CA ALA A 89 -12.94 -9.56 21.73
C ALA A 89 -12.46 -10.64 22.68
N ALA A 90 -12.35 -11.87 22.19
CA ALA A 90 -11.84 -12.98 23.00
C ALA A 90 -10.31 -12.91 23.16
N LEU A 91 -9.85 -11.91 23.90
CA LEU A 91 -8.42 -11.76 24.21
C LEU A 91 -8.01 -12.73 25.31
N GLY A 92 -8.99 -13.14 26.13
CA GLY A 92 -8.73 -14.01 27.27
C GLY A 92 -7.72 -13.46 28.26
N SER A 93 -7.78 -12.16 28.52
CA SER A 93 -6.92 -11.51 29.49
C SER A 93 -7.30 -11.95 30.90
N MET A 94 -8.58 -12.24 31.11
CA MET A 94 -9.09 -12.53 32.44
C MET A 94 -9.22 -14.02 32.73
N ASN A 95 -9.31 -14.81 31.65
CA ASN A 95 -9.54 -16.25 31.73
C ASN A 95 -9.47 -16.75 30.30
N PRO A 96 -9.33 -18.07 30.10
CA PRO A 96 -9.32 -18.56 28.71
C PRO A 96 -10.60 -18.20 27.97
N ASP A 97 -10.50 -17.94 26.67
CA ASP A 97 -11.67 -17.58 25.85
C ASP A 97 -11.51 -18.07 24.42
N ASP A 98 -12.58 -18.02 23.65
CA ASP A 98 -12.56 -18.54 22.29
C ASP A 98 -13.53 -17.72 21.44
N TRP A 99 -13.06 -17.18 20.33
CA TRP A 99 -13.93 -16.35 19.48
C TRP A 99 -15.21 -17.08 19.03
N LYS A 100 -15.19 -18.41 19.01
CA LYS A 100 -16.39 -19.17 18.66
C LYS A 100 -17.46 -19.05 19.75
N TRP A 101 -17.02 -18.95 21.01
CA TRP A 101 -17.93 -18.76 22.14
C TRP A 101 -18.62 -17.40 22.04
N HIS A 102 -17.87 -16.42 21.54
CA HIS A 102 -18.34 -15.07 21.23
C HIS A 102 -19.31 -15.10 20.07
N PHE A 103 -18.98 -15.91 19.08
CA PHE A 103 -19.83 -16.10 17.92
C PHE A 103 -21.17 -16.68 18.33
N TYR A 104 -21.15 -17.69 19.20
CA TYR A 104 -22.38 -18.30 19.69
C TYR A 104 -23.29 -17.22 20.25
N ASP A 105 -22.77 -16.48 21.22
CA ASP A 105 -23.52 -15.46 21.93
C ASP A 105 -24.01 -14.38 20.99
N THR A 106 -23.23 -14.10 19.96
CA THR A 106 -23.63 -13.10 18.97
C THR A 106 -24.85 -13.60 18.22
N VAL A 107 -24.84 -14.87 17.83
CA VAL A 107 -25.95 -15.46 17.07
C VAL A 107 -27.18 -15.60 17.97
N LYS A 108 -27.00 -16.17 19.16
CA LYS A 108 -28.11 -16.36 20.09
C LYS A 108 -28.69 -15.01 20.44
N GLY A 109 -27.82 -14.02 20.59
CA GLY A 109 -28.25 -12.66 20.88
C GLY A 109 -29.19 -12.14 19.81
N SER A 110 -28.93 -12.52 18.57
CA SER A 110 -29.71 -12.04 17.44
C SER A 110 -31.08 -12.69 17.34
N ASP A 111 -31.33 -13.70 18.16
CA ASP A 111 -32.59 -14.45 18.13
C ASP A 111 -32.80 -15.05 16.72
N TRP A 112 -31.68 -15.46 16.11
CA TRP A 112 -31.63 -16.09 14.79
C TRP A 112 -32.29 -15.29 13.68
N LEU A 113 -32.12 -13.98 13.76
CA LEU A 113 -32.44 -13.10 12.66
C LEU A 113 -31.13 -12.65 11.99
N GLY A 114 -30.00 -12.90 12.65
CA GLY A 114 -28.72 -12.43 12.16
C GLY A 114 -28.18 -13.29 11.04
N ASP A 115 -27.54 -12.64 10.07
CA ASP A 115 -26.85 -13.36 9.01
C ASP A 115 -25.54 -13.92 9.58
N GLN A 116 -25.44 -15.24 9.63
CA GLN A 116 -24.36 -15.90 10.36
C GLN A 116 -23.00 -15.79 9.66
N ASN A 117 -22.99 -15.67 8.34
CA ASN A 117 -21.75 -15.34 7.64
C ASN A 117 -21.11 -14.03 8.11
N ALA A 118 -21.94 -13.05 8.49
CA ALA A 118 -21.45 -11.73 8.86
C ALA A 118 -21.07 -11.74 10.33
N MET A 119 -21.85 -12.44 11.15
CA MET A 119 -21.54 -12.62 12.55
C MET A 119 -20.29 -13.47 12.74
N HIS A 120 -20.03 -14.35 11.77
CA HIS A 120 -18.77 -15.10 11.70
C HIS A 120 -17.64 -14.10 11.53
N TYR A 121 -17.69 -13.33 10.44
CA TYR A 121 -16.65 -12.36 10.13
C TYR A 121 -16.36 -11.42 11.29
N LEU A 122 -17.43 -10.94 11.92
CA LEU A 122 -17.33 -10.04 13.06
C LEU A 122 -16.45 -10.61 14.16
N THR A 123 -16.83 -11.77 14.68
CA THR A 123 -16.17 -12.38 15.83
C THR A 123 -14.82 -12.98 15.49
N ARG A 124 -14.71 -13.61 14.32
CA ARG A 124 -13.43 -14.16 13.85
C ARG A 124 -12.35 -13.10 13.85
N ASN A 125 -12.72 -11.87 13.54
CA ASN A 125 -11.76 -10.76 13.44
C ASN A 125 -11.61 -9.88 14.70
N ALA A 126 -12.38 -10.18 15.75
CA ALA A 126 -12.48 -9.28 16.90
C ALA A 126 -11.14 -9.07 17.63
N VAL A 127 -10.45 -10.16 17.92
CA VAL A 127 -9.13 -10.13 18.57
C VAL A 127 -8.17 -9.23 17.80
N GLU A 128 -8.11 -9.42 16.49
CA GLU A 128 -7.21 -8.65 15.64
C GLU A 128 -7.55 -7.16 15.72
N ALA A 129 -8.82 -6.85 15.46
CA ALA A 129 -9.30 -5.46 15.41
C ALA A 129 -9.02 -4.70 16.71
N VAL A 130 -9.40 -5.28 17.84
CA VAL A 130 -9.21 -4.63 19.13
C VAL A 130 -7.72 -4.52 19.48
N THR A 131 -6.93 -5.48 19.02
CA THR A 131 -5.49 -5.44 19.24
C THR A 131 -4.91 -4.28 18.45
N GLU A 132 -5.36 -4.13 17.20
CA GLU A 132 -4.94 -2.99 16.36
C GLU A 132 -5.24 -1.70 17.10
N LEU A 133 -6.48 -1.54 17.55
CA LEU A 133 -6.89 -0.35 18.30
C LEU A 133 -5.88 -0.02 19.38
N GLU A 134 -5.43 -1.04 20.11
CA GLU A 134 -4.40 -0.88 21.14
C GLU A 134 -3.09 -0.37 20.52
N ASN A 135 -2.67 -1.03 19.45
CA ASN A 135 -1.43 -0.67 18.77
C ASN A 135 -1.48 0.75 18.23
N PHE A 136 -2.68 1.22 17.92
CA PHE A 136 -2.87 2.60 17.48
C PHE A 136 -2.68 3.62 18.62
N GLY A 137 -2.59 3.14 19.87
CA GLY A 137 -2.37 4.00 21.02
C GLY A 137 -3.55 4.13 21.97
N MET A 138 -4.62 3.37 21.72
CA MET A 138 -5.83 3.43 22.55
C MET A 138 -5.45 2.94 23.93
N PRO A 139 -5.65 3.79 24.96
CA PRO A 139 -5.16 3.54 26.32
C PRO A 139 -6.04 2.60 27.18
N PHE A 140 -6.20 1.35 26.73
CA PHE A 140 -7.01 0.38 27.45
C PHE A 140 -6.56 0.25 28.90
N SER A 141 -7.54 0.16 29.80
CA SER A 141 -7.30 -0.17 31.20
C SER A 141 -6.55 -1.49 31.27
N ARG A 142 -5.73 -1.69 32.31
CA ARG A 142 -4.80 -2.84 32.31
C ARG A 142 -4.99 -3.85 33.44
N THR A 143 -4.72 -5.12 33.11
CA THR A 143 -4.64 -6.19 34.10
C THR A 143 -3.25 -6.17 34.72
N PRO A 144 -3.09 -6.77 35.92
CA PRO A 144 -1.78 -6.76 36.56
C PRO A 144 -0.68 -7.37 35.70
N GLU A 145 -1.03 -8.38 34.90
CA GLU A 145 -0.10 -8.98 33.96
C GLU A 145 0.42 -7.98 32.91
N GLY A 146 -0.30 -6.87 32.71
CA GLY A 146 0.02 -5.84 31.70
C GLY A 146 -0.81 -5.90 30.42
N LYS A 147 -1.79 -6.80 30.38
CA LYS A 147 -2.67 -7.00 29.22
C LYS A 147 -3.93 -6.12 29.32
N ILE A 148 -4.81 -6.20 28.32
CA ILE A 148 -6.03 -5.40 28.29
C ILE A 148 -7.05 -5.93 29.29
N TYR A 149 -7.56 -5.03 30.13
CA TYR A 149 -8.62 -5.36 31.08
C TYR A 149 -9.93 -5.64 30.36
N GLN A 150 -10.60 -6.70 30.77
CA GLN A 150 -11.91 -7.03 30.25
C GLN A 150 -12.92 -7.12 31.41
N ARG A 151 -14.16 -6.74 31.13
CA ARG A 151 -15.22 -6.88 32.10
C ARG A 151 -16.30 -7.78 31.53
N SER A 152 -17.23 -8.16 32.39
CA SER A 152 -18.42 -8.89 31.97
C SER A 152 -19.44 -7.88 31.47
N PHE A 153 -20.41 -8.38 30.71
CA PHE A 153 -21.38 -7.54 30.06
C PHE A 153 -22.61 -8.40 29.81
N GLY A 154 -23.66 -7.80 29.26
CA GLY A 154 -24.93 -8.48 29.08
C GLY A 154 -24.98 -9.42 27.89
N GLY A 155 -25.35 -10.68 28.16
CA GLY A 155 -25.69 -11.65 27.13
C GLY A 155 -24.57 -12.53 26.58
N GLN A 156 -23.48 -12.66 27.35
CA GLN A 156 -22.29 -13.40 26.93
C GLN A 156 -21.86 -14.48 27.94
N SER A 157 -21.31 -15.57 27.41
CA SER A 157 -21.02 -16.76 28.17
C SER A 157 -19.90 -17.54 27.57
N ASN A 158 -19.20 -18.31 28.37
CA ASN A 158 -18.20 -19.24 27.91
C ASN A 158 -18.81 -20.52 27.34
N ASN A 159 -18.09 -21.23 26.51
CA ASN A 159 -18.55 -22.54 26.11
C ASN A 159 -19.95 -22.63 25.57
N TYR A 160 -20.21 -21.91 24.49
CA TYR A 160 -21.32 -22.22 23.66
C TYR A 160 -22.51 -22.26 24.55
N GLY A 161 -22.56 -21.31 25.44
CA GLY A 161 -23.73 -21.12 26.31
C GLY A 161 -23.87 -22.11 27.46
N LYS A 162 -22.84 -22.90 27.73
CA LYS A 162 -22.91 -23.90 28.79
C LYS A 162 -22.06 -23.53 30.01
N GLY A 163 -20.91 -22.89 29.78
CA GLY A 163 -20.02 -22.46 30.87
C GLY A 163 -20.55 -21.24 31.60
N GLY A 164 -19.65 -20.52 32.27
CA GLY A 164 -20.06 -19.40 33.14
C GLY A 164 -20.40 -18.10 32.43
N VAL A 165 -20.09 -16.98 33.08
CA VAL A 165 -20.27 -15.64 32.50
C VAL A 165 -18.96 -15.20 31.86
N ALA A 166 -19.03 -14.67 30.64
CA ALA A 166 -17.82 -14.30 29.90
C ALA A 166 -17.26 -12.98 30.36
N LYS A 167 -15.99 -12.74 30.02
CA LYS A 167 -15.34 -11.45 30.20
C LYS A 167 -14.54 -11.10 28.95
N ARG A 168 -15.28 -10.66 27.93
CA ARG A 168 -14.71 -10.27 26.63
C ARG A 168 -14.66 -8.78 26.45
N THR A 169 -15.32 -8.04 27.34
CA THR A 169 -15.62 -6.66 27.07
C THR A 169 -14.45 -5.77 27.47
N CYS A 170 -13.60 -5.49 26.48
CA CYS A 170 -12.41 -4.66 26.64
C CYS A 170 -12.82 -3.20 26.80
N CYS A 171 -12.10 -2.44 27.61
CA CYS A 171 -12.53 -1.08 27.87
C CYS A 171 -11.45 -0.14 28.38
N VAL A 172 -11.67 1.15 28.09
CA VAL A 172 -10.96 2.26 28.74
C VAL A 172 -11.91 2.76 29.82
N ALA A 173 -12.00 1.96 30.86
CA ALA A 173 -12.89 2.19 31.99
C ALA A 173 -14.37 2.36 31.58
N ASP A 174 -14.83 3.59 31.58
CA ASP A 174 -16.23 3.91 31.45
C ASP A 174 -16.49 4.71 30.17
N ARG A 175 -15.41 4.91 29.38
CA ARG A 175 -15.38 5.85 28.26
C ARG A 175 -14.72 5.20 27.07
N THR A 176 -15.05 3.94 26.80
CA THR A 176 -14.36 3.19 25.77
C THR A 176 -14.54 3.80 24.39
N GLY A 177 -15.73 4.34 24.14
CA GLY A 177 -16.06 4.98 22.86
C GLY A 177 -15.36 6.31 22.64
N HIS A 178 -15.29 7.12 23.69
CA HIS A 178 -14.50 8.34 23.69
C HIS A 178 -13.05 8.05 23.33
N SER A 179 -12.43 7.14 24.07
CA SER A 179 -11.04 6.83 23.87
C SER A 179 -10.77 6.18 22.49
N MET A 180 -11.65 5.27 22.06
CA MET A 180 -11.51 4.69 20.72
C MET A 180 -11.63 5.71 19.57
N LEU A 181 -12.63 6.58 19.65
CA LEU A 181 -12.87 7.53 18.57
C LEU A 181 -11.74 8.53 18.48
N HIS A 182 -11.26 9.02 19.62
CA HIS A 182 -10.14 9.97 19.64
C HIS A 182 -8.85 9.36 19.12
N THR A 183 -8.61 8.09 19.46
CA THR A 183 -7.47 7.35 18.94
C THR A 183 -7.56 7.15 17.43
N LEU A 184 -8.73 6.68 16.97
CA LEU A 184 -8.99 6.55 15.54
C LEU A 184 -8.84 7.90 14.81
N TYR A 185 -9.43 8.95 15.35
CA TYR A 185 -9.33 10.24 14.71
C TYR A 185 -7.87 10.65 14.60
N GLY A 186 -7.16 10.55 15.71
CA GLY A 186 -5.74 10.93 15.73
C GLY A 186 -4.95 10.20 14.66
N ASN A 187 -5.19 8.89 14.55
CA ASN A 187 -4.53 8.09 13.53
C ASN A 187 -4.96 8.39 12.11
N SER A 188 -6.15 8.99 11.94
CA SER A 188 -6.63 9.39 10.61
C SER A 188 -5.99 10.70 10.10
N LEU A 189 -5.19 11.37 10.93
CA LEU A 189 -4.43 12.55 10.51
C LEU A 189 -3.10 12.15 9.86
N ARG A 190 -2.93 10.84 9.66
CA ARG A 190 -1.71 10.26 9.10
C ARG A 190 -1.96 9.66 7.70
N CYS A 191 -3.17 9.13 7.44
CA CYS A 191 -3.55 8.56 6.13
C CYS A 191 -3.74 9.59 5.01
N HIS A 192 -3.32 10.83 5.23
CA HIS A 192 -3.47 11.88 4.23
C HIS A 192 -4.90 11.94 3.68
N CYS A 193 -5.85 11.59 4.53
CA CYS A 193 -7.27 11.63 4.19
C CYS A 193 -7.73 13.09 4.30
N THR A 194 -8.51 13.54 3.34
CA THR A 194 -8.90 14.96 3.26
C THR A 194 -10.34 15.17 3.76
N PHE A 195 -10.42 15.75 4.96
CA PHE A 195 -11.68 15.94 5.71
C PHE A 195 -12.49 17.13 5.23
N PHE A 196 -13.79 16.88 5.00
CA PHE A 196 -14.77 17.95 4.84
C PHE A 196 -15.68 17.95 6.07
N ILE A 197 -15.44 18.92 6.95
CA ILE A 197 -16.03 18.96 8.28
C ILE A 197 -17.16 19.97 8.33
N GLU A 198 -18.30 19.53 8.85
CA GLU A 198 -19.52 20.31 8.88
C GLU A 198 -20.00 20.51 7.46
N TYR A 199 -20.11 19.37 6.76
CA TYR A 199 -20.76 19.28 5.47
C TYR A 199 -21.97 18.38 5.66
N PHE A 200 -23.15 18.90 5.36
CA PHE A 200 -24.39 18.13 5.47
C PHE A 200 -24.66 17.39 4.17
N ALA A 201 -24.49 16.06 4.20
CA ALA A 201 -24.81 15.20 3.05
C ALA A 201 -26.29 15.24 2.70
N LEU A 202 -26.59 15.62 1.46
CA LEU A 202 -27.96 15.77 1.01
C LEU A 202 -28.47 14.47 0.36
N ASP A 203 -27.73 13.97 -0.62
CA ASP A 203 -28.10 12.73 -1.31
C ASP A 203 -26.91 12.00 -1.89
N LEU A 204 -27.15 10.73 -2.24
CA LEU A 204 -26.22 9.97 -3.06
C LEU A 204 -26.38 10.42 -4.51
N LEU A 205 -25.25 10.53 -5.21
CA LEU A 205 -25.26 10.77 -6.65
C LEU A 205 -25.31 9.43 -7.41
N MET A 206 -26.46 9.17 -8.03
CA MET A 206 -26.74 7.91 -8.73
C MET A 206 -26.79 8.11 -10.25
N ASP A 207 -26.25 7.15 -10.97
CA ASP A 207 -26.31 7.13 -12.42
C ASP A 207 -26.64 5.72 -12.91
N LYS A 208 -27.93 5.50 -13.19
CA LYS A 208 -28.41 4.23 -13.68
C LYS A 208 -28.04 3.13 -12.70
N GLY A 209 -28.49 3.27 -11.46
CA GLY A 209 -28.30 2.23 -10.43
C GLY A 209 -26.89 2.03 -9.88
N ARG A 210 -26.03 3.01 -10.11
CA ARG A 210 -24.64 2.98 -9.63
C ARG A 210 -24.41 4.26 -8.81
N CYS A 211 -23.53 4.21 -7.81
CA CYS A 211 -23.28 5.39 -6.98
C CYS A 211 -21.93 6.05 -7.28
N VAL A 212 -22.01 7.16 -8.00
CA VAL A 212 -20.83 7.86 -8.49
C VAL A 212 -20.37 8.96 -7.54
N GLY A 213 -21.09 9.18 -6.45
CA GLY A 213 -20.71 10.24 -5.54
C GLY A 213 -21.68 10.58 -4.45
N VAL A 214 -21.48 11.78 -3.88
CA VAL A 214 -22.35 12.34 -2.86
C VAL A 214 -22.50 13.83 -3.14
N ILE A 215 -23.65 14.39 -2.80
CA ILE A 215 -23.81 15.84 -2.81
C ILE A 215 -24.14 16.33 -1.40
N ALA A 216 -23.50 17.43 -1.01
CA ALA A 216 -23.59 17.91 0.35
C ALA A 216 -23.56 19.43 0.39
N LEU A 217 -23.80 19.99 1.58
CA LEU A 217 -23.81 21.43 1.76
C LEU A 217 -22.74 21.82 2.76
N CYS A 218 -21.96 22.84 2.42
CA CYS A 218 -20.94 23.34 3.31
C CYS A 218 -21.55 24.38 4.24
N LEU A 219 -21.61 24.06 5.53
CA LEU A 219 -22.22 24.97 6.51
C LEU A 219 -21.47 26.29 6.61
N GLU A 220 -20.14 26.25 6.54
CA GLU A 220 -19.33 27.43 6.79
C GLU A 220 -19.74 28.59 5.90
N ASP A 221 -19.93 28.31 4.62
CA ASP A 221 -20.13 29.36 3.62
C ASP A 221 -21.36 29.23 2.73
N GLY A 222 -22.18 28.21 2.95
CA GLY A 222 -23.37 28.01 2.13
C GLY A 222 -23.19 27.33 0.78
N THR A 223 -21.95 27.04 0.38
CA THR A 223 -21.69 26.42 -0.92
C THR A 223 -22.13 24.96 -0.99
N ILE A 224 -22.52 24.52 -2.19
CA ILE A 224 -22.97 23.15 -2.46
C ILE A 224 -21.85 22.37 -3.12
N HIS A 225 -21.66 21.13 -2.67
CA HIS A 225 -20.49 20.34 -3.04
C HIS A 225 -20.88 18.97 -3.60
N ARG A 226 -20.42 18.69 -4.82
CA ARG A 226 -20.64 17.39 -5.44
C ARG A 226 -19.32 16.65 -5.45
N PHE A 227 -19.34 15.45 -4.88
CA PHE A 227 -18.15 14.62 -4.83
C PHE A 227 -18.28 13.46 -5.81
N ARG A 228 -17.46 13.50 -6.86
CA ARG A 228 -17.34 12.38 -7.75
C ARG A 228 -16.46 11.37 -7.05
N SER A 229 -16.82 10.10 -7.14
CA SER A 229 -16.04 9.05 -6.50
C SER A 229 -16.34 7.68 -7.05
N LYS A 230 -15.29 6.90 -7.27
CA LYS A 230 -15.44 5.51 -7.69
C LYS A 230 -16.30 4.74 -6.71
N ARG A 231 -16.02 4.91 -5.42
CA ARG A 231 -16.80 4.25 -4.37
C ARG A 231 -17.48 5.27 -3.47
N THR A 232 -18.33 4.77 -2.57
CA THR A 232 -19.05 5.62 -1.63
C THR A 232 -19.47 4.78 -0.44
N ILE A 233 -19.04 5.16 0.75
CA ILE A 233 -19.30 4.38 1.95
C ILE A 233 -20.22 5.19 2.85
N VAL A 234 -21.42 4.65 3.09
CA VAL A 234 -22.38 5.29 3.98
C VAL A 234 -22.17 4.78 5.39
N ALA A 235 -21.71 5.67 6.28
CA ALA A 235 -21.31 5.31 7.64
C ALA A 235 -21.83 6.34 8.63
N THR A 236 -23.14 6.56 8.56
CA THR A 236 -23.78 7.74 9.15
C THR A 236 -24.37 7.58 10.56
N GLY A 237 -24.40 6.35 11.09
CA GLY A 237 -24.96 6.11 12.41
C GLY A 237 -26.47 5.96 12.45
N GLY A 238 -27.01 5.90 13.65
CA GLY A 238 -28.42 5.57 13.87
C GLY A 238 -29.42 6.71 13.75
N TYR A 239 -30.66 6.38 14.10
CA TYR A 239 -31.79 7.32 14.09
C TYR A 239 -32.57 7.28 15.41
N GLY A 240 -31.86 7.45 16.51
CA GLY A 240 -32.50 7.49 17.82
C GLY A 240 -33.46 8.63 18.06
N ARG A 241 -33.31 9.73 17.32
CA ARG A 241 -34.17 10.90 17.51
C ARG A 241 -35.53 10.79 16.82
N ALA A 242 -35.83 9.64 16.24
CA ALA A 242 -37.18 9.36 15.81
C ALA A 242 -38.13 9.31 17.02
N TYR A 243 -37.61 8.83 18.15
CA TYR A 243 -38.38 8.73 19.40
C TYR A 243 -38.28 9.97 20.24
N PHE A 244 -39.09 10.02 21.30
CA PHE A 244 -39.16 11.18 22.17
C PHE A 244 -38.04 11.16 23.20
N SER A 245 -37.70 9.98 23.71
CA SER A 245 -36.59 9.84 24.65
C SER A 245 -35.59 8.79 24.18
N CYS A 246 -34.32 9.19 24.12
CA CYS A 246 -33.24 8.32 23.65
C CYS A 246 -31.90 8.70 24.28
N THR A 247 -30.94 7.79 24.22
CA THR A 247 -29.60 8.03 24.75
C THR A 247 -28.73 8.70 23.69
N THR A 248 -29.24 8.71 22.46
CA THR A 248 -28.50 9.13 21.28
C THR A 248 -28.25 10.66 21.23
N ALA A 249 -27.51 11.12 20.23
CA ALA A 249 -27.25 12.54 20.06
C ALA A 249 -28.38 13.18 19.28
N HIS A 250 -28.41 14.51 19.28
CA HIS A 250 -29.31 15.28 18.42
C HIS A 250 -29.00 15.06 16.93
N MET A 251 -27.82 14.48 16.67
CA MET A 251 -27.34 14.26 15.32
C MET A 251 -27.66 12.85 14.80
N ASN A 252 -28.32 12.03 15.61
CA ASN A 252 -28.75 10.69 15.19
C ASN A 252 -30.13 10.77 14.52
N THR A 253 -30.13 11.24 13.29
CA THR A 253 -31.37 11.52 12.56
C THR A 253 -31.54 10.63 11.31
N GLY A 254 -30.77 9.55 11.24
CA GLY A 254 -30.88 8.56 10.17
C GLY A 254 -30.73 9.12 8.77
N ASP A 255 -29.79 10.04 8.61
CA ASP A 255 -29.58 10.67 7.32
C ASP A 255 -29.17 9.64 6.25
N GLY A 256 -28.24 8.76 6.60
CA GLY A 256 -27.73 7.77 5.66
C GLY A 256 -28.82 6.87 5.12
N THR A 257 -29.70 6.40 6.00
CA THR A 257 -30.82 5.57 5.60
C THR A 257 -31.80 6.35 4.73
N ALA A 258 -31.95 7.63 5.05
CA ALA A 258 -32.79 8.54 4.26
C ALA A 258 -32.17 8.71 2.88
N LEU A 259 -30.86 8.94 2.87
CA LEU A 259 -30.07 8.99 1.63
C LEU A 259 -30.28 7.76 0.71
N ALA A 260 -30.27 6.59 1.34
CA ALA A 260 -30.48 5.32 0.67
C ALA A 260 -31.92 5.21 0.15
N THR A 261 -32.88 5.57 0.99
CA THR A 261 -34.28 5.53 0.59
C THR A 261 -34.49 6.34 -0.67
N ARG A 262 -33.93 7.54 -0.72
CA ARG A 262 -34.03 8.40 -1.89
C ARG A 262 -33.26 7.88 -3.10
N ALA A 263 -32.19 7.14 -2.86
CA ALA A 263 -31.47 6.46 -3.93
C ALA A 263 -32.28 5.30 -4.51
N GLY A 264 -33.43 4.99 -3.91
CA GLY A 264 -34.27 3.89 -4.34
C GLY A 264 -33.82 2.57 -3.77
N ILE A 265 -33.29 2.57 -2.55
CA ILE A 265 -32.79 1.36 -1.89
C ILE A 265 -33.66 1.02 -0.69
N ALA A 266 -34.17 -0.20 -0.65
CA ALA A 266 -34.98 -0.67 0.47
C ALA A 266 -34.10 -0.90 1.68
N LEU A 267 -34.62 -0.51 2.86
CA LEU A 267 -33.95 -0.67 4.15
C LEU A 267 -34.40 -1.95 4.83
N GLU A 268 -33.59 -2.42 5.76
CA GLU A 268 -33.76 -3.75 6.36
C GLU A 268 -34.02 -3.68 7.87
N ASP A 269 -34.97 -4.48 8.34
CA ASP A 269 -35.14 -4.70 9.78
C ASP A 269 -35.33 -3.44 10.65
N LEU A 270 -35.94 -2.40 10.08
CA LEU A 270 -36.05 -1.12 10.79
C LEU A 270 -36.88 -1.19 12.06
N GLU A 271 -37.74 -2.21 12.15
CA GLU A 271 -38.59 -2.39 13.33
C GLU A 271 -37.83 -2.86 14.58
N PHE A 272 -36.58 -3.27 14.39
CA PHE A 272 -35.79 -3.76 15.51
C PHE A 272 -35.00 -2.64 16.25
N ILE A 273 -35.71 -1.99 17.18
CA ILE A 273 -35.16 -0.86 17.94
C ILE A 273 -34.76 -1.32 19.32
N GLN A 274 -33.47 -1.17 19.63
CA GLN A 274 -32.93 -1.55 20.92
C GLN A 274 -33.28 -0.54 21.97
N PHE A 275 -34.06 -0.98 22.95
CA PHE A 275 -34.25 -0.22 24.17
C PHE A 275 -33.20 -0.70 25.16
N HIS A 276 -32.32 0.20 25.57
CA HIS A 276 -31.28 -0.09 26.54
C HIS A 276 -31.92 0.01 27.92
N PRO A 277 -31.69 -0.97 28.80
CA PRO A 277 -32.40 -1.04 30.07
C PRO A 277 -32.16 0.15 31.02
N THR A 278 -30.92 0.63 31.12
CA THR A 278 -30.59 1.71 32.03
C THR A 278 -30.20 3.02 31.33
N GLY A 279 -31.20 3.84 31.08
CA GLY A 279 -31.00 5.25 30.74
C GLY A 279 -31.60 6.10 31.87
N ILE A 280 -30.87 7.14 32.30
CA ILE A 280 -31.30 7.93 33.45
C ILE A 280 -32.75 8.39 33.26
N TYR A 281 -33.54 8.21 34.32
CA TYR A 281 -34.98 8.38 34.28
C TYR A 281 -35.48 9.65 33.60
N GLY A 282 -35.08 10.80 34.14
CA GLY A 282 -35.65 12.07 33.69
C GLY A 282 -35.15 12.55 32.34
N VAL A 283 -33.90 12.28 32.05
CA VAL A 283 -33.16 13.02 31.03
C VAL A 283 -32.62 12.17 29.87
N GLY A 284 -32.55 10.86 30.05
CA GLY A 284 -32.22 9.94 28.96
C GLY A 284 -30.76 9.57 28.82
N CYS A 285 -29.87 10.25 29.54
CA CYS A 285 -28.45 9.91 29.56
C CYS A 285 -28.20 8.46 29.91
N LEU A 286 -27.28 7.82 29.20
CA LEU A 286 -26.98 6.41 29.42
C LEU A 286 -26.16 6.16 30.69
N ILE A 287 -26.52 5.07 31.38
CA ILE A 287 -25.68 4.47 32.41
C ILE A 287 -25.29 3.10 31.89
N THR A 288 -24.00 2.89 31.63
CA THR A 288 -23.53 1.70 30.92
C THR A 288 -23.93 0.37 31.55
N GLU A 289 -24.23 -0.60 30.69
CA GLU A 289 -24.46 -2.00 31.07
C GLU A 289 -23.25 -2.58 31.82
N GLY A 290 -22.09 -1.96 31.63
CA GLY A 290 -20.88 -2.33 32.36
C GLY A 290 -20.98 -2.10 33.85
N SER A 291 -21.89 -1.23 34.28
CA SER A 291 -22.15 -1.02 35.71
C SER A 291 -22.82 -2.26 36.32
N ARG A 292 -23.66 -2.95 35.55
CA ARG A 292 -24.18 -4.25 35.97
C ARG A 292 -23.07 -5.30 35.94
N GLY A 293 -22.35 -5.37 34.83
CA GLY A 293 -21.27 -6.33 34.66
C GLY A 293 -20.08 -6.18 35.60
N GLU A 294 -20.07 -5.10 36.38
CA GLU A 294 -19.08 -4.95 37.46
C GLU A 294 -19.67 -5.34 38.81
N GLY A 295 -20.96 -5.73 38.84
CA GLY A 295 -21.61 -6.17 40.09
C GLY A 295 -22.91 -5.48 40.45
N GLY A 296 -23.23 -4.38 39.78
CA GLY A 296 -24.48 -3.66 40.01
C GLY A 296 -25.70 -4.46 39.59
N PHE A 297 -26.86 -4.11 40.13
CA PHE A 297 -28.11 -4.79 39.78
C PHE A 297 -29.34 -3.90 39.88
N LEU A 298 -30.39 -4.31 39.19
CA LEU A 298 -31.68 -3.64 39.20
C LEU A 298 -32.50 -4.07 40.43
N VAL A 299 -33.22 -3.09 40.99
CA VAL A 299 -34.09 -3.29 42.15
C VAL A 299 -35.44 -2.61 41.93
N ASN A 300 -36.53 -3.33 42.20
CA ASN A 300 -37.89 -2.75 42.11
C ASN A 300 -38.29 -2.07 43.42
N SER A 301 -39.50 -1.52 43.48
CA SER A 301 -39.98 -0.82 44.69
C SER A 301 -40.21 -1.70 45.93
N GLU A 302 -40.17 -3.02 45.78
CA GLU A 302 -40.24 -3.94 46.91
C GLU A 302 -38.84 -4.20 47.49
N GLY A 303 -37.83 -3.53 46.95
CA GLY A 303 -36.45 -3.76 47.35
C GLY A 303 -35.96 -5.13 46.91
N GLU A 304 -36.56 -5.66 45.86
CA GLU A 304 -36.22 -7.00 45.36
C GLU A 304 -35.35 -6.92 44.11
N ARG A 305 -34.30 -7.73 44.08
CA ARG A 305 -33.50 -7.91 42.86
C ARG A 305 -34.31 -8.74 41.86
N PHE A 306 -35.24 -8.08 41.16
CA PHE A 306 -36.25 -8.79 40.37
C PHE A 306 -35.71 -9.52 39.15
N MET A 307 -34.50 -9.21 38.72
CA MET A 307 -33.95 -9.90 37.54
C MET A 307 -33.67 -11.37 37.81
N GLU A 308 -33.59 -11.76 39.08
CA GLU A 308 -33.49 -13.17 39.43
C GLU A 308 -34.75 -13.99 39.08
N ARG A 309 -35.89 -13.32 38.91
CA ARG A 309 -37.10 -13.96 38.40
C ARG A 309 -37.11 -14.02 36.88
N TYR A 310 -37.01 -12.85 36.24
CA TYR A 310 -37.15 -12.78 34.78
C TYR A 310 -36.04 -13.55 34.03
N ALA A 311 -34.94 -13.85 34.70
CA ALA A 311 -33.83 -14.57 34.10
C ALA A 311 -32.93 -15.16 35.20
N PRO A 312 -33.24 -16.38 35.65
CA PRO A 312 -32.54 -16.99 36.78
C PRO A 312 -31.03 -17.24 36.59
N LYS A 313 -30.66 -17.62 35.39
CA LYS A 313 -29.28 -17.87 35.07
C LYS A 313 -28.41 -16.65 35.04
N ALA A 314 -28.88 -15.61 34.39
CA ALA A 314 -28.02 -14.48 34.10
C ALA A 314 -28.47 -13.26 34.82
N LYS A 315 -29.63 -13.31 35.41
CA LYS A 315 -29.96 -12.28 36.32
C LYS A 315 -29.77 -10.98 35.60
N ASP A 316 -29.03 -10.07 36.18
CA ASP A 316 -28.98 -8.72 35.66
C ASP A 316 -28.25 -8.60 34.34
N LEU A 317 -27.53 -9.63 33.95
CA LEU A 317 -26.73 -9.61 32.73
C LEU A 317 -27.39 -10.32 31.58
N ALA A 318 -28.69 -10.43 31.62
CA ALA A 318 -29.41 -11.08 30.56
C ALA A 318 -29.35 -10.17 29.36
N SER A 319 -29.78 -10.63 28.21
CA SER A 319 -29.67 -9.81 27.01
C SER A 319 -30.43 -8.49 27.20
N ARG A 320 -30.19 -7.55 26.28
CA ARG A 320 -30.67 -6.20 26.45
C ARG A 320 -32.20 -6.14 26.38
N ASP A 321 -32.78 -6.86 25.43
CA ASP A 321 -34.23 -6.83 25.19
C ASP A 321 -35.03 -7.50 26.32
N VAL A 322 -34.45 -8.53 26.94
CA VAL A 322 -35.10 -9.29 28.01
C VAL A 322 -35.14 -8.46 29.30
N VAL A 323 -34.06 -7.74 29.59
CA VAL A 323 -34.00 -6.90 30.78
C VAL A 323 -34.95 -5.71 30.64
N SER A 324 -34.92 -5.06 29.50
CA SER A 324 -35.81 -3.91 29.26
C SER A 324 -37.28 -4.30 29.39
N ARG A 325 -37.64 -5.50 28.91
CA ARG A 325 -38.99 -6.03 29.10
C ARG A 325 -39.28 -6.34 30.57
N ALA A 326 -38.28 -6.87 31.27
CA ALA A 326 -38.43 -7.14 32.70
C ALA A 326 -38.77 -5.85 33.47
N GLU A 327 -37.98 -4.80 33.27
CA GLU A 327 -38.26 -3.51 33.92
C GLU A 327 -39.65 -3.03 33.57
N THR A 328 -39.99 -3.10 32.27
CA THR A 328 -41.23 -2.56 31.76
C THR A 328 -42.46 -3.22 32.39
N ILE A 329 -42.36 -4.51 32.69
CA ILE A 329 -43.45 -5.21 33.36
C ILE A 329 -43.56 -4.75 34.81
N GLU A 330 -42.45 -4.80 35.53
CA GLU A 330 -42.39 -4.32 36.92
C GLU A 330 -43.06 -2.95 37.11
N ILE A 331 -42.87 -2.06 36.15
CA ILE A 331 -43.56 -0.77 36.13
C ILE A 331 -45.07 -0.99 36.00
N MET A 332 -45.44 -1.80 35.01
CA MET A 332 -46.85 -2.00 34.64
C MET A 332 -47.66 -2.76 35.68
N GLU A 333 -46.99 -3.60 36.46
CA GLU A 333 -47.62 -4.32 37.58
C GLU A 333 -47.39 -3.61 38.92
N GLY A 334 -47.23 -2.28 38.89
CA GLY A 334 -47.21 -1.46 40.09
C GLY A 334 -45.97 -1.46 40.97
N ARG A 335 -44.91 -2.13 40.52
CA ARG A 335 -43.71 -2.28 41.36
C ARG A 335 -42.64 -1.22 41.04
N GLY A 336 -43.03 -0.24 40.22
CA GLY A 336 -42.14 0.86 39.83
C GLY A 336 -41.75 1.79 40.97
N VAL A 337 -40.67 2.54 40.76
CA VAL A 337 -40.00 3.27 41.83
C VAL A 337 -40.08 4.78 41.57
N GLY A 338 -39.80 5.59 42.59
CA GLY A 338 -39.90 7.05 42.48
C GLY A 338 -41.32 7.54 42.64
N PRO A 339 -41.51 8.88 42.83
CA PRO A 339 -42.82 9.49 43.12
C PRO A 339 -43.98 8.89 42.33
N GLU A 340 -43.83 8.78 41.02
CA GLU A 340 -44.90 8.29 40.15
C GLU A 340 -44.84 6.79 39.91
N LYS A 341 -43.90 6.09 40.55
CA LYS A 341 -43.74 4.64 40.36
C LYS A 341 -43.66 4.27 38.87
N ASP A 342 -42.77 4.96 38.13
CA ASP A 342 -42.68 4.83 36.66
C ASP A 342 -41.27 4.48 36.12
N HIS A 343 -40.31 4.31 37.02
CA HIS A 343 -38.98 3.85 36.64
C HIS A 343 -38.48 2.89 37.71
N ILE A 344 -37.28 2.33 37.55
CA ILE A 344 -36.67 1.49 38.60
C ILE A 344 -35.26 1.96 38.97
N TYR A 345 -34.70 1.37 40.02
CA TYR A 345 -33.37 1.76 40.53
C TYR A 345 -32.30 0.84 39.99
N LEU A 346 -31.14 1.40 39.67
CA LEU A 346 -29.94 0.63 39.39
C LEU A 346 -29.00 0.82 40.56
N GLN A 347 -28.82 -0.23 41.36
CA GLN A 347 -28.03 -0.11 42.58
C GLN A 347 -26.55 -0.44 42.35
N LEU A 348 -25.67 0.50 42.73
CA LEU A 348 -24.24 0.30 42.65
C LEU A 348 -23.51 0.46 44.00
N HIS A 349 -24.18 1.08 44.98
CA HIS A 349 -23.53 1.51 46.23
C HIS A 349 -22.96 0.38 47.09
N HIS A 350 -23.42 -0.83 46.85
CA HIS A 350 -22.86 -2.00 47.54
C HIS A 350 -21.42 -2.32 47.09
N LEU A 351 -21.05 -1.97 45.88
CA LEU A 351 -19.66 -2.12 45.42
C LEU A 351 -18.71 -1.14 46.16
N PRO A 352 -17.42 -1.50 46.27
CA PRO A 352 -16.45 -0.61 46.91
C PRO A 352 -16.24 0.68 46.12
N ALA A 353 -16.01 1.80 46.82
CA ALA A 353 -15.80 3.09 46.18
C ALA A 353 -14.54 3.11 45.32
N GLU A 354 -13.59 2.21 45.57
CA GLU A 354 -12.39 2.12 44.77
C GLU A 354 -12.68 1.50 43.40
N GLN A 355 -13.61 0.54 43.37
CA GLN A 355 -14.01 -0.11 42.12
C GLN A 355 -14.82 0.86 41.25
N LEU A 356 -15.75 1.57 41.88
CA LEU A 356 -16.58 2.56 41.21
C LEU A 356 -15.76 3.68 40.56
N HIS A 357 -14.73 4.16 41.25
CA HIS A 357 -13.88 5.20 40.69
C HIS A 357 -12.96 4.66 39.61
N GLN A 358 -12.53 3.40 39.73
CA GLN A 358 -11.66 2.82 38.72
C GLN A 358 -12.41 2.28 37.51
N ARG A 359 -13.50 1.56 37.75
CA ARG A 359 -14.26 0.93 36.68
C ARG A 359 -15.30 1.86 36.04
N LEU A 360 -15.90 2.76 36.85
CA LEU A 360 -17.05 3.54 36.39
C LEU A 360 -16.99 5.04 36.73
N PRO A 361 -15.87 5.70 36.41
CA PRO A 361 -15.76 7.12 36.75
C PRO A 361 -16.73 8.05 35.99
N GLY A 362 -17.01 7.74 34.73
CA GLY A 362 -17.81 8.60 33.89
C GLY A 362 -19.26 8.69 34.31
N ILE A 363 -19.87 7.53 34.60
CA ILE A 363 -21.26 7.47 35.05
C ILE A 363 -21.39 7.89 36.51
N SER A 364 -20.40 7.55 37.32
CA SER A 364 -20.29 8.09 38.68
C SER A 364 -20.53 9.60 38.68
N GLU A 365 -20.03 10.28 37.63
CA GLU A 365 -20.20 11.73 37.47
C GLU A 365 -21.52 12.12 36.73
N THR A 366 -21.89 11.38 35.69
CA THR A 366 -23.13 11.68 34.95
C THR A 366 -24.37 11.56 35.84
N ALA A 367 -24.30 10.63 36.81
CA ALA A 367 -25.34 10.45 37.81
C ALA A 367 -25.46 11.63 38.77
N LYS A 368 -24.30 12.15 39.20
CA LYS A 368 -24.24 13.33 40.07
C LYS A 368 -24.82 14.58 39.40
N ILE A 369 -24.51 14.78 38.12
CA ILE A 369 -24.89 16.00 37.41
C ILE A 369 -26.38 15.99 37.07
N PHE A 370 -26.86 14.84 36.60
CA PHE A 370 -28.22 14.73 36.04
C PHE A 370 -29.27 14.18 36.99
N ALA A 371 -28.89 13.28 37.89
CA ALA A 371 -29.82 12.69 38.84
C ALA A 371 -29.57 13.17 40.27
N GLY A 372 -28.46 13.87 40.50
CA GLY A 372 -28.10 14.31 41.85
C GLY A 372 -27.83 13.16 42.80
N VAL A 373 -27.16 12.13 42.31
CA VAL A 373 -26.98 10.88 43.02
C VAL A 373 -25.52 10.54 43.25
N ASP A 374 -25.12 10.40 44.51
CA ASP A 374 -23.80 9.83 44.85
C ASP A 374 -23.90 8.32 44.71
N VAL A 375 -23.46 7.78 43.58
CA VAL A 375 -23.66 6.35 43.26
C VAL A 375 -23.10 5.38 44.30
N THR A 376 -22.17 5.86 45.13
CA THR A 376 -21.61 5.09 46.24
C THR A 376 -22.56 4.96 47.44
N LYS A 377 -23.67 5.70 47.45
CA LYS A 377 -24.64 5.65 48.55
C LYS A 377 -26.08 5.46 48.05
N GLU A 378 -26.56 6.35 47.19
CA GLU A 378 -27.91 6.21 46.61
C GLU A 378 -27.88 5.49 45.24
N PRO A 379 -28.99 4.83 44.85
CA PRO A 379 -29.08 4.19 43.54
C PRO A 379 -29.52 5.18 42.47
N ILE A 380 -29.31 4.79 41.21
CA ILE A 380 -29.61 5.66 40.08
C ILE A 380 -31.03 5.38 39.62
N PRO A 381 -31.86 6.42 39.49
CA PRO A 381 -33.17 6.20 38.87
C PRO A 381 -33.00 6.01 37.37
N VAL A 382 -33.36 4.83 36.86
CA VAL A 382 -33.22 4.51 35.43
C VAL A 382 -34.49 3.92 34.83
N ILE A 383 -34.51 3.80 33.51
CA ILE A 383 -35.67 3.27 32.79
C ILE A 383 -35.31 2.99 31.32
N PRO A 384 -35.82 1.87 30.75
CA PRO A 384 -35.48 1.53 29.39
C PRO A 384 -35.57 2.74 28.46
N THR A 385 -34.56 2.91 27.60
CA THR A 385 -34.46 4.08 26.73
C THR A 385 -33.98 3.67 25.34
N VAL A 386 -34.53 4.31 24.30
CA VAL A 386 -34.18 3.97 22.91
C VAL A 386 -32.70 4.28 22.68
N HIS A 387 -31.99 3.40 21.97
CA HIS A 387 -30.53 3.36 22.06
C HIS A 387 -29.82 3.01 20.77
N TYR A 388 -30.08 1.81 20.24
CA TYR A 388 -29.38 1.28 19.04
C TYR A 388 -30.37 0.93 17.94
N ASN A 389 -29.89 0.83 16.71
CA ASN A 389 -30.70 0.46 15.57
C ASN A 389 -30.06 -0.69 14.81
N MET A 390 -30.50 -1.92 15.09
CA MET A 390 -29.94 -3.08 14.39
C MET A 390 -30.36 -3.10 12.92
N GLY A 391 -31.45 -2.42 12.61
CA GLY A 391 -31.82 -2.17 11.21
C GLY A 391 -30.88 -1.18 10.53
N GLY A 392 -31.18 -0.92 9.25
CA GLY A 392 -30.37 -0.02 8.43
C GLY A 392 -30.28 -0.45 6.98
N ILE A 393 -29.19 -0.06 6.32
CA ILE A 393 -29.01 -0.33 4.90
C ILE A 393 -28.52 -1.77 4.67
N PRO A 394 -29.31 -2.59 3.94
CA PRO A 394 -28.92 -3.99 3.76
C PRO A 394 -27.65 -4.17 2.97
N THR A 395 -26.76 -5.04 3.42
CA THR A 395 -25.51 -5.36 2.73
C THR A 395 -25.24 -6.85 2.80
N ASN A 396 -24.28 -7.32 2.00
CA ASN A 396 -23.72 -8.66 2.17
C ASN A 396 -22.66 -8.65 3.28
N TYR A 397 -21.99 -9.78 3.51
CA TYR A 397 -20.94 -9.83 4.53
C TYR A 397 -19.74 -8.93 4.21
N LYS A 398 -19.58 -8.53 2.94
CA LYS A 398 -18.52 -7.59 2.55
C LYS A 398 -18.88 -6.10 2.70
N ALA A 399 -20.06 -5.82 3.27
CA ALA A 399 -20.51 -4.45 3.49
C ALA A 399 -20.86 -3.70 2.19
N GLN A 400 -21.27 -4.45 1.17
CA GLN A 400 -21.69 -3.87 -0.10
C GLN A 400 -23.20 -3.80 -0.14
N VAL A 401 -23.72 -2.61 -0.39
CA VAL A 401 -25.17 -2.40 -0.34
C VAL A 401 -25.88 -3.26 -1.38
N ILE A 402 -27.10 -3.70 -1.07
CA ILE A 402 -27.85 -4.60 -1.95
C ILE A 402 -29.33 -4.26 -2.08
N LYS A 403 -29.86 -4.54 -3.27
CA LYS A 403 -31.30 -4.63 -3.50
C LYS A 403 -31.65 -6.10 -3.51
N TYR A 404 -32.92 -6.42 -3.30
CA TYR A 404 -33.35 -7.81 -3.27
C TYR A 404 -34.64 -8.03 -4.06
N THR A 405 -34.51 -8.78 -5.16
CA THR A 405 -35.66 -9.34 -5.85
C THR A 405 -35.74 -10.80 -5.43
N LYS A 406 -36.97 -11.32 -5.34
CA LYS A 406 -37.20 -12.70 -4.89
C LYS A 406 -36.72 -13.73 -5.92
N GLU A 407 -36.50 -13.30 -7.16
CA GLU A 407 -36.05 -14.18 -8.26
C GLU A 407 -34.53 -14.03 -8.46
N GLY A 408 -34.07 -12.79 -8.59
CA GLY A 408 -32.65 -12.49 -8.81
C GLY A 408 -31.82 -12.41 -7.53
N GLY A 409 -32.49 -12.51 -6.38
CA GLY A 409 -31.81 -12.54 -5.09
C GLY A 409 -31.17 -11.23 -4.69
N ASP A 410 -30.04 -11.33 -4.00
CA ASP A 410 -29.22 -10.16 -3.63
C ASP A 410 -28.49 -9.64 -4.86
N LYS A 411 -28.70 -8.38 -5.22
CA LYS A 411 -27.96 -7.74 -6.31
C LYS A 411 -27.24 -6.56 -5.71
N ILE A 412 -25.91 -6.51 -5.82
CA ILE A 412 -25.17 -5.43 -5.19
C ILE A 412 -25.46 -4.12 -5.94
N VAL A 413 -25.37 -3.01 -5.21
CA VAL A 413 -25.43 -1.69 -5.81
C VAL A 413 -23.99 -1.29 -6.11
N PRO A 414 -23.66 -1.14 -7.41
CA PRO A 414 -22.27 -0.82 -7.73
C PRO A 414 -21.83 0.50 -7.11
N GLY A 415 -20.62 0.50 -6.55
CA GLY A 415 -19.99 1.71 -6.03
C GLY A 415 -20.35 2.06 -4.60
N LEU A 416 -21.32 1.34 -4.02
CA LEU A 416 -21.87 1.70 -2.71
C LEU A 416 -21.59 0.64 -1.65
N TYR A 417 -20.93 1.08 -0.59
CA TYR A 417 -20.74 0.32 0.64
C TYR A 417 -21.44 1.05 1.79
N ALA A 418 -21.76 0.32 2.86
CA ALA A 418 -22.26 0.93 4.10
C ALA A 418 -21.76 0.16 5.30
N CYS A 419 -21.50 0.83 6.41
CA CYS A 419 -21.11 0.14 7.63
C CYS A 419 -21.43 0.91 8.91
N GLY A 420 -21.23 0.26 10.05
CA GLY A 420 -21.65 0.81 11.34
C GLY A 420 -23.15 0.67 11.56
N GLU A 421 -23.70 1.55 12.40
CA GLU A 421 -25.08 1.44 12.86
C GLU A 421 -26.08 1.68 11.74
N CYS A 422 -25.70 2.55 10.81
CA CYS A 422 -26.57 2.89 9.67
C CYS A 422 -26.73 1.70 8.74
N ALA A 423 -25.87 0.70 8.91
CA ALA A 423 -25.91 -0.51 8.11
C ALA A 423 -26.73 -1.62 8.78
N CYS A 424 -26.97 -2.67 8.00
CA CYS A 424 -27.61 -3.90 8.49
C CYS A 424 -27.03 -5.07 7.72
N HIS A 425 -26.02 -5.70 8.33
CA HIS A 425 -25.23 -6.72 7.65
C HIS A 425 -25.83 -8.13 7.50
N SER A 426 -26.71 -8.63 8.37
CA SER A 426 -27.06 -8.09 9.69
C SER A 426 -26.27 -8.91 10.71
N VAL A 427 -25.43 -8.24 11.48
CA VAL A 427 -24.68 -8.89 12.56
C VAL A 427 -25.44 -8.91 13.89
N HIS A 428 -26.56 -8.18 13.96
CA HIS A 428 -27.30 -8.03 15.22
C HIS A 428 -28.71 -8.63 15.17
N GLY A 429 -29.23 -8.87 13.97
CA GLY A 429 -30.56 -9.44 13.83
C GLY A 429 -31.58 -8.65 14.62
N ALA A 430 -32.23 -9.31 15.58
CA ALA A 430 -33.35 -8.71 16.33
C ALA A 430 -32.95 -8.17 17.69
N ASN A 431 -31.69 -8.41 18.08
CA ASN A 431 -31.13 -7.85 19.31
C ASN A 431 -29.60 -7.79 19.30
N ARG A 432 -29.10 -6.57 19.39
CA ARG A 432 -27.68 -6.33 19.41
C ARG A 432 -27.09 -6.73 20.76
N LEU A 433 -25.94 -7.39 20.72
CA LEU A 433 -25.22 -7.72 21.93
C LEU A 433 -24.42 -6.51 22.36
N GLY A 434 -24.35 -6.27 23.67
CA GLY A 434 -23.58 -5.16 24.21
C GLY A 434 -22.11 -5.34 23.90
N ALA A 435 -21.45 -4.23 23.60
CA ALA A 435 -20.04 -4.18 23.18
C ALA A 435 -19.74 -4.84 21.81
N ASN A 436 -20.79 -5.17 21.06
CA ASN A 436 -20.64 -5.67 19.69
C ASN A 436 -20.70 -4.56 18.65
N SER A 437 -21.08 -3.35 19.04
CA SER A 437 -21.25 -2.28 18.06
C SER A 437 -19.93 -1.61 17.69
N LEU A 438 -19.22 -1.06 18.68
CA LEU A 438 -17.89 -0.53 18.40
C LEU A 438 -17.10 -1.55 17.59
N LEU A 439 -17.31 -2.81 17.94
CA LEU A 439 -16.62 -3.92 17.28
C LEU A 439 -17.07 -4.02 15.83
N ASP A 440 -18.39 -4.11 15.64
CA ASP A 440 -19.02 -4.07 14.31
C ASP A 440 -18.44 -2.93 13.45
N ALA A 441 -18.42 -1.70 13.99
CA ALA A 441 -17.99 -0.53 13.23
C ALA A 441 -16.53 -0.61 12.80
N VAL A 442 -15.65 -1.03 13.71
CA VAL A 442 -14.23 -1.10 13.41
C VAL A 442 -13.95 -2.24 12.43
N VAL A 443 -14.53 -3.40 12.69
CA VAL A 443 -14.36 -4.57 11.83
C VAL A 443 -14.82 -4.32 10.38
N PHE A 444 -16.07 -3.88 10.23
CA PHE A 444 -16.66 -3.69 8.90
C PHE A 444 -16.24 -2.38 8.26
N GLY A 445 -15.86 -1.41 9.09
CA GLY A 445 -15.19 -0.21 8.62
C GLY A 445 -13.87 -0.60 7.97
N ARG A 446 -13.10 -1.42 8.68
CA ARG A 446 -11.86 -1.95 8.13
C ARG A 446 -12.17 -2.82 6.92
N ALA A 447 -13.22 -3.63 7.03
CA ALA A 447 -13.62 -4.54 5.94
C ALA A 447 -13.83 -3.81 4.61
N CYS A 448 -14.43 -2.63 4.65
CA CYS A 448 -14.67 -1.82 3.44
C CYS A 448 -13.36 -1.54 2.69
N SER A 449 -12.36 -1.04 3.40
CA SER A 449 -11.07 -0.74 2.79
C SER A 449 -10.43 -2.00 2.22
N ILE A 450 -10.46 -3.10 2.98
CA ILE A 450 -9.91 -4.37 2.52
C ILE A 450 -10.61 -4.79 1.22
N ASN A 451 -11.91 -4.59 1.16
CA ASN A 451 -12.68 -5.07 0.02
C ASN A 451 -12.51 -4.17 -1.18
N ILE A 452 -12.43 -2.88 -0.94
CA ILE A 452 -12.22 -1.91 -2.03
C ILE A 452 -10.81 -2.03 -2.60
N LYS A 453 -9.80 -2.15 -1.75
CA LYS A 453 -8.43 -2.43 -2.18
C LYS A 453 -8.44 -3.56 -3.22
N GLU A 454 -9.17 -4.63 -2.92
CA GLU A 454 -9.11 -5.85 -3.69
C GLU A 454 -10.01 -5.88 -4.92
N GLU A 455 -11.09 -5.08 -4.93
CA GLU A 455 -11.98 -5.05 -6.09
C GLU A 455 -11.75 -3.82 -7.00
N LEU A 456 -11.33 -2.70 -6.42
CA LEU A 456 -11.02 -1.47 -7.18
C LEU A 456 -9.57 -1.49 -7.69
N LYS A 457 -9.39 -1.32 -9.00
CA LYS A 457 -8.07 -1.40 -9.64
C LYS A 457 -7.78 -0.11 -10.41
N PRO A 458 -6.50 0.27 -10.53
CA PRO A 458 -6.11 1.62 -10.98
C PRO A 458 -6.26 1.95 -12.49
N ASP A 459 -6.82 1.04 -13.29
CA ASP A 459 -7.15 1.33 -14.69
C ASP A 459 -8.49 2.09 -14.77
N GLU A 460 -9.49 1.56 -14.06
CA GLU A 460 -10.79 2.21 -13.89
C GLU A 460 -10.59 3.67 -13.48
N LYS A 461 -11.34 4.57 -14.12
CA LYS A 461 -11.21 6.00 -13.83
C LYS A 461 -12.45 6.53 -13.12
N ILE A 462 -12.33 7.74 -12.57
CA ILE A 462 -13.40 8.31 -11.74
C ILE A 462 -14.60 8.62 -12.63
N PRO A 463 -15.82 8.22 -12.19
CA PRO A 463 -16.99 8.41 -13.02
C PRO A 463 -17.32 9.88 -13.26
N GLU A 464 -17.67 10.20 -14.51
CA GLU A 464 -18.18 11.53 -14.84
C GLU A 464 -19.62 11.57 -14.36
N LEU A 465 -20.05 12.70 -13.81
CA LEU A 465 -21.41 12.80 -13.28
C LEU A 465 -22.40 12.83 -14.44
N PRO A 466 -23.62 12.31 -14.22
CA PRO A 466 -24.65 12.53 -15.23
C PRO A 466 -25.03 14.01 -15.25
N GLU A 467 -25.83 14.42 -16.24
CA GLU A 467 -26.20 15.82 -16.37
C GLU A 467 -27.25 16.19 -15.33
N GLY A 468 -27.17 17.42 -14.84
CA GLY A 468 -28.10 17.93 -13.82
C GLY A 468 -28.08 17.14 -12.54
N ALA A 469 -26.92 16.60 -12.18
CA ALA A 469 -26.79 15.75 -11.01
C ALA A 469 -26.92 16.55 -9.72
N GLY A 470 -27.80 16.07 -8.84
CA GLY A 470 -28.00 16.65 -7.52
C GLY A 470 -28.92 17.84 -7.57
N GLU A 471 -29.61 17.98 -8.69
CA GLU A 471 -30.44 19.15 -8.96
C GLU A 471 -31.68 19.10 -8.08
N GLU A 472 -32.28 17.94 -7.96
CA GLU A 472 -33.43 17.75 -7.09
C GLU A 472 -33.05 17.91 -5.62
N SER A 473 -31.80 17.59 -5.28
CA SER A 473 -31.31 17.75 -3.90
C SER A 473 -31.25 19.22 -3.51
N ILE A 474 -30.87 20.05 -4.48
CA ILE A 474 -30.84 21.51 -4.29
C ILE A 474 -32.27 22.07 -4.27
N ALA A 475 -33.13 21.52 -5.13
CA ALA A 475 -34.55 21.86 -5.15
C ALA A 475 -35.20 21.68 -3.80
N ASN A 476 -34.94 20.53 -3.18
CA ASN A 476 -35.44 20.28 -1.86
C ASN A 476 -34.85 21.27 -0.85
N LEU A 477 -33.56 21.56 -1.02
CA LEU A 477 -32.86 22.46 -0.10
C LEU A 477 -33.53 23.83 -0.11
N ASP A 478 -33.65 24.39 -1.32
CA ASP A 478 -34.28 25.69 -1.54
C ASP A 478 -35.68 25.73 -0.96
N ALA A 479 -36.45 24.68 -1.24
CA ALA A 479 -37.83 24.57 -0.76
C ALA A 479 -37.93 24.62 0.76
N VAL A 480 -37.04 23.89 1.43
CA VAL A 480 -37.06 23.82 2.89
C VAL A 480 -36.46 25.09 3.49
N ARG A 481 -35.47 25.65 2.79
CA ARG A 481 -34.85 26.89 3.22
C ARG A 481 -35.89 27.99 3.29
N TYR A 482 -36.75 28.05 2.26
CA TYR A 482 -37.74 29.12 2.13
C TYR A 482 -39.15 28.68 2.47
N ALA A 483 -39.27 27.52 3.13
CA ALA A 483 -40.57 26.93 3.46
C ALA A 483 -41.48 27.92 4.19
N ASN A 484 -42.72 28.05 3.71
CA ASN A 484 -43.62 29.12 4.08
C ASN A 484 -44.89 28.67 4.82
N GLY A 485 -44.95 27.40 5.20
CA GLY A 485 -46.15 26.83 5.79
C GLY A 485 -46.46 27.35 7.18
N ASP A 486 -47.37 26.67 7.87
CA ASP A 486 -47.87 27.12 9.18
C ASP A 486 -47.55 26.13 10.30
N VAL A 487 -47.10 24.95 9.93
CA VAL A 487 -46.56 24.00 10.90
C VAL A 487 -45.04 24.15 10.90
N PRO A 488 -44.46 24.65 12.01
CA PRO A 488 -43.04 24.86 12.10
C PRO A 488 -42.29 23.59 12.45
N THR A 489 -41.07 23.53 11.95
CA THR A 489 -40.25 22.33 11.96
C THR A 489 -40.07 21.66 13.34
N ALA A 490 -40.05 22.45 14.41
CA ALA A 490 -39.83 21.88 15.76
C ALA A 490 -41.06 21.20 16.35
N GLU A 491 -42.26 21.61 15.93
CA GLU A 491 -43.52 20.99 16.41
C GLU A 491 -43.74 19.63 15.78
N LEU A 492 -43.51 19.57 14.48
CA LEU A 492 -43.71 18.36 13.73
C LEU A 492 -42.84 17.24 14.31
N ARG A 493 -41.54 17.51 14.42
CA ARG A 493 -40.60 16.56 15.02
C ARG A 493 -41.05 16.13 16.42
N LEU A 494 -41.60 17.06 17.18
CA LEU A 494 -42.03 16.72 18.53
C LEU A 494 -43.15 15.70 18.47
N THR A 495 -44.11 15.89 17.55
CA THR A 495 -45.27 14.99 17.51
C THR A 495 -44.90 13.67 16.81
N MET A 496 -43.88 13.69 15.96
CA MET A 496 -43.31 12.45 15.42
C MET A 496 -42.69 11.65 16.58
N GLN A 497 -41.79 12.30 17.29
CA GLN A 497 -41.12 11.69 18.42
C GLN A 497 -42.12 11.16 19.44
N LYS A 498 -43.11 11.98 19.79
CA LYS A 498 -44.14 11.60 20.75
C LYS A 498 -45.00 10.44 20.27
N THR A 499 -45.33 10.43 18.97
CA THR A 499 -46.09 9.34 18.38
C THR A 499 -45.32 8.03 18.48
N MET A 500 -44.13 8.03 17.89
CA MET A 500 -43.24 6.87 17.85
C MET A 500 -43.03 6.25 19.22
N GLN A 501 -42.91 7.11 20.22
CA GLN A 501 -42.81 6.67 21.60
C GLN A 501 -44.02 5.87 22.03
N LYS A 502 -45.21 6.32 21.65
CA LYS A 502 -46.46 5.73 22.16
C LYS A 502 -46.88 4.44 21.46
N HIS A 503 -46.64 4.35 20.16
CA HIS A 503 -47.20 3.26 19.35
C HIS A 503 -46.19 2.17 19.11
N ALA A 504 -45.03 2.55 18.57
CA ALA A 504 -43.95 1.61 18.32
C ALA A 504 -43.01 1.50 19.52
N GLY A 505 -43.57 1.17 20.69
CA GLY A 505 -42.82 1.14 21.96
C GLY A 505 -42.07 -0.16 22.26
N VAL A 506 -41.87 -0.45 23.55
CA VAL A 506 -41.22 -1.69 23.99
C VAL A 506 -42.15 -2.87 23.81
N PHE A 507 -43.41 -2.67 24.22
CA PHE A 507 -44.49 -3.62 23.99
C PHE A 507 -45.50 -3.04 22.99
N ARG A 508 -45.71 -3.74 21.88
CA ARG A 508 -46.53 -3.22 20.79
C ARG A 508 -47.74 -4.12 20.54
N ARG A 509 -48.78 -3.56 19.93
CA ARG A 509 -49.99 -4.33 19.62
C ARG A 509 -50.58 -3.89 18.29
N GLY A 510 -51.27 -4.83 17.62
CA GLY A 510 -51.75 -4.62 16.25
C GLY A 510 -52.61 -3.37 16.06
N ASP A 511 -53.49 -3.13 17.02
CA ASP A 511 -54.42 -2.00 16.93
C ASP A 511 -53.71 -0.69 17.22
N ILE A 512 -52.79 -0.71 18.19
CA ILE A 512 -52.03 0.49 18.52
C ILE A 512 -51.08 0.78 17.36
N LEU A 513 -50.33 -0.22 16.93
CA LEU A 513 -49.46 -0.08 15.77
C LEU A 513 -50.24 0.52 14.59
N ALA A 514 -51.36 -0.10 14.23
CA ALA A 514 -52.12 0.32 13.03
C ALA A 514 -52.69 1.73 13.20
N GLU A 515 -53.00 2.10 14.43
CA GLU A 515 -53.45 3.46 14.73
C GLU A 515 -52.27 4.43 14.64
N GLY A 516 -51.10 3.97 15.08
CA GLY A 516 -49.85 4.73 14.98
C GLY A 516 -49.43 4.94 13.54
N VAL A 517 -49.51 3.88 12.74
CA VAL A 517 -49.17 3.96 11.31
C VAL A 517 -50.03 5.03 10.68
N LYS A 518 -51.28 5.11 11.11
CA LYS A 518 -52.22 6.09 10.61
C LYS A 518 -51.72 7.50 10.94
N LYS A 519 -51.35 7.73 12.20
CA LYS A 519 -50.92 9.05 12.65
C LYS A 519 -49.67 9.51 11.92
N MET A 520 -48.69 8.61 11.85
CA MET A 520 -47.42 8.87 11.17
C MET A 520 -47.57 9.24 9.70
N MET A 521 -48.37 8.47 8.97
CA MET A 521 -48.63 8.75 7.55
C MET A 521 -49.34 10.09 7.36
N ASP A 522 -50.04 10.55 8.39
CA ASP A 522 -50.62 11.89 8.39
C ASP A 522 -49.57 12.98 8.68
N LEU A 523 -48.63 12.69 9.58
CA LEU A 523 -47.50 13.59 9.81
C LEU A 523 -46.64 13.75 8.60
N PHE A 524 -46.53 12.70 7.79
CA PHE A 524 -45.79 12.76 6.55
C PHE A 524 -46.46 13.75 5.60
N LYS A 525 -47.78 13.85 5.69
CA LYS A 525 -48.51 14.80 4.86
C LYS A 525 -48.31 16.22 5.39
N GLU A 526 -48.35 16.39 6.71
CA GLU A 526 -48.13 17.69 7.35
C GLU A 526 -46.74 18.29 7.03
N LEU A 527 -45.81 17.43 6.59
CA LEU A 527 -44.51 17.86 6.05
C LEU A 527 -44.60 18.89 4.93
N LYS A 528 -45.67 18.87 4.14
CA LYS A 528 -45.83 19.88 3.09
C LYS A 528 -46.18 21.24 3.68
N ARG A 529 -46.77 21.26 4.87
CA ARG A 529 -47.11 22.51 5.57
C ARG A 529 -45.97 23.03 6.48
N LEU A 530 -44.73 22.80 6.07
CA LEU A 530 -43.56 23.04 6.92
C LEU A 530 -43.20 24.51 6.93
N LYS A 531 -42.99 25.07 8.12
CA LYS A 531 -42.50 26.43 8.25
C LYS A 531 -41.05 26.39 8.69
N THR A 532 -40.21 27.14 7.99
CA THR A 532 -38.91 27.50 8.52
C THR A 532 -38.86 29.01 8.59
N THR A 533 -37.81 29.53 9.20
CA THR A 533 -37.66 30.96 9.49
C THR A 533 -36.30 31.46 9.02
N ASP A 534 -35.22 30.79 9.41
CA ASP A 534 -33.89 31.20 8.99
C ASP A 534 -33.70 30.98 7.51
N ARG A 535 -33.56 32.09 6.78
CA ARG A 535 -33.41 32.08 5.33
C ARG A 535 -31.95 32.08 4.88
N SER A 536 -31.01 32.10 5.83
CA SER A 536 -29.58 32.17 5.50
C SER A 536 -29.05 30.86 4.95
N LEU A 537 -27.85 30.91 4.38
CA LEU A 537 -27.13 29.73 3.92
C LEU A 537 -25.96 29.41 4.84
N ILE A 538 -25.32 30.47 5.35
CA ILE A 538 -24.19 30.32 6.25
C ILE A 538 -24.63 29.78 7.61
N TRP A 539 -24.11 28.60 7.93
CA TRP A 539 -24.42 27.88 9.16
C TRP A 539 -25.86 28.08 9.58
N ASN A 540 -26.78 27.47 8.82
CA ASN A 540 -28.20 27.54 9.14
C ASN A 540 -28.66 26.28 9.84
N SER A 541 -28.68 26.31 11.17
CA SER A 541 -29.09 25.14 11.94
C SER A 541 -30.61 24.91 11.87
N ASP A 542 -31.38 25.93 11.48
CA ASP A 542 -32.81 25.73 11.24
C ASP A 542 -33.01 24.86 10.00
N LEU A 543 -32.31 25.23 8.92
CA LEU A 543 -32.41 24.52 7.63
C LEU A 543 -32.04 23.04 7.75
N THR A 544 -30.89 22.76 8.35
CA THR A 544 -30.40 21.39 8.51
C THR A 544 -31.29 20.56 9.44
N GLU A 545 -31.74 21.14 10.54
CA GLU A 545 -32.64 20.45 11.45
C GLU A 545 -33.98 20.09 10.77
N SER A 546 -34.35 20.84 9.74
CA SER A 546 -35.51 20.50 8.92
C SER A 546 -35.17 19.35 7.98
N LEU A 547 -34.10 19.50 7.21
CA LEU A 547 -33.55 18.38 6.42
C LEU A 547 -33.46 17.10 7.24
N GLU A 548 -32.99 17.24 8.49
CA GLU A 548 -32.92 16.12 9.43
C GLU A 548 -34.30 15.56 9.76
N LEU A 549 -35.29 16.44 9.87
CA LEU A 549 -36.67 16.01 10.14
C LEU A 549 -37.23 15.20 8.99
N GLN A 550 -37.03 15.69 7.77
CA GLN A 550 -37.43 14.94 6.59
C GLN A 550 -36.86 13.54 6.64
N ASN A 551 -35.57 13.45 6.94
CA ASN A 551 -34.88 12.18 7.03
C ASN A 551 -35.49 11.33 8.12
N LEU A 552 -35.60 11.92 9.31
CA LEU A 552 -36.23 11.24 10.43
C LEU A 552 -37.61 10.66 10.11
N MET A 553 -38.42 11.39 9.35
CA MET A 553 -39.72 10.87 8.92
C MET A 553 -39.59 9.61 8.07
N LEU A 554 -38.62 9.58 7.16
CA LEU A 554 -38.43 8.43 6.29
C LEU A 554 -38.04 7.19 7.09
N ASN A 555 -37.27 7.38 8.16
CA ASN A 555 -36.87 6.26 9.01
C ASN A 555 -38.02 5.82 9.89
N ALA A 556 -38.69 6.79 10.51
CA ALA A 556 -39.79 6.53 11.43
C ALA A 556 -40.96 5.84 10.75
N THR A 557 -41.37 6.35 9.59
CA THR A 557 -42.50 5.77 8.89
C THR A 557 -42.23 4.31 8.55
N GLN A 558 -41.11 4.05 7.87
CA GLN A 558 -40.69 2.67 7.53
C GLN A 558 -40.50 1.78 8.76
N THR A 559 -40.07 2.36 9.89
CA THR A 559 -39.93 1.62 11.12
C THR A 559 -41.28 1.07 11.59
N ILE A 560 -42.31 1.92 11.62
CA ILE A 560 -43.59 1.53 12.21
C ILE A 560 -44.45 0.66 11.31
N VAL A 561 -44.36 0.81 9.99
CA VAL A 561 -45.15 -0.06 9.10
C VAL A 561 -44.56 -1.46 9.11
N ALA A 562 -43.24 -1.58 9.24
CA ALA A 562 -42.61 -2.88 9.36
C ALA A 562 -42.98 -3.53 10.69
N ALA A 563 -43.11 -2.70 11.71
CA ALA A 563 -43.44 -3.15 13.06
C ALA A 563 -44.89 -3.59 13.15
N GLU A 564 -45.75 -3.01 12.33
CA GLU A 564 -47.17 -3.34 12.33
C GLU A 564 -47.41 -4.68 11.67
N ASN A 565 -46.81 -4.89 10.50
CA ASN A 565 -46.97 -6.12 9.76
C ASN A 565 -46.38 -7.35 10.45
N ARG A 566 -45.30 -7.16 11.21
CA ARG A 566 -44.61 -8.28 11.86
C ARG A 566 -45.43 -8.84 13.01
N LYS A 567 -46.07 -9.97 12.75
CA LYS A 567 -46.87 -10.66 13.75
C LYS A 567 -46.07 -11.79 14.42
N GLU A 568 -45.17 -11.38 15.31
CA GLU A 568 -44.41 -12.31 16.14
C GLU A 568 -43.72 -11.53 17.26
N SER A 569 -42.94 -12.22 18.10
CA SER A 569 -42.16 -11.56 19.16
C SER A 569 -40.73 -12.12 19.17
N ARG A 570 -39.84 -11.43 18.47
CA ARG A 570 -38.44 -11.81 18.36
C ARG A 570 -37.59 -10.64 18.80
N GLY A 571 -36.58 -10.91 19.62
CA GLY A 571 -35.66 -9.86 20.07
C GLY A 571 -36.37 -8.65 20.64
N ALA A 572 -35.94 -7.45 20.21
CA ALA A 572 -36.48 -6.20 20.74
C ALA A 572 -37.93 -5.92 20.29
N HIS A 573 -38.34 -6.60 19.22
CA HIS A 573 -39.71 -6.56 18.76
C HIS A 573 -40.55 -7.51 19.61
N ALA A 574 -41.50 -6.96 20.36
CA ALA A 574 -42.36 -7.76 21.25
C ALA A 574 -43.85 -7.44 21.05
N ARG A 575 -44.55 -8.33 20.33
CA ARG A 575 -46.00 -8.21 20.12
C ARG A 575 -46.77 -8.94 21.21
N ASP A 576 -47.57 -8.20 21.98
CA ASP A 576 -48.46 -8.78 23.00
C ASP A 576 -49.52 -9.70 22.41
N ASP A 577 -49.94 -9.40 21.19
CA ASP A 577 -50.94 -10.19 20.48
C ASP A 577 -50.33 -11.27 19.56
N PHE A 578 -49.05 -11.57 19.74
CA PHE A 578 -48.36 -12.62 18.96
C PHE A 578 -47.10 -13.04 19.70
N PRO A 579 -47.24 -13.43 20.97
CA PRO A 579 -46.09 -13.53 21.88
C PRO A 579 -44.98 -14.51 21.48
N LYS A 580 -45.22 -15.37 20.49
CA LYS A 580 -44.24 -16.39 20.13
C LYS A 580 -43.38 -16.02 18.93
N ARG A 581 -42.13 -16.47 18.97
CA ARG A 581 -41.19 -16.29 17.88
C ARG A 581 -41.52 -17.33 16.80
N GLU A 582 -42.03 -16.88 15.67
CA GLU A 582 -42.53 -17.78 14.62
C GLU A 582 -41.44 -18.18 13.63
N ASP A 583 -40.85 -19.36 13.82
CA ASP A 583 -39.78 -19.88 12.95
C ASP A 583 -40.35 -20.87 11.92
N GLU A 584 -39.49 -21.46 11.10
CA GLU A 584 -39.93 -22.47 10.11
C GLU A 584 -40.43 -23.73 10.84
N TYR A 585 -39.83 -24.01 11.98
CA TYR A 585 -40.25 -25.12 12.83
C TYR A 585 -40.80 -24.59 14.15
N ASP A 586 -41.16 -25.52 15.03
CA ASP A 586 -41.38 -25.21 16.44
C ASP A 586 -40.14 -25.73 17.16
N TYR A 587 -39.13 -24.86 17.29
CA TYR A 587 -37.86 -25.23 17.92
C TYR A 587 -37.93 -25.50 19.42
N SER A 588 -39.13 -25.43 20.02
CA SER A 588 -39.35 -25.84 21.42
C SER A 588 -39.53 -27.36 21.52
N LYS A 589 -40.10 -27.96 20.47
CA LYS A 589 -40.23 -29.42 20.35
C LYS A 589 -39.06 -29.99 19.54
N PRO A 590 -38.78 -31.31 19.69
CA PRO A 590 -37.70 -31.89 18.89
C PRO A 590 -37.98 -31.72 17.40
N ILE A 591 -36.93 -31.52 16.62
CA ILE A 591 -37.09 -30.99 15.26
C ILE A 591 -37.63 -32.06 14.31
N GLU A 592 -36.98 -33.22 14.26
CA GLU A 592 -37.40 -34.27 13.31
C GLU A 592 -38.77 -34.85 13.67
N GLY A 593 -39.58 -35.10 12.65
CA GLY A 593 -40.99 -35.44 12.83
C GLY A 593 -41.90 -34.24 12.69
N GLN A 594 -41.38 -33.17 12.08
CA GLN A 594 -42.13 -31.96 11.78
C GLN A 594 -41.92 -31.59 10.31
N THR A 595 -42.81 -30.78 9.77
CA THR A 595 -42.69 -30.29 8.41
C THR A 595 -42.34 -28.81 8.38
N LYS A 596 -41.45 -28.44 7.46
CA LYS A 596 -41.04 -27.05 7.23
C LYS A 596 -42.23 -26.16 6.87
N ARG A 597 -42.46 -25.10 7.63
CA ARG A 597 -43.39 -24.05 7.23
C ARG A 597 -42.80 -23.29 6.04
N PRO A 598 -43.64 -22.91 5.07
CA PRO A 598 -43.10 -22.20 3.91
C PRO A 598 -42.73 -20.75 4.24
N PHE A 599 -41.79 -20.20 3.49
CA PHE A 599 -41.29 -18.83 3.71
C PHE A 599 -42.39 -17.84 4.14
N GLU A 600 -43.56 -17.93 3.52
CA GLU A 600 -44.62 -16.92 3.68
C GLU A 600 -45.36 -17.00 5.01
N LYS A 601 -45.40 -18.19 5.61
CA LYS A 601 -46.14 -18.40 6.87
C LYS A 601 -45.34 -18.02 8.12
N HIS A 602 -44.03 -18.32 8.14
CA HIS A 602 -43.17 -17.99 9.29
C HIS A 602 -42.50 -16.62 9.15
N TRP A 603 -41.72 -16.23 10.16
CA TRP A 603 -41.18 -14.86 10.29
C TRP A 603 -39.66 -14.72 10.50
N ARG A 604 -38.90 -15.82 10.52
CA ARG A 604 -37.43 -15.71 10.46
C ARG A 604 -37.00 -15.20 9.11
N LYS A 605 -37.11 -13.90 8.92
CA LYS A 605 -36.80 -13.29 7.66
C LYS A 605 -36.69 -11.80 7.87
N HIS A 606 -35.74 -11.19 7.18
CA HIS A 606 -35.48 -9.77 7.31
C HIS A 606 -36.61 -8.99 6.66
N THR A 607 -37.06 -7.92 7.31
CA THR A 607 -38.07 -7.00 6.76
C THR A 607 -37.40 -5.99 5.83
N LEU A 608 -37.97 -5.82 4.63
CA LEU A 608 -37.49 -4.81 3.70
C LEU A 608 -38.58 -3.78 3.46
N THR A 609 -38.19 -2.51 3.44
CA THR A 609 -39.12 -1.39 3.32
C THR A 609 -38.66 -0.48 2.18
N LYS A 610 -39.34 -0.63 1.04
CA LYS A 610 -39.21 0.31 -0.06
C LYS A 610 -40.19 1.47 0.19
N GLN A 611 -39.68 2.71 0.15
CA GLN A 611 -40.50 3.89 0.33
C GLN A 611 -40.29 4.88 -0.80
N ASP A 612 -41.39 5.38 -1.37
CA ASP A 612 -41.32 6.52 -2.27
C ASP A 612 -41.18 7.76 -1.39
N PRO A 613 -40.07 8.50 -1.54
CA PRO A 613 -39.81 9.66 -0.69
C PRO A 613 -40.75 10.83 -0.93
N ARG A 614 -41.35 10.89 -2.12
CA ARG A 614 -42.29 11.95 -2.45
C ARG A 614 -43.67 11.67 -1.85
N THR A 615 -44.27 10.54 -2.21
CA THR A 615 -45.61 10.17 -1.72
C THR A 615 -45.59 9.65 -0.29
N GLY A 616 -44.49 9.02 0.12
CA GLY A 616 -44.39 8.44 1.46
C GLY A 616 -44.88 7.00 1.52
N HIS A 617 -45.30 6.46 0.39
CA HIS A 617 -45.91 5.13 0.37
C HIS A 617 -44.82 4.09 0.58
N ILE A 618 -45.15 3.03 1.32
CA ILE A 618 -44.19 1.96 1.65
C ILE A 618 -44.67 0.58 1.17
N THR A 619 -43.89 -0.08 0.32
CA THR A 619 -44.15 -1.48 0.01
C THR A 619 -43.28 -2.34 0.95
N LEU A 620 -43.68 -3.59 1.15
CA LEU A 620 -42.95 -4.51 1.99
C LEU A 620 -42.50 -5.71 1.17
N ASP A 621 -41.37 -6.30 1.55
CA ASP A 621 -40.88 -7.56 0.97
C ASP A 621 -40.10 -8.28 2.06
N TYR A 622 -39.65 -9.50 1.81
CA TYR A 622 -38.92 -10.25 2.83
C TYR A 622 -37.77 -11.09 2.26
N ARG A 623 -36.67 -11.12 3.01
CA ARG A 623 -35.40 -11.63 2.52
C ARG A 623 -34.89 -12.70 3.46
N PRO A 624 -34.52 -13.88 2.93
CA PRO A 624 -34.13 -14.99 3.79
C PRO A 624 -32.93 -14.68 4.69
N VAL A 625 -32.94 -15.23 5.91
CA VAL A 625 -31.81 -15.10 6.82
C VAL A 625 -30.70 -16.05 6.39
N ILE A 626 -29.49 -15.51 6.22
CA ILE A 626 -28.34 -16.31 5.83
C ILE A 626 -27.88 -17.13 7.03
N ASP A 627 -27.93 -18.46 6.90
CA ASP A 627 -27.63 -19.37 8.02
C ASP A 627 -26.28 -20.04 7.94
N LYS A 628 -25.70 -20.09 6.74
CA LYS A 628 -24.37 -20.64 6.56
C LYS A 628 -23.33 -19.73 7.22
N THR A 629 -22.22 -20.31 7.67
CA THR A 629 -21.04 -19.53 8.00
C THR A 629 -20.23 -19.25 6.72
N LEU A 630 -19.11 -18.55 6.85
CA LEU A 630 -18.22 -18.34 5.70
C LEU A 630 -17.40 -19.56 5.34
N ASP A 631 -17.28 -20.51 6.27
CA ASP A 631 -16.44 -21.71 6.08
C ASP A 631 -16.82 -22.75 7.13
N PRO A 632 -17.51 -23.83 6.73
CA PRO A 632 -17.90 -24.86 7.70
C PRO A 632 -16.71 -25.52 8.38
N ALA A 633 -15.58 -25.60 7.65
CA ALA A 633 -14.33 -26.11 8.20
C ALA A 633 -13.85 -25.29 9.39
N GLU A 634 -14.01 -23.97 9.32
CA GLU A 634 -13.54 -23.07 10.37
C GLU A 634 -14.52 -23.03 11.54
N VAL A 635 -15.83 -23.00 11.25
CA VAL A 635 -16.85 -23.06 12.30
C VAL A 635 -18.25 -23.46 11.78
N ASP A 636 -18.94 -24.30 12.54
CA ASP A 636 -20.27 -24.81 12.18
C ASP A 636 -21.34 -23.78 12.50
N TRP A 637 -22.43 -23.78 11.74
CA TRP A 637 -23.53 -22.86 12.00
C TRP A 637 -24.31 -23.29 13.25
N ILE A 638 -25.19 -22.42 13.72
CA ILE A 638 -25.86 -22.62 15.01
C ILE A 638 -27.38 -22.63 14.85
N PRO A 639 -27.98 -23.85 14.77
CA PRO A 639 -29.43 -24.04 14.60
C PRO A 639 -30.26 -23.34 15.67
N PRO A 640 -31.38 -22.72 15.26
CA PRO A 640 -32.21 -22.04 16.24
C PRO A 640 -32.59 -22.92 17.42
N ILE A 641 -32.65 -22.31 18.60
CA ILE A 641 -33.19 -22.94 19.82
C ILE A 641 -34.13 -21.95 20.51
N ILE A 642 -34.62 -22.29 21.70
CA ILE A 642 -35.39 -21.36 22.47
C ILE A 642 -34.43 -20.38 23.13
N ARG A 643 -34.72 -19.09 23.01
CA ARG A 643 -33.90 -18.04 23.58
C ARG A 643 -34.27 -17.81 25.04
N SER A 644 -33.40 -18.28 25.93
CA SER A 644 -33.60 -18.18 27.38
C SER A 644 -32.31 -17.76 28.04
N TYR A 645 -32.32 -16.62 28.70
CA TYR A 645 -31.16 -16.13 29.43
C TYR A 645 -31.30 -16.36 30.95
N LYS B 33 -45.33 32.84 37.67
CA LYS B 33 -44.38 32.13 36.75
C LYS B 33 -42.95 32.66 36.88
N ARG B 34 -41.98 31.74 36.87
CA ARG B 34 -40.55 32.06 37.06
C ARG B 34 -39.84 32.31 35.74
N ILE B 35 -39.53 33.58 35.47
CA ILE B 35 -38.97 33.98 34.17
C ILE B 35 -37.50 34.39 34.28
N LYS B 36 -36.64 33.50 33.80
CA LYS B 36 -35.22 33.79 33.63
C LYS B 36 -35.01 34.45 32.26
N THR B 37 -34.05 35.37 32.21
CA THR B 37 -33.71 36.09 30.98
C THR B 37 -32.24 35.81 30.60
N PHE B 38 -31.99 35.54 29.33
CA PHE B 38 -30.63 35.31 28.84
C PHE B 38 -30.21 36.40 27.86
N GLU B 39 -28.96 36.83 27.96
CA GLU B 39 -28.42 37.83 27.05
C GLU B 39 -27.47 37.13 26.13
N ILE B 40 -27.91 36.91 24.90
CA ILE B 40 -27.18 36.07 23.99
C ILE B 40 -26.55 36.91 22.89
N TYR B 41 -25.24 36.75 22.74
CA TYR B 41 -24.48 37.34 21.65
C TYR B 41 -25.02 36.86 20.31
N ARG B 42 -25.25 37.78 19.39
CA ARG B 42 -25.70 37.44 18.04
C ARG B 42 -24.79 38.06 17.01
N PHE B 43 -24.65 37.39 15.88
CA PHE B 43 -23.98 37.97 14.73
C PHE B 43 -24.40 37.26 13.46
N ASN B 44 -24.85 38.01 12.46
CA ASN B 44 -25.24 37.44 11.18
C ASN B 44 -24.31 37.93 10.08
N PRO B 45 -23.52 37.01 9.49
CA PRO B 45 -22.49 37.41 8.55
C PRO B 45 -23.02 37.71 7.17
N GLU B 46 -24.30 37.44 6.94
CA GLU B 46 -24.90 37.60 5.63
C GLU B 46 -25.54 38.98 5.47
N GLU B 47 -25.80 39.64 6.58
CA GLU B 47 -26.38 40.99 6.58
C GLU B 47 -25.33 42.03 6.14
N PRO B 48 -25.76 43.05 5.36
CA PRO B 48 -24.80 44.03 4.85
C PRO B 48 -24.07 44.77 5.98
N GLY B 49 -22.76 44.57 6.04
CA GLY B 49 -21.89 45.22 7.04
C GLY B 49 -22.44 45.16 8.46
N ALA B 50 -22.87 43.98 8.87
CA ALA B 50 -23.50 43.80 10.17
C ALA B 50 -22.50 43.83 11.31
N LYS B 51 -23.02 44.12 12.50
CA LYS B 51 -22.23 44.15 13.72
C LYS B 51 -22.76 43.11 14.70
N PRO B 52 -21.90 42.62 15.60
CA PRO B 52 -22.41 41.78 16.68
C PRO B 52 -23.36 42.52 17.60
N LYS B 53 -24.21 41.80 18.33
CA LYS B 53 -25.11 42.42 19.30
C LYS B 53 -25.45 41.50 20.47
N LEU B 54 -26.14 42.05 21.47
CA LEU B 54 -26.68 41.29 22.60
C LEU B 54 -28.18 41.28 22.49
N GLN B 55 -28.77 40.08 22.57
CA GLN B 55 -30.23 39.90 22.46
C GLN B 55 -30.74 39.28 23.74
N LYS B 56 -31.81 39.86 24.30
CA LYS B 56 -32.41 39.33 25.52
C LYS B 56 -33.56 38.40 25.16
N PHE B 57 -33.67 37.31 25.92
CA PHE B 57 -34.70 36.29 25.71
C PHE B 57 -35.19 35.90 27.07
N ASP B 58 -36.51 35.80 27.23
CA ASP B 58 -37.11 35.38 28.48
C ASP B 58 -37.49 33.91 28.39
N VAL B 59 -37.29 33.17 29.46
CA VAL B 59 -37.56 31.73 29.47
C VAL B 59 -38.25 31.33 30.76
N ASP B 60 -39.39 30.66 30.64
CA ASP B 60 -40.08 30.12 31.82
C ASP B 60 -39.29 28.90 32.30
N LEU B 61 -38.70 29.02 33.48
CA LEU B 61 -37.88 27.94 34.04
C LEU B 61 -38.70 26.67 34.29
N ASP B 62 -40.02 26.81 34.45
CA ASP B 62 -40.86 25.66 34.74
C ASP B 62 -41.39 24.98 33.49
N LYS B 63 -41.04 25.52 32.34
CA LYS B 63 -41.34 24.85 31.09
C LYS B 63 -40.03 24.63 30.33
N CYS B 64 -38.98 24.30 31.06
CA CYS B 64 -37.67 24.14 30.48
C CYS B 64 -36.78 23.28 31.35
N GLY B 65 -35.90 22.53 30.70
CA GLY B 65 -34.95 21.65 31.38
C GLY B 65 -33.99 22.42 32.26
N THR B 66 -33.30 21.67 33.11
CA THR B 66 -32.45 22.26 34.12
C THR B 66 -31.17 22.97 33.58
N MET B 67 -30.64 22.55 32.42
CA MET B 67 -29.35 23.04 31.90
C MET B 67 -29.47 24.18 30.89
N VAL B 68 -28.41 24.96 30.75
CA VAL B 68 -28.42 26.11 29.84
C VAL B 68 -28.66 25.73 28.36
N LEU B 69 -28.21 24.55 27.94
CA LEU B 69 -28.45 24.09 26.56
C LEU B 69 -29.95 23.97 26.34
N ASP B 70 -30.65 23.46 27.35
CA ASP B 70 -32.10 23.28 27.28
C ASP B 70 -32.75 24.61 26.97
N ALA B 71 -32.29 25.66 27.65
CA ALA B 71 -32.81 27.00 27.44
C ALA B 71 -32.57 27.42 26.00
N LEU B 72 -31.34 27.29 25.52
CA LEU B 72 -31.00 27.66 24.13
C LEU B 72 -31.89 26.95 23.11
N ILE B 73 -32.13 25.65 23.34
CA ILE B 73 -32.94 24.85 22.43
C ILE B 73 -34.38 25.30 22.44
N LYS B 74 -34.90 25.59 23.62
CA LYS B 74 -36.27 26.05 23.76
C LYS B 74 -36.45 27.36 23.00
N ILE B 75 -35.58 28.32 23.29
CA ILE B 75 -35.56 29.62 22.62
C ILE B 75 -35.48 29.43 21.12
N LYS B 76 -34.68 28.46 20.66
CA LYS B 76 -34.54 28.26 19.23
C LYS B 76 -35.84 27.74 18.64
N ASN B 77 -36.49 26.84 19.34
CA ASN B 77 -37.70 26.20 18.83
C ASN B 77 -38.98 27.01 19.05
N GLU B 78 -39.03 27.79 20.13
CA GLU B 78 -40.28 28.45 20.54
C GLU B 78 -40.31 29.97 20.33
N VAL B 79 -39.20 30.54 19.89
CA VAL B 79 -39.08 31.98 19.71
C VAL B 79 -38.32 32.29 18.43
N ASP B 80 -37.12 31.73 18.28
CA ASP B 80 -36.18 32.21 17.29
C ASP B 80 -35.30 31.11 16.70
N PRO B 81 -35.79 30.43 15.66
CA PRO B 81 -35.03 29.45 14.89
C PRO B 81 -33.73 29.95 14.25
N THR B 82 -33.53 31.27 14.17
CA THR B 82 -32.28 31.80 13.63
C THR B 82 -31.15 31.65 14.64
N LEU B 83 -31.51 31.41 15.90
CA LEU B 83 -30.50 31.20 16.95
C LEU B 83 -29.69 29.96 16.63
N THR B 84 -28.37 30.14 16.56
CA THR B 84 -27.47 29.14 16.00
C THR B 84 -26.33 28.83 16.98
N PHE B 85 -26.15 27.55 17.28
CA PHE B 85 -25.11 27.10 18.21
C PHE B 85 -24.88 25.63 17.98
N ARG B 86 -23.73 25.13 18.43
CA ARG B 86 -23.37 23.72 18.26
C ARG B 86 -23.87 22.90 19.42
N ARG B 87 -24.40 21.71 19.13
CA ARG B 87 -24.68 20.70 20.16
C ARG B 87 -24.80 19.34 19.52
N SER B 88 -24.67 18.30 20.32
CA SER B 88 -24.79 16.94 19.80
C SER B 88 -25.11 15.95 20.92
N CYS B 89 -24.15 15.66 21.77
CA CYS B 89 -24.39 14.85 22.97
C CYS B 89 -25.20 15.66 23.98
N ARG B 90 -25.96 15.00 24.84
CA ARG B 90 -26.72 15.78 25.83
C ARG B 90 -26.07 15.72 27.21
N GLU B 91 -24.89 15.09 27.28
CA GLU B 91 -24.30 14.62 28.54
C GLU B 91 -22.87 15.11 28.83
N GLY B 92 -22.41 16.10 28.06
CA GLY B 92 -21.08 16.70 28.27
C GLY B 92 -19.89 15.83 27.90
N ILE B 93 -20.00 15.12 26.77
CA ILE B 93 -18.94 14.21 26.29
C ILE B 93 -18.42 14.50 24.86
N CYS B 94 -19.26 15.12 24.02
CA CYS B 94 -18.90 15.60 22.68
C CYS B 94 -17.96 16.81 22.56
N GLY B 95 -18.22 17.83 23.37
CA GLY B 95 -17.48 19.10 23.36
C GLY B 95 -18.05 20.14 22.40
N SER B 96 -19.12 19.80 21.70
CA SER B 96 -19.74 20.70 20.73
C SER B 96 -20.25 22.00 21.33
N CYS B 97 -20.81 21.94 22.54
CA CYS B 97 -21.53 23.09 23.07
C CYS B 97 -20.64 24.07 23.86
N ALA B 98 -19.33 23.98 23.70
CA ALA B 98 -18.45 24.89 24.38
C ALA B 98 -18.84 26.33 24.03
N MET B 99 -18.95 27.16 25.07
CA MET B 99 -19.27 28.58 24.93
C MET B 99 -19.02 29.28 26.25
N ASN B 100 -19.19 30.61 26.26
CA ASN B 100 -18.97 31.40 27.48
C ASN B 100 -20.28 31.76 28.14
N ILE B 101 -20.49 31.25 29.36
CA ILE B 101 -21.73 31.47 30.10
C ILE B 101 -21.43 32.02 31.48
N ALA B 102 -22.14 33.08 31.85
CA ALA B 102 -21.93 33.75 33.16
C ALA B 102 -20.47 34.15 33.42
N GLY B 103 -19.72 34.40 32.33
CA GLY B 103 -18.34 34.84 32.42
C GLY B 103 -17.27 33.76 32.26
N GLU B 104 -17.64 32.49 32.45
CA GLU B 104 -16.69 31.38 32.37
C GLU B 104 -16.94 30.52 31.13
N ASN B 105 -15.87 29.96 30.58
CA ASN B 105 -15.99 29.02 29.47
C ASN B 105 -16.39 27.66 30.00
N THR B 106 -17.54 27.16 29.55
CA THR B 106 -18.04 25.88 30.04
C THR B 106 -18.90 25.21 28.97
N LEU B 107 -19.42 24.03 29.30
CA LEU B 107 -20.31 23.31 28.40
C LEU B 107 -21.75 23.64 28.78
N ALA B 108 -22.54 24.08 27.81
CA ALA B 108 -23.93 24.50 28.07
C ALA B 108 -24.80 23.34 28.57
N CYS B 109 -24.55 22.14 28.04
CA CYS B 109 -25.34 20.96 28.37
C CYS B 109 -25.18 20.42 29.80
N ILE B 110 -24.17 20.87 30.54
CA ILE B 110 -23.99 20.42 31.94
C ILE B 110 -23.87 21.56 32.96
N CYS B 111 -23.79 22.80 32.47
CA CYS B 111 -23.90 23.97 33.33
C CYS B 111 -25.38 24.15 33.68
N ASN B 112 -25.71 24.11 34.97
CA ASN B 112 -27.10 24.35 35.40
C ASN B 112 -27.50 25.81 35.21
N ILE B 113 -28.79 26.06 35.03
CA ILE B 113 -29.28 27.41 34.87
C ILE B 113 -29.28 28.08 36.24
N ASP B 114 -28.74 29.29 36.32
CA ASP B 114 -28.76 30.05 37.56
C ASP B 114 -30.18 30.55 37.77
N GLN B 115 -30.86 29.96 38.74
CA GLN B 115 -32.31 30.15 38.90
C GLN B 115 -32.71 31.43 39.64
N ASN B 116 -31.73 32.22 40.02
CA ASN B 116 -31.96 33.56 40.52
C ASN B 116 -32.46 34.46 39.39
N THR B 117 -33.78 34.61 39.26
CA THR B 117 -34.39 35.28 38.11
C THR B 117 -34.14 36.80 38.03
N SER B 118 -33.76 37.41 39.15
CA SER B 118 -33.31 38.81 39.15
C SER B 118 -31.97 39.02 38.41
N LYS B 119 -31.19 37.94 38.25
CA LYS B 119 -29.98 37.96 37.41
C LYS B 119 -30.31 37.60 35.96
N THR B 120 -29.60 38.23 35.04
CA THR B 120 -29.62 37.77 33.65
C THR B 120 -28.32 36.98 33.46
N THR B 121 -28.36 35.98 32.59
CA THR B 121 -27.19 35.19 32.27
C THR B 121 -26.70 35.62 30.89
N LYS B 122 -25.43 35.98 30.79
CA LYS B 122 -24.86 36.40 29.52
C LYS B 122 -24.17 35.22 28.86
N ILE B 123 -24.49 34.98 27.59
CA ILE B 123 -23.94 33.86 26.83
C ILE B 123 -23.22 34.33 25.58
N TYR B 124 -21.88 34.29 25.63
CA TYR B 124 -21.03 34.67 24.50
C TYR B 124 -20.39 33.42 23.91
N PRO B 125 -19.80 33.54 22.70
CA PRO B 125 -19.05 32.42 22.13
C PRO B 125 -17.68 32.31 22.77
N LEU B 126 -16.93 31.26 22.44
CA LEU B 126 -15.60 31.09 23.03
C LEU B 126 -14.78 32.36 22.81
N PRO B 127 -14.24 32.94 23.89
CA PRO B 127 -13.51 34.20 23.79
C PRO B 127 -12.35 34.22 22.79
N HIS B 128 -12.23 35.36 22.12
CA HIS B 128 -11.20 35.65 21.13
C HIS B 128 -11.11 34.62 20.04
N MET B 129 -12.23 34.09 19.62
CA MET B 129 -12.27 33.26 18.43
C MET B 129 -13.02 34.02 17.34
N PHE B 130 -12.67 33.75 16.09
CA PHE B 130 -13.39 34.32 14.96
C PHE B 130 -14.75 33.67 14.84
N VAL B 131 -15.79 34.47 14.72
CA VAL B 131 -17.14 33.95 14.79
C VAL B 131 -17.77 33.84 13.39
N ILE B 132 -18.24 32.63 13.09
CA ILE B 132 -18.93 32.33 11.87
C ILE B 132 -20.36 32.87 11.96
N LYS B 133 -21.06 32.51 13.03
CA LYS B 133 -22.42 32.97 13.24
C LYS B 133 -22.82 32.72 14.68
N ASP B 134 -23.42 33.72 15.31
CA ASP B 134 -23.99 33.58 16.65
C ASP B 134 -22.98 33.02 17.68
N LEU B 135 -23.18 31.79 18.15
CA LEU B 135 -22.31 31.20 19.17
C LEU B 135 -21.36 30.17 18.56
N VAL B 136 -21.29 30.16 17.23
CA VAL B 136 -20.47 29.19 16.50
C VAL B 136 -19.15 29.83 16.07
N PRO B 137 -18.05 29.51 16.77
CA PRO B 137 -16.72 30.00 16.39
C PRO B 137 -16.05 29.18 15.29
N ASP B 138 -15.06 29.76 14.61
CA ASP B 138 -14.21 29.02 13.67
C ASP B 138 -13.15 28.29 14.48
N MET B 139 -13.10 26.98 14.27
CA MET B 139 -12.41 26.07 15.16
C MET B 139 -11.19 25.41 14.50
N ASN B 140 -10.82 25.85 13.30
CA ASN B 140 -9.90 25.09 12.47
C ASN B 140 -8.43 25.33 12.76
N LEU B 141 -8.10 26.36 13.53
CA LEU B 141 -6.73 26.57 13.96
C LEU B 141 -6.50 25.69 15.17
N PHE B 142 -7.51 25.64 16.04
CA PHE B 142 -7.50 24.72 17.17
C PHE B 142 -7.20 23.32 16.67
N TYR B 143 -7.98 22.87 15.69
CA TYR B 143 -7.85 21.53 15.15
C TYR B 143 -6.52 21.34 14.44
N ALA B 144 -6.11 22.36 13.69
CA ALA B 144 -4.84 22.31 12.94
C ALA B 144 -3.70 22.08 13.89
N GLN B 145 -3.66 22.93 14.92
CA GLN B 145 -2.72 22.77 16.03
C GLN B 145 -2.78 21.39 16.69
N TYR B 146 -3.96 20.77 16.76
CA TYR B 146 -4.06 19.41 17.30
C TYR B 146 -3.39 18.41 16.39
N ALA B 147 -3.48 18.62 15.08
CA ALA B 147 -2.80 17.74 14.13
C ALA B 147 -1.27 17.80 14.29
N SER B 148 -0.77 19.02 14.51
CA SER B 148 0.67 19.25 14.47
C SER B 148 1.43 18.49 15.55
N ILE B 149 0.73 17.99 16.57
CA ILE B 149 1.40 17.18 17.57
C ILE B 149 1.52 15.72 17.17
N GLN B 150 0.93 15.35 16.03
CA GLN B 150 0.90 13.95 15.57
C GLN B 150 0.28 13.09 16.67
N PRO B 151 -1.02 13.26 16.93
CA PRO B 151 -1.67 12.57 18.03
C PRO B 151 -1.96 11.12 17.65
N TRP B 152 -0.92 10.31 17.59
CA TRP B 152 -1.05 8.89 17.29
C TRP B 152 0.20 8.18 17.81
N LEU B 153 0.07 6.90 18.13
CA LEU B 153 1.17 6.15 18.73
C LEU B 153 2.27 5.89 17.71
N GLN B 154 3.51 6.18 18.13
CA GLN B 154 4.69 6.02 17.29
C GLN B 154 5.67 5.01 17.92
N LYS B 155 6.27 4.17 17.09
CA LYS B 155 7.25 3.21 17.56
C LYS B 155 8.46 3.15 16.62
N LYS B 156 9.67 3.08 17.20
CA LYS B 156 10.92 3.10 16.42
C LYS B 156 11.17 1.77 15.70
N THR B 157 10.55 0.69 16.18
CA THR B 157 10.58 -0.61 15.51
C THR B 157 9.20 -0.89 14.92
N LYS B 158 9.11 -0.93 13.58
CA LYS B 158 7.84 -1.18 12.90
C LYS B 158 7.20 -2.45 13.46
N ILE B 159 5.90 -2.39 13.79
CA ILE B 159 5.19 -3.50 14.44
C ILE B 159 4.12 -4.09 13.51
N ASN B 160 3.93 -5.41 13.59
CA ASN B 160 2.82 -6.08 12.92
C ASN B 160 1.50 -5.73 13.57
N LEU B 161 0.61 -5.10 12.81
CA LEU B 161 -0.55 -4.42 13.37
C LEU B 161 -1.46 -5.35 14.19
N GLY B 162 -2.09 -6.32 13.52
CA GLY B 162 -3.04 -7.17 14.22
C GLY B 162 -2.46 -8.12 15.26
N GLU B 163 -1.13 -8.27 15.27
CA GLU B 163 -0.48 -9.49 15.78
C GLU B 163 -0.50 -9.66 17.30
N LYS B 164 -0.01 -8.68 18.05
CA LYS B 164 -0.04 -8.77 19.51
C LYS B 164 -0.21 -7.43 20.23
N GLN B 165 -0.55 -7.52 21.51
CA GLN B 165 -0.77 -6.35 22.34
C GLN B 165 0.57 -5.85 22.86
N GLN B 166 0.71 -4.54 22.97
CA GLN B 166 1.90 -3.97 23.58
C GLN B 166 1.77 -4.08 25.08
N TYR B 167 2.89 -4.28 25.76
CA TYR B 167 2.88 -4.32 27.23
C TYR B 167 2.89 -2.92 27.82
N GLN B 168 2.00 -2.70 28.79
CA GLN B 168 1.98 -1.48 29.58
C GLN B 168 1.42 -1.79 30.95
N SER B 169 2.11 -1.34 32.00
CA SER B 169 1.71 -1.64 33.37
C SER B 169 0.62 -0.69 33.83
N ILE B 170 -0.15 -1.14 34.81
CA ILE B 170 -1.22 -0.33 35.36
C ILE B 170 -0.71 1.04 35.76
N LYS B 171 0.41 1.08 36.49
CA LYS B 171 1.04 2.36 36.86
C LYS B 171 1.27 3.26 35.65
N GLU B 172 1.90 2.69 34.63
CA GLU B 172 2.31 3.43 33.45
C GLU B 172 1.11 4.00 32.70
N GLN B 173 0.05 3.20 32.57
CA GLN B 173 -1.14 3.64 31.85
C GLN B 173 -1.94 4.64 32.68
N GLU B 174 -1.87 4.55 34.00
CA GLU B 174 -2.54 5.51 34.90
C GLU B 174 -1.99 6.94 34.76
N LYS B 175 -0.81 7.08 34.17
CA LYS B 175 -0.25 8.40 33.92
C LYS B 175 -1.10 9.13 32.88
N LEU B 176 -1.82 8.37 32.06
CA LEU B 176 -2.78 8.92 31.10
C LEU B 176 -4.06 9.43 31.76
N ASP B 177 -4.43 8.88 32.92
CA ASP B 177 -5.59 9.39 33.65
C ASP B 177 -5.39 10.87 33.96
N GLY B 178 -6.39 11.68 33.63
CA GLY B 178 -6.27 13.13 33.69
C GLY B 178 -5.77 13.73 32.38
N LEU B 179 -5.54 12.89 31.37
CA LEU B 179 -5.04 13.33 30.07
C LEU B 179 -5.89 12.85 28.88
N TYR B 180 -6.33 11.58 28.88
CA TYR B 180 -7.14 11.06 27.77
C TYR B 180 -8.60 11.52 27.87
N GLU B 181 -9.03 11.93 29.06
CA GLU B 181 -10.41 12.34 29.29
C GLU B 181 -10.85 13.51 28.40
N CYS B 182 -9.87 14.28 27.92
CA CYS B 182 -10.11 15.54 27.22
C CYS B 182 -10.99 15.33 26.01
N ILE B 183 -12.09 16.07 25.97
CA ILE B 183 -13.10 15.97 24.91
C ILE B 183 -12.84 16.95 23.75
N LEU B 184 -11.80 17.79 23.92
CA LEU B 184 -11.26 18.62 22.84
C LEU B 184 -12.24 19.74 22.50
N CYS B 185 -12.72 20.39 23.56
CA CYS B 185 -13.83 21.34 23.49
C CYS B 185 -13.38 22.80 23.33
N ALA B 186 -12.12 23.07 23.71
CA ALA B 186 -11.46 24.39 23.53
C ALA B 186 -11.63 25.38 24.68
N CYS B 187 -12.42 25.01 25.69
CA CYS B 187 -12.74 25.95 26.78
C CYS B 187 -11.50 26.59 27.36
N CYS B 188 -10.52 25.75 27.66
CA CYS B 188 -9.30 26.19 28.34
C CYS B 188 -8.45 27.08 27.45
N SER B 189 -8.27 26.71 26.19
CA SER B 189 -7.52 27.55 25.26
C SER B 189 -8.18 28.93 25.16
N ALA B 190 -9.50 28.95 24.99
CA ALA B 190 -10.25 30.21 24.86
C ALA B 190 -10.39 30.98 26.18
N SER B 191 -9.94 30.40 27.29
CA SER B 191 -9.82 31.12 28.55
C SER B 191 -8.41 31.69 28.76
N CYS B 192 -7.44 31.25 27.94
CA CYS B 192 -6.02 31.62 28.11
C CYS B 192 -5.68 32.94 27.42
N PRO B 193 -5.36 33.99 28.19
CA PRO B 193 -5.05 35.28 27.55
C PRO B 193 -3.78 35.31 26.70
N SER B 194 -2.87 34.36 26.93
CA SER B 194 -1.69 34.20 26.08
C SER B 194 -2.12 33.65 24.71
N TYR B 195 -2.98 32.64 24.75
CA TYR B 195 -3.59 32.09 23.54
C TYR B 195 -4.56 33.05 22.88
N TRP B 196 -5.05 34.04 23.62
CA TRP B 196 -5.86 35.10 23.02
C TRP B 196 -5.03 35.92 22.05
N TRP B 197 -3.92 36.46 22.57
CA TRP B 197 -3.10 37.39 21.79
C TRP B 197 -2.25 36.66 20.73
N ASN B 198 -1.74 35.46 21.05
CA ASN B 198 -0.84 34.74 20.13
C ASN B 198 -1.26 33.32 19.77
N ALA B 199 -2.53 33.16 19.44
CA ALA B 199 -3.03 31.86 19.01
C ALA B 199 -2.22 31.33 17.84
N ASP B 200 -1.70 32.22 17.00
CA ASP B 200 -0.99 31.80 15.79
C ASP B 200 0.35 31.13 16.09
N LYS B 201 0.91 31.37 17.28
CA LYS B 201 2.24 30.84 17.61
C LYS B 201 2.28 29.99 18.89
N TYR B 202 1.47 30.36 19.88
CA TYR B 202 1.32 29.56 21.10
C TYR B 202 0.26 28.47 20.93
N LEU B 203 0.65 27.22 21.09
CA LEU B 203 -0.26 26.09 20.87
C LEU B 203 -1.44 26.00 21.83
N GLY B 204 -1.32 26.62 23.01
CA GLY B 204 -2.41 26.63 23.98
C GLY B 204 -2.62 25.33 24.78
N PRO B 205 -3.20 25.44 25.99
CA PRO B 205 -3.33 24.36 26.96
C PRO B 205 -3.97 23.07 26.46
N ALA B 206 -4.97 23.17 25.59
CA ALA B 206 -5.67 21.98 25.12
C ALA B 206 -4.71 21.09 24.36
N VAL B 207 -4.08 21.66 23.33
CA VAL B 207 -3.14 20.92 22.50
C VAL B 207 -1.90 20.49 23.31
N LEU B 208 -1.39 21.38 24.16
CA LEU B 208 -0.18 21.08 24.95
C LEU B 208 -0.37 19.92 25.91
N MET B 209 -1.54 19.79 26.52
CA MET B 209 -1.80 18.64 27.36
C MET B 209 -1.79 17.39 26.50
N GLN B 210 -2.52 17.42 25.40
CA GLN B 210 -2.54 16.29 24.47
C GLN B 210 -1.16 15.90 23.94
N ALA B 211 -0.29 16.90 23.73
CA ALA B 211 1.06 16.63 23.29
C ALA B 211 1.72 15.77 24.35
N TYR B 212 1.64 16.25 25.59
CA TYR B 212 2.17 15.54 26.75
C TYR B 212 1.53 14.17 26.98
N ARG B 213 0.29 13.99 26.55
CA ARG B 213 -0.38 12.69 26.61
C ARG B 213 0.32 11.64 25.74
N TRP B 214 1.05 12.07 24.72
CA TRP B 214 1.82 11.15 23.86
C TRP B 214 3.29 11.05 24.26
N ILE B 215 3.77 12.05 24.98
CA ILE B 215 5.09 12.01 25.55
C ILE B 215 5.15 11.00 26.71
N ILE B 216 4.30 11.12 27.74
CA ILE B 216 4.36 10.16 28.87
C ILE B 216 3.66 8.82 28.62
N ASP B 217 3.21 8.57 27.40
CA ASP B 217 2.75 7.23 27.06
C ASP B 217 3.99 6.38 26.92
N SER B 218 4.11 5.36 27.76
CA SER B 218 5.31 4.51 27.80
C SER B 218 5.48 3.64 26.55
N ARG B 219 4.40 3.42 25.81
CA ARG B 219 4.46 2.63 24.57
C ARG B 219 4.95 3.49 23.39
N ASP B 220 5.12 4.79 23.63
CA ASP B 220 5.53 5.73 22.58
C ASP B 220 7.04 5.98 22.65
N ASP B 221 7.68 5.87 21.49
CA ASP B 221 9.12 6.01 21.40
C ASP B 221 9.56 7.45 21.10
N SER B 222 8.70 8.23 20.45
CA SER B 222 9.10 9.55 19.93
C SER B 222 9.09 10.70 20.94
N ALA B 223 9.07 10.41 22.23
CA ALA B 223 9.19 11.46 23.24
C ALA B 223 10.15 12.59 22.82
N ALA B 224 11.31 12.22 22.28
CA ALA B 224 12.36 13.17 21.90
C ALA B 224 11.93 14.16 20.83
N GLU B 225 11.27 13.65 19.80
CA GLU B 225 10.90 14.44 18.63
C GLU B 225 9.66 15.29 18.89
N ARG B 226 8.79 14.79 19.79
CA ARG B 226 7.60 15.51 20.22
C ARG B 226 7.98 16.79 20.95
N LEU B 227 8.95 16.67 21.85
CA LEU B 227 9.47 17.81 22.58
C LEU B 227 10.16 18.78 21.63
N ALA B 228 10.80 18.20 20.60
CA ALA B 228 11.55 18.96 19.58
C ALA B 228 10.68 19.94 18.80
N ARG B 229 9.42 19.57 18.57
CA ARG B 229 8.49 20.42 17.85
C ARG B 229 8.11 21.71 18.62
N MET B 230 8.11 21.64 19.95
CA MET B 230 7.76 22.81 20.78
C MET B 230 8.94 23.35 21.63
N GLN B 231 10.14 23.24 21.07
CA GLN B 231 11.38 23.78 21.66
C GLN B 231 11.43 25.31 21.68
N ASP B 232 10.97 25.93 20.60
CA ASP B 232 10.99 27.39 20.45
C ASP B 232 10.24 28.18 21.52
N GLY B 233 10.46 29.49 21.52
CA GLY B 233 10.01 30.39 22.59
C GLY B 233 8.52 30.63 22.71
N PHE B 234 7.75 30.28 21.68
CA PHE B 234 6.32 30.54 21.64
C PHE B 234 5.45 29.28 21.75
N SER B 235 5.86 28.20 21.10
CA SER B 235 5.05 26.98 21.02
C SER B 235 4.48 26.54 22.36
N ALA B 236 5.36 26.43 23.37
CA ALA B 236 4.96 26.07 24.74
C ALA B 236 5.35 27.11 25.77
N PHE B 237 6.53 27.73 25.60
CA PHE B 237 7.06 28.66 26.61
C PHE B 237 6.27 29.97 26.77
N LYS B 238 5.38 30.28 25.84
CA LYS B 238 4.49 31.44 25.99
C LYS B 238 3.34 31.20 26.96
N CYS B 239 3.32 30.04 27.61
CA CYS B 239 2.45 29.81 28.75
C CYS B 239 2.96 30.62 29.94
N HIS B 240 2.25 31.69 30.31
CA HIS B 240 2.65 32.55 31.42
C HIS B 240 2.04 32.15 32.78
N THR B 241 1.64 30.88 32.90
CA THR B 241 1.15 30.30 34.15
C THR B 241 0.03 31.13 34.78
N ILE B 242 -0.95 31.46 33.94
CA ILE B 242 -2.08 32.28 34.35
C ILE B 242 -3.10 31.45 35.14
N MET B 243 -3.32 30.20 34.70
CA MET B 243 -4.11 29.18 35.42
C MET B 243 -5.63 29.18 35.13
N ASN B 244 -6.06 29.99 34.17
CA ASN B 244 -7.45 29.95 33.72
C ASN B 244 -7.81 28.61 33.11
N CYS B 245 -6.85 27.98 32.42
CA CYS B 245 -7.12 26.72 31.75
C CYS B 245 -7.61 25.67 32.73
N THR B 246 -6.90 25.48 33.83
CA THR B 246 -7.26 24.47 34.83
C THR B 246 -8.52 24.83 35.61
N LYS B 247 -8.71 26.12 35.92
CA LYS B 247 -9.92 26.59 36.60
C LYS B 247 -11.18 26.27 35.82
N THR B 248 -11.17 26.58 34.52
CA THR B 248 -12.41 26.59 33.75
C THR B 248 -12.75 25.23 33.12
N CYS B 249 -11.78 24.34 33.00
CA CYS B 249 -12.03 23.08 32.31
C CYS B 249 -13.23 22.38 32.91
N PRO B 250 -14.28 22.18 32.11
CA PRO B 250 -15.51 21.56 32.60
C PRO B 250 -15.39 20.06 32.89
N LYS B 251 -14.31 19.43 32.43
CA LYS B 251 -14.05 18.03 32.72
C LYS B 251 -13.12 17.84 33.91
N HIS B 252 -12.88 18.92 34.65
CA HIS B 252 -12.07 18.89 35.85
C HIS B 252 -10.66 18.35 35.59
N LEU B 253 -10.12 18.69 34.43
CA LEU B 253 -8.74 18.37 34.09
C LEU B 253 -7.83 19.52 34.46
N ASN B 254 -6.52 19.28 34.31
CA ASN B 254 -5.49 20.24 34.71
C ASN B 254 -4.40 20.31 33.65
N PRO B 255 -4.60 21.17 32.62
CA PRO B 255 -3.57 21.44 31.60
C PRO B 255 -2.37 22.23 32.08
N ALA B 256 -2.56 23.16 33.03
CA ALA B 256 -1.40 23.88 33.59
C ALA B 256 -0.33 22.91 34.12
N ARG B 257 -0.79 21.87 34.82
CA ARG B 257 0.10 20.83 35.36
C ARG B 257 0.85 20.13 34.23
N ALA B 258 0.17 19.93 33.10
CA ALA B 258 0.77 19.28 31.94
C ALA B 258 1.73 20.18 31.16
N ILE B 259 1.42 21.47 31.14
CA ILE B 259 2.30 22.42 30.48
C ILE B 259 3.55 22.59 31.34
N GLY B 260 3.35 22.74 32.65
CA GLY B 260 4.47 22.77 33.58
C GLY B 260 5.39 21.58 33.40
N GLU B 261 4.79 20.40 33.22
CA GLU B 261 5.54 19.17 33.07
C GLU B 261 6.35 19.19 31.76
N ILE B 262 5.78 19.74 30.69
CA ILE B 262 6.47 19.88 29.41
C ILE B 262 7.67 20.83 29.51
N LYS B 263 7.54 21.86 30.33
CA LYS B 263 8.61 22.84 30.53
C LYS B 263 9.78 22.18 31.23
N MET B 264 9.47 21.42 32.28
CA MET B 264 10.48 20.67 33.02
C MET B 264 11.28 19.79 32.08
N LEU B 265 10.58 19.11 31.18
CA LEU B 265 11.20 18.26 30.17
C LEU B 265 12.02 19.05 29.12
N LEU B 266 11.51 20.21 28.70
CA LEU B 266 12.18 21.03 27.68
C LEU B 266 13.44 21.68 28.21
N THR B 267 13.49 21.90 29.53
CA THR B 267 14.64 22.50 30.21
C THR B 267 15.62 21.43 30.77
N LYS B 268 15.40 20.16 30.43
CA LYS B 268 16.22 19.05 30.90
C LYS B 268 16.20 18.87 32.43
N MET B 269 15.23 19.49 33.10
CA MET B 269 15.09 19.36 34.55
C MET B 269 14.48 18.01 34.91
N LYS B 270 13.90 17.34 33.92
CA LYS B 270 13.32 16.02 34.08
C LYS B 270 13.49 15.27 32.78
N THR B 271 13.45 13.94 32.85
CA THR B 271 13.35 13.13 31.66
C THR B 271 12.11 12.25 31.74
N LYS B 272 11.75 11.67 30.60
CA LYS B 272 10.71 10.66 30.56
C LYS B 272 11.34 9.36 31.08
N PRO B 273 10.61 8.60 31.90
CA PRO B 273 11.18 7.31 32.30
C PRO B 273 11.23 6.31 31.15
N ALA B 274 12.04 5.28 31.32
CA ALA B 274 12.11 4.19 30.36
C ALA B 274 10.91 3.28 30.56
N PRO B 275 10.41 2.66 29.47
CA PRO B 275 9.32 1.71 29.63
C PRO B 275 9.69 0.57 30.56
N LEU B 276 8.81 0.22 31.49
CA LEU B 276 9.02 -0.96 32.33
C LEU B 276 9.20 -2.16 31.39
N PRO B 277 10.19 -3.03 31.66
CA PRO B 277 10.54 -4.09 30.72
C PRO B 277 9.41 -5.08 30.54
N THR B 278 9.19 -5.51 29.30
CA THR B 278 8.11 -6.43 28.96
C THR B 278 8.47 -7.87 29.37
N PRO B 279 7.70 -8.45 30.32
CA PRO B 279 8.06 -9.76 30.89
C PRO B 279 8.19 -10.90 29.88
N ALA B 280 8.89 -11.97 30.27
CA ALA B 280 9.17 -13.10 29.38
C ALA B 280 7.92 -13.91 29.03
N ASN B 281 7.05 -14.10 30.02
CA ASN B 281 5.80 -14.87 29.85
C ASN B 281 4.66 -14.10 29.16
N PHE B 282 4.94 -12.87 28.71
CA PHE B 282 3.99 -12.05 27.93
C PHE B 282 3.87 -12.61 26.50
N GLU C 34 12.81 32.22 12.99
CA GLU C 34 12.14 31.28 12.04
C GLU C 34 10.92 30.64 12.72
N LYS C 35 10.02 30.08 11.92
CA LYS C 35 8.78 29.50 12.43
C LYS C 35 8.75 28.00 12.23
N THR C 36 7.99 27.33 13.10
CA THR C 36 7.62 25.93 12.90
C THR C 36 6.54 25.92 11.83
N PRO C 37 6.32 24.77 11.20
CA PRO C 37 5.37 24.77 10.09
C PRO C 37 3.94 25.20 10.47
N ILE C 38 3.47 24.75 11.64
CA ILE C 38 2.14 25.10 12.15
C ILE C 38 2.01 26.60 12.38
N GLN C 39 3.08 27.25 12.84
CA GLN C 39 3.07 28.71 13.04
C GLN C 39 2.94 29.49 11.71
N VAL C 40 3.43 28.89 10.63
CA VAL C 40 3.28 29.48 9.29
C VAL C 40 1.85 29.27 8.81
N TRP C 41 1.31 28.09 9.09
CA TRP C 41 -0.07 27.78 8.79
C TRP C 41 -1.00 28.68 9.58
N GLY C 42 -0.60 29.01 10.81
CA GLY C 42 -1.41 29.81 11.72
C GLY C 42 -1.49 31.26 11.27
N TRP C 43 -0.40 31.77 10.73
CA TRP C 43 -0.41 33.11 10.19
C TRP C 43 -1.41 33.19 9.04
N ASP C 44 -1.26 32.28 8.07
CA ASP C 44 -2.13 32.19 6.90
C ASP C 44 -3.59 32.06 7.30
N TYR C 45 -3.85 31.29 8.37
CA TYR C 45 -5.19 31.15 8.96
C TYR C 45 -5.72 32.51 9.42
N LEU C 46 -4.93 33.23 10.20
CA LEU C 46 -5.33 34.55 10.65
C LEU C 46 -5.65 35.43 9.44
N MET C 47 -4.73 35.51 8.48
CA MET C 47 -4.93 36.36 7.29
C MET C 47 -6.20 36.00 6.53
N ARG C 48 -6.48 34.70 6.45
CA ARG C 48 -7.77 34.21 5.96
C ARG C 48 -8.96 34.79 6.74
N GLN C 49 -8.90 34.74 8.07
CA GLN C 49 -9.99 35.20 8.91
C GLN C 49 -10.15 36.71 8.81
N ARG C 50 -9.03 37.41 8.73
CA ARG C 50 -9.05 38.85 8.45
C ARG C 50 -9.84 39.08 7.18
N ALA C 51 -9.43 38.36 6.13
CA ALA C 51 -10.03 38.49 4.79
C ALA C 51 -11.54 38.24 4.77
N LEU C 52 -12.01 37.30 5.59
CA LEU C 52 -13.43 37.00 5.69
C LEU C 52 -14.20 37.99 6.57
N LYS C 53 -13.60 39.14 6.86
CA LYS C 53 -14.28 40.21 7.60
C LYS C 53 -15.04 39.72 8.85
N ARG C 54 -14.49 38.73 9.53
CA ARG C 54 -15.15 38.10 10.68
C ARG C 54 -14.74 38.76 12.00
N PRO C 55 -15.74 39.01 12.90
CA PRO C 55 -15.50 39.58 14.24
C PRO C 55 -14.79 38.64 15.18
N ILE C 56 -14.16 39.20 16.21
CA ILE C 56 -13.47 38.42 17.26
C ILE C 56 -14.33 38.38 18.49
N ALA C 57 -14.52 37.19 19.04
CA ALA C 57 -15.43 37.03 20.17
C ALA C 57 -14.90 37.83 21.35
N PRO C 58 -15.75 38.57 22.06
CA PRO C 58 -15.36 39.32 23.26
C PRO C 58 -14.47 38.51 24.24
N HIS C 59 -13.53 39.19 24.88
CA HIS C 59 -12.60 38.53 25.81
C HIS C 59 -12.51 39.21 27.19
N LEU C 60 -11.75 40.31 27.29
CA LEU C 60 -11.54 41.00 28.57
C LEU C 60 -12.84 41.60 29.08
N THR C 61 -13.55 42.26 28.18
CA THR C 61 -14.85 42.85 28.44
C THR C 61 -15.89 41.88 29.03
N ILE C 62 -15.75 40.57 28.77
CA ILE C 62 -16.80 39.61 29.18
C ILE C 62 -16.37 38.51 30.14
N TYR C 63 -15.06 38.27 30.29
CA TYR C 63 -14.61 37.12 31.07
C TYR C 63 -14.66 37.41 32.57
N LYS C 64 -15.21 36.46 33.34
CA LYS C 64 -15.43 36.63 34.79
C LYS C 64 -14.10 36.81 35.51
N PRO C 65 -13.90 37.96 36.16
CA PRO C 65 -12.64 38.13 36.88
C PRO C 65 -12.44 37.04 37.93
N GLN C 66 -11.25 36.44 37.95
CA GLN C 66 -10.94 35.33 38.83
C GLN C 66 -9.59 35.57 39.46
N MET C 67 -9.31 34.85 40.54
CA MET C 67 -8.03 34.93 41.23
C MET C 67 -6.87 34.39 40.38
N THR C 68 -7.21 33.62 39.36
CA THR C 68 -6.22 33.10 38.44
C THR C 68 -5.65 34.21 37.56
N TRP C 69 -6.49 34.84 36.74
CA TRP C 69 -6.01 35.81 35.74
C TRP C 69 -5.88 37.27 36.22
N MET C 70 -6.58 37.63 37.29
CA MET C 70 -6.36 38.93 37.93
C MET C 70 -4.99 39.01 38.59
N VAL C 71 -4.62 37.96 39.29
CA VAL C 71 -3.32 37.93 39.95
C VAL C 71 -2.18 37.94 38.92
N SER C 72 -2.27 37.15 37.86
CA SER C 72 -1.29 37.26 36.78
C SER C 72 -1.21 38.70 36.31
N GLY C 73 -2.36 39.27 35.96
CA GLY C 73 -2.44 40.67 35.56
C GLY C 73 -1.77 41.64 36.54
N LEU C 74 -1.88 41.33 37.83
CA LEU C 74 -1.26 42.15 38.88
C LEU C 74 0.25 41.95 38.92
N HIS C 75 0.69 40.70 38.81
CA HIS C 75 2.11 40.37 38.78
C HIS C 75 2.82 41.12 37.67
N ARG C 76 2.19 41.16 36.49
CA ARG C 76 2.68 41.96 35.37
C ARG C 76 2.63 43.46 35.67
N VAL C 77 1.46 43.96 36.03
CA VAL C 77 1.31 45.39 36.34
C VAL C 77 2.37 45.87 37.34
N THR C 78 2.51 45.15 38.46
CA THR C 78 3.51 45.49 39.48
C THR C 78 4.92 45.39 38.88
N GLY C 79 5.22 44.29 38.20
CA GLY C 79 6.53 44.12 37.58
C GLY C 79 6.86 45.28 36.67
N CYS C 80 5.96 45.58 35.74
CA CYS C 80 6.18 46.64 34.78
C CYS C 80 6.22 48.01 35.43
N ALA C 81 5.29 48.28 36.35
CA ALA C 81 5.23 49.57 37.03
C ALA C 81 6.58 49.91 37.67
N MET C 82 7.22 48.90 38.25
CA MET C 82 8.50 49.09 38.92
C MET C 82 9.59 49.50 37.91
N ALA C 83 9.72 48.73 36.83
CA ALA C 83 10.70 49.05 35.79
C ALA C 83 10.48 50.48 35.29
N GLY C 84 9.24 50.77 34.88
CA GLY C 84 8.87 52.11 34.47
C GLY C 84 9.25 53.20 35.47
N THR C 85 9.12 52.90 36.76
CA THR C 85 9.54 53.84 37.79
C THR C 85 11.06 53.94 37.79
N LEU C 86 11.74 52.80 37.69
CA LEU C 86 13.21 52.82 37.59
C LEU C 86 13.73 53.56 36.34
N LEU C 87 13.00 53.49 35.23
CA LEU C 87 13.39 54.19 34.00
C LEU C 87 13.11 55.68 34.09
N ILE C 88 11.85 56.04 34.39
CA ILE C 88 11.48 57.45 34.58
C ILE C 88 12.27 58.07 35.75
N GLY C 89 12.72 57.26 36.69
CA GLY C 89 13.59 57.73 37.77
C GLY C 89 14.98 58.03 37.26
N GLY C 90 15.70 56.98 36.90
CA GLY C 90 17.11 57.10 36.51
C GLY C 90 17.33 58.06 35.37
N VAL C 91 16.59 57.85 34.28
CA VAL C 91 16.68 58.73 33.12
C VAL C 91 16.11 60.12 33.45
N GLY C 92 15.05 60.17 34.25
CA GLY C 92 14.44 61.45 34.61
C GLY C 92 15.37 62.43 35.33
N PHE C 93 15.89 62.02 36.48
CA PHE C 93 16.71 62.91 37.30
C PHE C 93 18.06 63.29 36.69
N SER C 94 18.47 62.56 35.64
CA SER C 94 19.64 62.94 34.87
C SER C 94 19.30 64.08 33.93
N VAL C 95 18.34 63.83 33.05
CA VAL C 95 17.97 64.78 32.00
C VAL C 95 17.44 66.11 32.57
N LEU C 96 16.91 66.09 33.79
CA LEU C 96 16.41 67.31 34.43
C LEU C 96 17.49 68.01 35.26
N PRO C 97 17.33 69.32 35.49
CA PRO C 97 18.23 70.02 36.41
C PRO C 97 18.02 69.57 37.85
N LEU C 98 16.76 69.35 38.20
CA LEU C 98 16.36 68.87 39.53
C LEU C 98 17.00 67.54 39.89
N ASP C 99 17.42 67.39 41.15
CA ASP C 99 17.91 66.11 41.65
C ASP C 99 17.01 65.58 42.78
N PHE C 100 17.30 64.37 43.24
CA PHE C 100 16.41 63.65 44.17
C PHE C 100 16.32 64.27 45.56
N THR C 101 17.40 64.87 46.05
CA THR C 101 17.41 65.51 47.36
C THR C 101 16.45 66.71 47.39
N THR C 102 16.56 67.58 46.40
CA THR C 102 15.69 68.76 46.31
C THR C 102 14.24 68.38 45.93
N PHE C 103 14.04 67.16 45.39
CA PHE C 103 12.70 66.62 45.19
C PHE C 103 12.06 66.24 46.52
N VAL C 104 12.78 65.49 47.34
CA VAL C 104 12.26 65.08 48.66
C VAL C 104 11.92 66.32 49.51
N GLU C 105 12.77 67.35 49.45
CA GLU C 105 12.48 68.63 50.10
C GLU C 105 11.16 69.24 49.63
N PHE C 106 10.94 69.24 48.32
CA PHE C 106 9.71 69.82 47.75
C PHE C 106 8.45 69.19 48.34
N ILE C 107 8.41 67.86 48.41
CA ILE C 107 7.20 67.16 48.89
C ILE C 107 7.10 67.21 50.42
N ARG C 108 8.25 67.19 51.11
CA ARG C 108 8.32 67.39 52.56
C ARG C 108 7.67 68.71 52.94
N GLY C 109 8.04 69.76 52.19
CA GLY C 109 7.51 71.11 52.39
C GLY C 109 6.06 71.32 52.00
N LEU C 110 5.43 70.31 51.40
CA LEU C 110 3.98 70.31 51.16
C LEU C 110 3.18 69.95 52.42
N GLY C 111 3.88 69.56 53.48
CA GLY C 111 3.27 69.32 54.79
C GLY C 111 1.98 68.53 54.73
N ILE C 112 2.07 67.28 54.27
CA ILE C 112 0.90 66.44 54.09
C ILE C 112 0.90 65.34 55.16
N PRO C 113 -0.30 64.92 55.61
CA PRO C 113 -0.41 64.13 56.86
C PRO C 113 0.23 62.74 56.82
N TRP C 114 0.79 62.33 57.96
CA TRP C 114 1.51 61.06 58.07
C TRP C 114 0.74 59.84 57.54
N VAL C 115 -0.58 59.85 57.73
CA VAL C 115 -1.40 58.75 57.27
C VAL C 115 -1.32 58.64 55.76
N ILE C 116 -1.32 59.79 55.08
CA ILE C 116 -1.22 59.80 53.63
C ILE C 116 0.18 59.44 53.14
N LEU C 117 1.22 59.91 53.83
CA LEU C 117 2.60 59.58 53.44
C LEU C 117 2.86 58.08 53.58
N ASP C 118 2.51 57.52 54.73
CA ASP C 118 2.72 56.09 54.98
C ASP C 118 1.90 55.19 54.05
N THR C 119 0.79 55.71 53.51
CA THR C 119 0.05 55.02 52.46
C THR C 119 0.87 54.92 51.18
N PHE C 120 1.49 56.03 50.78
CA PHE C 120 2.34 56.04 49.59
C PHE C 120 3.51 55.07 49.73
N LYS C 121 4.01 54.92 50.95
CA LYS C 121 5.08 53.96 51.23
C LYS C 121 4.58 52.52 51.10
N PHE C 122 3.36 52.27 51.56
CA PHE C 122 2.72 50.96 51.38
C PHE C 122 2.59 50.66 49.89
N ILE C 123 2.04 51.64 49.16
CA ILE C 123 1.86 51.53 47.71
C ILE C 123 3.19 51.22 47.03
N ILE C 124 4.29 51.71 47.58
CA ILE C 124 5.62 51.41 47.04
C ILE C 124 6.15 50.04 47.49
N ALA C 125 5.89 49.65 48.73
CA ALA C 125 6.39 48.37 49.24
C ALA C 125 5.67 47.18 48.61
N PHE C 126 4.37 47.33 48.39
CA PHE C 126 3.52 46.22 47.93
C PHE C 126 3.93 45.65 46.57
N PRO C 127 4.04 46.49 45.54
CA PRO C 127 4.52 46.00 44.25
C PRO C 127 5.74 45.10 44.41
N ILE C 128 6.69 45.51 45.23
CA ILE C 128 7.94 44.76 45.44
C ILE C 128 7.65 43.48 46.21
N ALA C 129 6.88 43.60 47.28
CA ALA C 129 6.55 42.45 48.14
C ALA C 129 5.79 41.38 47.36
N PHE C 130 4.67 41.80 46.79
CA PHE C 130 3.79 40.87 46.10
C PHE C 130 4.49 40.21 44.92
N HIS C 131 5.17 41.03 44.12
CA HIS C 131 5.80 40.51 42.90
C HIS C 131 6.87 39.50 43.23
N THR C 132 7.63 39.77 44.28
CA THR C 132 8.72 38.90 44.71
C THR C 132 8.15 37.59 45.23
N LEU C 133 7.11 37.69 46.05
CA LEU C 133 6.42 36.50 46.55
C LEU C 133 5.79 35.72 45.40
N ASN C 134 4.91 36.39 44.66
CA ASN C 134 4.20 35.72 43.58
C ASN C 134 5.17 35.20 42.52
N GLY C 135 6.27 35.91 42.32
CA GLY C 135 7.35 35.42 41.48
C GLY C 135 7.72 33.98 41.79
N ILE C 136 7.89 33.65 43.07
CA ILE C 136 8.35 32.29 43.44
C ILE C 136 7.20 31.28 43.26
N ARG C 137 5.96 31.73 43.45
CA ARG C 137 4.76 30.91 43.17
C ARG C 137 4.72 30.50 41.70
N PHE C 138 4.95 31.46 40.82
CA PHE C 138 4.95 31.22 39.36
C PHE C 138 6.09 30.30 38.90
N ILE C 139 7.23 30.35 39.56
CA ILE C 139 8.28 29.39 39.27
C ILE C 139 7.82 27.98 39.66
N GLY C 140 7.07 27.88 40.76
CA GLY C 140 6.47 26.61 41.17
C GLY C 140 5.58 26.04 40.09
N PHE C 141 4.65 26.86 39.60
CA PHE C 141 3.82 26.49 38.46
C PHE C 141 4.68 26.01 37.30
N ASP C 142 5.70 26.79 36.96
CA ASP C 142 6.62 26.43 35.89
C ASP C 142 7.26 25.06 36.10
N MET C 143 7.19 24.53 37.31
CA MET C 143 7.72 23.19 37.58
C MET C 143 6.59 22.20 37.92
N ALA C 144 5.38 22.50 37.44
CA ALA C 144 4.18 21.68 37.68
C ALA C 144 3.82 21.54 39.15
N LYS C 145 4.27 22.48 39.99
CA LYS C 145 4.03 22.40 41.43
C LYS C 145 2.82 23.22 41.85
N GLY C 146 1.88 22.55 42.50
CA GLY C 146 0.76 23.22 43.18
C GLY C 146 -0.24 23.78 42.22
N THR C 147 -0.47 23.06 41.13
CA THR C 147 -1.28 23.55 40.00
C THR C 147 -2.77 23.19 40.08
N ASP C 148 -3.15 22.48 41.14
CA ASP C 148 -4.57 22.18 41.39
C ASP C 148 -5.27 23.41 41.95
N ILE C 149 -6.58 23.46 41.75
CA ILE C 149 -7.38 24.66 42.00
C ILE C 149 -7.38 25.09 43.47
N PRO C 150 -7.49 24.13 44.40
CA PRO C 150 -7.32 24.46 45.81
C PRO C 150 -5.99 25.16 46.09
N SER C 151 -4.89 24.57 45.62
CA SER C 151 -3.56 25.13 45.81
C SER C 151 -3.39 26.46 45.11
N ILE C 152 -3.85 26.52 43.86
CA ILE C 152 -3.89 27.77 43.10
C ILE C 152 -4.55 28.88 43.91
N TYR C 153 -5.68 28.57 44.53
CA TYR C 153 -6.42 29.57 45.29
C TYR C 153 -5.78 29.89 46.66
N ARG C 154 -5.25 28.88 47.36
CA ARG C 154 -4.57 29.15 48.62
C ARG C 154 -3.32 30.00 48.36
N GLY C 155 -2.49 29.55 47.43
CA GLY C 155 -1.33 30.33 46.95
C GLY C 155 -1.63 31.80 46.65
N ALA C 156 -2.69 32.04 45.89
CA ALA C 156 -3.11 33.39 45.56
C ALA C 156 -3.43 34.21 46.80
N TYR C 157 -4.17 33.63 47.73
CA TYR C 157 -4.50 34.32 48.99
C TYR C 157 -3.26 34.45 49.86
N LEU C 158 -2.56 33.35 50.06
CA LEU C 158 -1.33 33.34 50.86
C LEU C 158 -0.40 34.48 50.43
N VAL C 159 -0.14 34.59 49.12
CA VAL C 159 0.80 35.60 48.59
C VAL C 159 0.28 37.04 48.71
N LEU C 160 -1.01 37.27 48.43
CA LEU C 160 -1.62 38.58 48.69
C LEU C 160 -1.54 38.97 50.18
N GLY C 161 -1.62 37.96 51.05
CA GLY C 161 -1.57 38.18 52.49
C GLY C 161 -0.22 38.65 52.96
N LEU C 162 0.77 37.76 52.91
CA LEU C 162 2.14 38.06 53.29
C LEU C 162 2.64 39.39 52.71
N ALA C 163 2.31 39.65 51.45
CA ALA C 163 2.69 40.91 50.79
C ALA C 163 2.09 42.14 51.49
N ALA C 164 0.85 42.02 51.93
CA ALA C 164 0.20 43.13 52.64
C ALA C 164 0.76 43.26 54.06
N LEU C 165 0.88 42.13 54.75
CA LEU C 165 1.55 42.05 56.06
C LEU C 165 2.94 42.67 56.00
N ILE C 166 3.76 42.22 55.05
CA ILE C 166 5.13 42.73 54.93
C ILE C 166 5.15 44.22 54.58
N SER C 167 4.38 44.64 53.58
CA SER C 167 4.25 46.07 53.25
C SER C 167 3.83 46.92 54.44
N LEU C 168 2.91 46.40 55.24
CA LEU C 168 2.41 47.14 56.41
C LEU C 168 3.46 47.15 57.51
N ALA C 169 4.09 46.00 57.74
CA ALA C 169 5.20 45.88 58.70
C ALA C 169 6.25 46.96 58.44
N VAL C 170 6.65 47.05 57.18
CA VAL C 170 7.74 47.89 56.75
C VAL C 170 7.43 49.39 56.78
N VAL C 171 6.15 49.74 56.75
CA VAL C 171 5.72 51.13 56.84
C VAL C 171 5.47 51.51 58.30
N VAL C 172 4.76 50.65 59.01
CA VAL C 172 4.25 50.95 60.36
C VAL C 172 5.33 50.86 61.43
N TYR C 173 6.06 49.75 61.48
CA TYR C 173 7.09 49.58 62.53
C TYR C 173 8.00 50.81 62.71
N PRO C 174 8.62 51.32 61.62
CA PRO C 174 9.43 52.56 61.72
C PRO C 174 8.66 53.80 62.17
N ARG C 175 7.47 53.99 61.62
CA ARG C 175 6.60 55.10 62.04
C ARG C 175 6.18 54.97 63.51
N TRP C 176 6.11 53.75 64.01
CA TRP C 176 5.84 53.50 65.42
C TRP C 176 7.03 53.90 66.27
N GLU C 177 8.24 53.68 65.76
CA GLU C 177 9.48 54.14 66.40
C GLU C 177 9.56 55.68 66.45
N ARG C 178 9.05 56.34 65.42
CA ARG C 178 9.00 57.81 65.39
C ARG C 178 7.96 58.41 66.35
N HIS C 179 7.03 57.60 66.85
CA HIS C 179 6.12 58.02 67.91
C HIS C 179 6.73 57.72 69.28
N LYS C 180 7.50 56.62 69.38
CA LYS C 180 8.29 56.31 70.58
C LYS C 180 9.44 57.29 70.81
N LYS C 181 9.66 58.22 69.87
CA LYS C 181 10.64 59.30 70.04
C LYS C 181 10.00 60.67 70.29
N ALA C 182 8.81 60.91 69.72
CA ALA C 182 8.10 62.18 69.92
C ALA C 182 7.72 62.33 71.39
N THR C 183 6.99 61.35 71.91
CA THR C 183 6.63 61.31 73.33
C THR C 183 7.36 60.14 74.01
N LEU C 184 8.38 60.46 74.81
CA LEU C 184 9.21 59.41 75.43
C LEU C 184 9.89 59.88 76.72
N PRO C 185 10.03 58.96 77.69
CA PRO C 185 11.00 59.18 78.77
C PRO C 185 12.45 59.14 78.22
N THR C 186 13.24 60.15 78.57
CA THR C 186 14.59 60.38 78.00
C THR C 186 14.50 60.98 76.60
N THR D 28 -28.83 26.12 -10.68
CA THR D 28 -28.48 24.81 -11.30
C THR D 28 -27.02 24.42 -11.02
N SER D 29 -26.74 23.18 -11.37
CA SER D 29 -25.45 22.61 -11.25
C SER D 29 -24.73 22.86 -12.52
N ALA D 30 -24.21 24.05 -12.67
CA ALA D 30 -23.27 24.34 -13.73
C ALA D 30 -22.12 25.01 -13.01
N ALA D 31 -21.41 24.14 -12.30
CA ALA D 31 -20.53 24.42 -11.21
C ALA D 31 -19.19 24.74 -11.70
N VAL D 32 -18.25 24.85 -10.79
CA VAL D 32 -16.87 24.96 -11.15
C VAL D 32 -16.11 24.07 -10.20
N THR D 33 -15.01 23.51 -10.66
CA THR D 33 -14.19 22.61 -9.87
C THR D 33 -13.52 23.28 -8.71
N GLY D 34 -13.49 22.61 -7.57
CA GLY D 34 -13.02 23.19 -6.32
C GLY D 34 -11.77 22.56 -5.80
N ALA D 35 -11.09 23.27 -4.89
CA ALA D 35 -9.87 22.80 -4.21
C ALA D 35 -10.19 22.27 -2.82
N ALA D 36 -9.28 21.47 -2.29
CA ALA D 36 -9.43 20.91 -0.95
C ALA D 36 -9.27 22.02 0.08
N PRO D 37 -9.90 21.86 1.25
CA PRO D 37 -9.84 22.92 2.26
C PRO D 37 -8.48 23.06 2.93
N PRO D 38 -8.24 24.18 3.62
CA PRO D 38 -7.00 24.32 4.37
C PRO D 38 -6.91 23.27 5.47
N GLN D 39 -5.84 22.49 5.44
CA GLN D 39 -5.71 21.32 6.29
C GLN D 39 -4.24 21.08 6.53
N PHE D 40 -3.85 20.98 7.80
CA PHE D 40 -2.44 20.95 8.14
C PHE D 40 -1.92 19.51 8.14
N ASP D 41 -1.15 19.18 7.11
CA ASP D 41 -0.56 17.85 6.97
C ASP D 41 0.66 17.78 7.89
N PRO D 42 0.55 17.05 9.00
CA PRO D 42 1.65 17.07 9.96
C PRO D 42 2.89 16.32 9.49
N ILE D 43 2.72 15.32 8.62
CA ILE D 43 3.84 14.58 8.03
C ILE D 43 4.54 15.39 6.94
N ALA D 44 3.75 15.96 6.04
CA ALA D 44 4.27 16.77 4.93
C ALA D 44 4.98 18.04 5.40
N ALA D 45 4.67 18.46 6.63
CA ALA D 45 5.36 19.58 7.26
C ALA D 45 6.56 19.10 8.09
N GLU D 46 6.93 17.83 7.94
CA GLU D 46 8.01 17.23 8.73
C GLU D 46 9.29 17.04 7.91
N LYS D 47 9.27 17.46 6.63
CA LYS D 47 10.38 17.20 5.70
C LYS D 47 11.23 18.47 5.52
N GLY D 48 12.28 18.59 6.33
CA GLY D 48 13.11 19.79 6.35
C GLY D 48 13.10 20.49 7.70
N PHE D 49 12.14 20.14 8.56
CA PHE D 49 12.06 20.70 9.90
C PHE D 49 12.99 19.97 10.88
N LYS D 50 14.29 20.23 10.74
CA LYS D 50 15.28 19.84 11.73
C LYS D 50 15.54 20.91 12.79
N PRO D 51 15.48 22.21 12.40
CA PRO D 51 16.26 23.20 13.16
C PRO D 51 16.12 23.15 14.68
N LEU D 52 17.28 23.07 15.36
CA LEU D 52 17.38 23.11 16.82
C LEU D 52 17.62 24.55 17.27
N HIS D 53 16.62 25.13 17.92
CA HIS D 53 16.70 26.52 18.37
C HIS D 53 16.34 26.58 19.86
N SER D 54 16.66 25.49 20.57
CA SER D 54 16.09 25.20 21.88
C SER D 54 16.10 26.39 22.85
N HIS D 55 14.93 27.00 23.05
CA HIS D 55 14.76 28.10 24.00
C HIS D 55 14.74 27.58 25.44
N GLY D 56 14.88 26.26 25.60
CA GLY D 56 14.80 25.62 26.91
C GLY D 56 15.86 26.04 27.89
N THR D 57 17.10 26.13 27.44
CA THR D 57 18.20 26.49 28.33
C THR D 57 18.09 27.93 28.81
N LEU D 58 17.63 28.83 27.94
CA LEU D 58 17.43 30.24 28.30
C LEU D 58 16.32 30.37 29.35
N PHE D 59 15.17 29.75 29.08
CA PHE D 59 14.07 29.73 30.03
C PHE D 59 14.52 29.22 31.42
N LYS D 60 15.49 28.31 31.45
CA LYS D 60 16.02 27.81 32.71
C LYS D 60 16.72 28.90 33.52
N ILE D 61 17.66 29.61 32.89
CA ILE D 61 18.51 30.57 33.62
C ILE D 61 17.70 31.78 34.06
N GLU D 62 16.70 32.16 33.26
CA GLU D 62 15.77 33.21 33.62
C GLU D 62 15.15 32.98 35.00
N ARG D 63 14.77 31.74 35.29
CA ARG D 63 14.09 31.41 36.55
C ARG D 63 15.10 31.24 37.68
N TYR D 64 16.26 30.67 37.37
CA TYR D 64 17.34 30.58 38.36
C TYR D 64 17.71 31.99 38.80
N PHE D 65 17.86 32.88 37.82
CA PHE D 65 18.17 34.27 38.13
C PHE D 65 17.11 34.90 39.02
N ALA D 66 15.84 34.63 38.73
CA ALA D 66 14.76 35.13 39.57
C ALA D 66 14.89 34.58 41.01
N ALA D 67 15.01 33.26 41.12
CA ALA D 67 15.21 32.62 42.42
C ALA D 67 16.41 33.23 43.16
N ALA D 68 17.51 33.43 42.43
CA ALA D 68 18.71 34.06 42.99
C ALA D 68 18.42 35.45 43.55
N MET D 69 17.52 36.19 42.90
CA MET D 69 17.12 37.51 43.38
C MET D 69 16.25 37.47 44.62
N VAL D 70 15.67 36.32 44.94
CA VAL D 70 14.80 36.21 46.11
C VAL D 70 15.52 36.69 47.36
N PRO D 71 16.68 36.09 47.71
CA PRO D 71 17.38 36.58 48.91
C PRO D 71 17.84 38.03 48.79
N LEU D 72 18.24 38.42 47.58
CA LEU D 72 18.78 39.77 47.33
C LEU D 72 17.83 40.91 47.73
N ILE D 73 16.52 40.69 47.69
CA ILE D 73 15.58 41.76 48.02
C ILE D 73 15.52 42.10 49.52
N PRO D 74 15.39 41.09 50.41
CA PRO D 74 15.47 41.42 51.85
C PRO D 74 16.89 41.83 52.30
N ALA D 75 17.91 41.21 51.71
CA ALA D 75 19.28 41.67 51.86
C ALA D 75 19.34 43.18 51.62
N ALA D 76 18.64 43.65 50.59
CA ALA D 76 18.62 45.08 50.27
C ALA D 76 17.78 45.90 51.23
N TYR D 77 16.92 45.26 52.01
CA TYR D 77 16.21 45.95 53.09
C TYR D 77 17.15 46.35 54.21
N PHE D 78 17.95 45.37 54.65
CA PHE D 78 18.82 45.53 55.81
C PHE D 78 20.11 46.25 55.43
N ILE D 79 20.91 45.66 54.54
CA ILE D 79 22.21 46.25 54.18
C ILE D 79 22.03 47.27 53.05
N HIS D 80 22.69 48.42 53.17
CA HIS D 80 22.54 49.53 52.21
C HIS D 80 23.90 49.91 51.62
N GLY D 81 23.97 51.06 50.94
CA GLY D 81 25.24 51.60 50.45
C GLY D 81 25.37 51.55 48.95
N ARG D 82 26.58 51.81 48.46
CA ARG D 82 26.82 52.01 47.02
C ARG D 82 27.04 50.74 46.21
N GLU D 83 27.22 49.62 46.89
CA GLU D 83 27.45 48.33 46.23
C GLU D 83 26.16 47.51 46.15
N MET D 84 25.30 47.59 47.15
CA MET D 84 23.94 47.05 47.01
C MET D 84 23.22 47.82 45.91
N ASP D 85 23.39 49.14 45.91
CA ASP D 85 22.93 49.99 44.81
C ASP D 85 23.39 49.47 43.46
N LEU D 86 24.58 48.86 43.43
CA LEU D 86 25.20 48.37 42.19
C LEU D 86 24.72 46.97 41.84
N CYS D 87 24.58 46.10 42.84
CA CYS D 87 24.04 44.75 42.64
C CYS D 87 22.58 44.81 42.17
N LEU D 88 21.79 45.61 42.88
CA LEU D 88 20.42 45.87 42.49
C LEU D 88 20.36 46.40 41.06
N ALA D 89 21.16 47.42 40.76
CA ALA D 89 21.20 48.03 39.43
C ALA D 89 21.42 46.99 38.36
N LEU D 90 22.38 46.08 38.58
CA LEU D 90 22.70 45.06 37.59
C LEU D 90 21.61 44.03 37.47
N ALA D 91 21.31 43.35 38.58
CA ALA D 91 20.39 42.24 38.54
C ALA D 91 19.01 42.68 38.07
N LEU D 92 18.53 43.82 38.58
CA LEU D 92 17.24 44.34 38.11
C LEU D 92 17.29 44.58 36.62
N THR D 93 18.35 45.24 36.15
CA THR D 93 18.48 45.55 34.74
C THR D 93 18.36 44.28 33.88
N LEU D 94 19.04 43.22 34.30
CA LEU D 94 19.05 41.96 33.55
C LEU D 94 17.69 41.25 33.60
N HIS D 95 17.16 41.13 34.80
CA HIS D 95 15.86 40.51 35.00
C HIS D 95 14.73 41.30 34.32
N VAL D 96 14.83 42.61 34.32
CA VAL D 96 13.85 43.48 33.64
C VAL D 96 13.96 43.39 32.12
N HIS D 97 15.20 43.23 31.62
CA HIS D 97 15.46 43.05 30.19
C HIS D 97 14.72 41.83 29.65
N TRP D 98 14.83 40.72 30.41
CA TRP D 98 14.15 39.47 30.07
C TRP D 98 12.65 39.57 30.21
N GLY D 99 12.20 40.30 31.23
CA GLY D 99 10.79 40.59 31.42
C GLY D 99 10.14 41.35 30.27
N VAL D 100 10.58 42.59 30.04
CA VAL D 100 9.99 43.44 28.98
C VAL D 100 10.05 42.78 27.61
N TRP D 101 11.10 41.99 27.37
CA TRP D 101 11.21 41.21 26.15
C TRP D 101 9.94 40.37 25.92
N GLY D 102 9.53 39.62 26.94
CA GLY D 102 8.32 38.79 26.88
C GLY D 102 7.04 39.60 26.76
N VAL D 103 6.97 40.73 27.46
CA VAL D 103 5.78 41.59 27.45
C VAL D 103 5.63 42.21 26.08
N VAL D 104 6.76 42.56 25.49
CA VAL D 104 6.78 43.05 24.11
C VAL D 104 6.37 41.91 23.18
N ASN D 105 6.94 40.73 23.37
CA ASN D 105 6.58 39.60 22.51
C ASN D 105 5.14 39.16 22.64
N ASP D 106 4.51 39.45 23.78
CA ASP D 106 3.08 39.19 23.94
C ASP D 106 2.26 40.20 23.14
N TYR D 107 2.49 41.49 23.39
CA TYR D 107 1.61 42.53 22.84
C TYR D 107 2.07 43.16 21.53
N GLY D 108 3.34 42.99 21.17
CA GLY D 108 3.90 43.62 19.97
C GLY D 108 3.64 42.80 18.72
N ARG D 109 2.38 42.48 18.48
CA ARG D 109 2.01 41.43 17.56
C ARG D 109 1.91 41.92 16.14
N PRO D 110 2.50 41.18 15.18
CA PRO D 110 2.44 41.67 13.82
C PRO D 110 1.02 41.67 13.25
N PHE D 111 0.13 40.80 13.76
CA PHE D 111 -1.25 40.77 13.26
C PHE D 111 -2.00 42.07 13.60
N VAL D 112 -1.63 42.72 14.71
CA VAL D 112 -2.27 43.96 15.11
C VAL D 112 -1.43 45.20 14.78
N LEU D 113 -0.14 45.02 14.47
CA LEU D 113 0.76 46.16 14.22
C LEU D 113 1.44 46.18 12.84
N GLY D 114 1.21 45.17 12.02
CA GLY D 114 2.01 44.98 10.84
C GLY D 114 3.44 44.59 11.19
N ASP D 115 4.15 44.01 10.22
CA ASP D 115 5.48 43.44 10.45
C ASP D 115 6.55 44.42 10.94
N THR D 116 6.59 45.66 10.43
CA THR D 116 7.72 46.57 10.74
C THR D 116 7.56 47.35 12.05
N LEU D 117 6.34 47.74 12.40
CA LEU D 117 6.12 48.35 13.71
C LEU D 117 6.35 47.33 14.83
N ALA D 118 6.10 46.05 14.53
CA ALA D 118 6.37 44.96 15.48
C ALA D 118 7.87 44.87 15.73
N ALA D 119 8.63 44.80 14.65
CA ALA D 119 10.10 44.81 14.71
C ALA D 119 10.62 46.02 15.50
N ALA D 120 10.03 47.19 15.24
CA ALA D 120 10.42 48.41 15.95
C ALA D 120 10.26 48.28 17.48
N VAL D 121 9.17 47.66 17.90
CA VAL D 121 8.86 47.48 19.33
C VAL D 121 9.83 46.47 19.98
N ARG D 122 10.09 45.38 19.28
CA ARG D 122 11.14 44.43 19.68
C ARG D 122 12.47 45.13 19.93
N VAL D 123 12.88 45.99 18.99
CA VAL D 123 14.07 46.82 19.14
C VAL D 123 13.98 47.73 20.36
N GLY D 124 12.79 48.29 20.59
CA GLY D 124 12.52 49.12 21.77
C GLY D 124 12.71 48.44 23.11
N ALA D 125 12.64 47.11 23.13
CA ALA D 125 12.94 46.33 24.35
C ALA D 125 14.43 46.41 24.71
N TYR D 126 15.28 46.45 23.70
CA TYR D 126 16.73 46.61 23.88
C TYR D 126 17.08 48.07 24.22
N ILE D 127 16.44 49.02 23.54
CA ILE D 127 16.61 50.43 23.88
C ILE D 127 16.17 50.64 25.33
N PHE D 128 15.12 49.93 25.75
CA PHE D 128 14.56 50.08 27.11
C PHE D 128 15.51 49.57 28.17
N THR D 129 16.13 48.43 27.91
CA THR D 129 17.11 47.87 28.82
C THR D 129 18.32 48.81 28.95
N ALA D 130 18.82 49.28 27.81
CA ALA D 130 20.03 50.10 27.78
C ALA D 130 19.87 51.49 28.43
N CYS D 131 18.69 52.10 28.29
CA CYS D 131 18.43 53.37 28.97
C CYS D 131 18.25 53.15 30.47
N LEU D 132 17.68 52.00 30.84
CA LEU D 132 17.43 51.66 32.23
C LEU D 132 18.74 51.63 33.00
N LEU D 133 19.67 50.82 32.52
CA LEU D 133 20.99 50.69 33.14
C LEU D 133 21.71 52.04 33.19
N ALA D 134 21.84 52.70 32.04
CA ALA D 134 22.44 54.03 31.98
C ALA D 134 21.79 54.95 33.00
N GLY D 135 20.47 54.88 33.11
CA GLY D 135 19.75 55.71 34.06
C GLY D 135 20.03 55.37 35.51
N LEU D 136 20.17 54.09 35.82
CA LEU D 136 20.52 53.66 37.17
C LEU D 136 21.99 53.91 37.51
N LEU D 137 22.89 53.67 36.56
CA LEU D 137 24.31 53.99 36.75
C LEU D 137 24.47 55.48 37.06
N TYR D 138 23.86 56.32 36.24
CA TYR D 138 23.88 57.74 36.49
C TYR D 138 23.42 58.03 37.92
N PHE D 139 22.22 57.57 38.26
CA PHE D 139 21.62 57.80 39.57
C PHE D 139 22.48 57.34 40.77
N ASN D 140 23.12 56.17 40.63
CA ASN D 140 24.04 55.66 41.67
C ASN D 140 25.34 56.48 41.79
N GLU D 141 25.72 57.14 40.70
CA GLU D 141 27.02 57.80 40.57
C GLU D 141 26.99 59.33 40.70
N HIS D 142 25.83 59.95 40.55
CA HIS D 142 25.70 61.40 40.66
C HIS D 142 24.50 61.78 41.48
N ASP D 143 24.12 60.90 42.38
CA ASP D 143 22.94 61.10 43.20
C ASP D 143 22.94 60.09 44.34
N VAL D 144 21.96 60.21 45.21
CA VAL D 144 21.88 59.42 46.42
C VAL D 144 22.03 57.89 46.22
N GLY D 145 21.60 57.38 45.06
CA GLY D 145 21.60 55.94 44.81
C GLY D 145 20.31 55.28 45.26
N LEU D 146 20.09 54.03 44.87
CA LEU D 146 18.81 53.35 45.08
C LEU D 146 18.41 53.27 46.56
N THR D 147 19.24 52.60 47.35
CA THR D 147 18.94 52.33 48.75
C THR D 147 18.77 53.64 49.54
N ARG D 148 19.70 54.56 49.40
CA ARG D 148 19.62 55.87 50.05
C ARG D 148 18.31 56.57 49.71
N ALA D 149 17.95 56.56 48.42
CA ALA D 149 16.74 57.22 47.92
C ALA D 149 15.47 56.65 48.57
N PHE D 150 15.48 55.34 48.83
CA PHE D 150 14.41 54.71 49.61
C PHE D 150 14.39 55.22 51.05
N GLU D 151 15.56 55.39 51.67
CA GLU D 151 15.64 55.92 53.04
C GLU D 151 14.93 57.27 53.13
N MET D 152 15.18 58.12 52.14
CA MET D 152 14.71 59.51 52.17
C MET D 152 13.20 59.67 51.94
N VAL D 153 12.55 58.69 51.31
CA VAL D 153 11.09 58.68 51.25
C VAL D 153 10.50 58.02 52.50
N TRP D 154 11.24 57.10 53.11
CA TRP D 154 10.83 56.46 54.37
C TRP D 154 11.20 57.29 55.62
N GLU D 155 11.61 58.54 55.43
CA GLU D 155 11.83 59.48 56.52
C GLU D 155 10.77 60.59 56.57
N LEU D 156 9.86 60.58 55.59
CA LEU D 156 8.91 61.68 55.40
C LEU D 156 7.78 61.71 56.43
N SER E 30 16.27 18.42 -34.30
CA SER E 30 14.92 17.86 -34.62
C SER E 30 14.47 18.29 -36.02
N ASN E 31 15.43 18.69 -36.87
CA ASN E 31 15.15 19.45 -38.09
C ASN E 31 14.80 18.59 -39.29
N ILE E 32 15.66 17.65 -39.67
CA ILE E 32 15.61 17.05 -41.02
C ILE E 32 14.55 15.94 -41.18
N ALA E 33 13.74 15.68 -40.14
CA ALA E 33 12.59 14.78 -40.28
C ALA E 33 11.46 15.09 -39.29
N GLN E 34 10.27 14.55 -39.60
CA GLN E 34 9.10 14.65 -38.74
C GLN E 34 9.10 13.51 -37.71
N TYR E 35 8.59 13.78 -36.51
CA TYR E 35 8.58 12.79 -35.43
C TYR E 35 7.25 12.79 -34.70
N LYS E 36 6.58 11.64 -34.69
CA LYS E 36 5.30 11.51 -33.99
C LYS E 36 5.57 11.36 -32.50
N VAL E 37 5.21 12.38 -31.72
CA VAL E 37 5.36 12.33 -30.28
C VAL E 37 4.05 11.88 -29.64
N ILE E 38 4.16 11.11 -28.57
CA ILE E 38 3.01 10.50 -27.90
C ILE E 38 3.19 10.55 -26.38
N ASP E 39 2.20 11.13 -25.69
CA ASP E 39 2.32 11.45 -24.27
C ASP E 39 1.57 10.45 -23.41
N HIS E 40 2.13 10.14 -22.25
CA HIS E 40 1.58 9.15 -21.32
C HIS E 40 1.53 9.71 -19.91
N ALA E 41 0.68 9.14 -19.05
CA ALA E 41 0.58 9.60 -17.66
C ALA E 41 0.58 8.42 -16.68
N TYR E 42 1.64 8.32 -15.87
CA TYR E 42 1.75 7.27 -14.86
C TYR E 42 2.12 7.83 -13.51
N ASP E 43 1.93 7.03 -12.47
CA ASP E 43 2.35 7.39 -11.13
C ASP E 43 3.86 7.24 -11.03
N VAL E 44 4.36 6.08 -11.42
CA VAL E 44 5.80 5.88 -11.44
C VAL E 44 6.25 5.21 -12.75
N VAL E 45 7.40 5.64 -13.25
CA VAL E 45 8.01 5.03 -14.41
C VAL E 45 9.30 4.33 -14.00
N ILE E 46 9.41 3.06 -14.35
CA ILE E 46 10.60 2.28 -14.06
C ILE E 46 11.32 2.08 -15.39
N ILE E 47 12.55 2.58 -15.48
CA ILE E 47 13.37 2.32 -16.66
C ILE E 47 14.22 1.10 -16.33
N GLY E 48 13.83 -0.05 -16.88
CA GLY E 48 14.51 -1.30 -16.58
C GLY E 48 13.57 -2.43 -16.20
N ALA E 49 13.80 -3.60 -16.79
CA ALA E 49 13.06 -4.80 -16.43
C ALA E 49 14.02 -5.92 -16.04
N GLY E 50 15.07 -5.57 -15.30
CA GLY E 50 16.01 -6.55 -14.77
C GLY E 50 15.43 -7.17 -13.52
N GLY E 51 16.29 -7.70 -12.66
CA GLY E 51 15.86 -8.16 -11.33
C GLY E 51 15.27 -7.02 -10.54
N ALA E 52 16.00 -5.90 -10.48
CA ALA E 52 15.64 -4.75 -9.67
C ALA E 52 14.38 -4.06 -10.16
N GLY E 53 14.34 -3.75 -11.46
CA GLY E 53 13.16 -3.15 -12.07
C GLY E 53 11.90 -3.93 -11.74
N LEU E 54 11.87 -5.21 -12.12
CA LEU E 54 10.70 -6.03 -11.88
C LEU E 54 10.35 -6.04 -10.39
N ARG E 55 11.33 -6.30 -9.53
CA ARG E 55 11.01 -6.39 -8.11
C ARG E 55 10.28 -5.13 -7.65
N ALA E 56 10.74 -3.97 -8.11
CA ALA E 56 10.08 -2.70 -7.80
C ALA E 56 8.67 -2.64 -8.39
N ALA E 57 8.55 -3.03 -9.65
CA ALA E 57 7.26 -3.05 -10.33
C ALA E 57 6.24 -3.88 -9.54
N MET E 58 6.74 -4.92 -8.89
CA MET E 58 5.91 -5.77 -8.06
C MET E 58 5.44 -5.03 -6.81
N GLY E 59 6.39 -4.45 -6.08
CA GLY E 59 6.06 -3.66 -4.91
C GLY E 59 5.05 -2.55 -5.17
N LEU E 60 5.27 -1.81 -6.24
CA LEU E 60 4.44 -0.65 -6.58
C LEU E 60 3.03 -1.02 -7.04
N GLY E 61 2.90 -2.15 -7.73
CA GLY E 61 1.60 -2.60 -8.22
C GLY E 61 0.72 -3.07 -7.08
N GLU E 62 1.27 -3.93 -6.23
CA GLU E 62 0.60 -4.31 -4.99
C GLU E 62 0.22 -3.06 -4.20
N ALA E 63 1.17 -2.13 -4.07
CA ALA E 63 0.94 -0.89 -3.29
C ALA E 63 -0.03 0.11 -3.93
N GLY E 64 -0.59 -0.26 -5.09
CA GLY E 64 -1.69 0.48 -5.70
C GLY E 64 -1.35 1.42 -6.85
N PHE E 65 -0.06 1.59 -7.14
CA PHE E 65 0.35 2.59 -8.12
C PHE E 65 0.27 2.10 -9.57
N LYS E 66 -0.25 2.96 -10.45
CA LYS E 66 -0.25 2.73 -11.90
C LYS E 66 1.17 2.90 -12.43
N THR E 67 1.84 1.77 -12.65
CA THR E 67 3.26 1.75 -12.93
C THR E 67 3.53 1.36 -14.37
N ALA E 68 4.52 2.01 -14.97
CA ALA E 68 4.93 1.74 -16.33
C ALA E 68 6.36 1.25 -16.31
N VAL E 69 6.62 0.12 -16.97
CA VAL E 69 7.96 -0.46 -17.00
C VAL E 69 8.52 -0.31 -18.41
N VAL E 70 9.44 0.62 -18.58
CA VAL E 70 10.05 0.90 -19.88
C VAL E 70 11.34 0.10 -19.98
N THR E 71 11.44 -0.71 -21.02
CA THR E 71 12.61 -1.54 -21.22
C THR E 71 12.96 -1.67 -22.72
N LYS E 72 14.26 -1.65 -23.02
CA LYS E 72 14.74 -1.73 -24.40
C LYS E 72 14.84 -3.16 -24.92
N MET E 73 14.29 -4.11 -24.18
CA MET E 73 14.21 -5.51 -24.61
C MET E 73 13.26 -6.26 -23.69
N PHE E 74 12.76 -7.40 -24.16
CA PHE E 74 11.83 -8.18 -23.36
C PHE E 74 12.51 -8.54 -22.03
N PRO E 75 11.83 -8.31 -20.90
CA PRO E 75 12.48 -8.39 -19.57
C PRO E 75 13.39 -9.59 -19.35
N THR E 76 12.96 -10.75 -19.83
CA THR E 76 13.67 -12.01 -19.67
C THR E 76 15.08 -12.03 -20.29
N ARG E 77 15.29 -11.19 -21.32
CA ARG E 77 16.61 -11.09 -21.97
C ARG E 77 17.60 -10.30 -21.11
N SER E 78 17.07 -9.61 -20.10
CA SER E 78 17.89 -8.74 -19.24
C SER E 78 19.03 -9.53 -18.64
N HIS E 79 20.10 -8.85 -18.32
CA HIS E 79 21.28 -9.59 -17.94
C HIS E 79 21.14 -10.43 -16.67
N THR E 80 20.24 -10.06 -15.77
CA THR E 80 19.99 -10.88 -14.60
C THR E 80 19.81 -12.35 -15.01
N THR E 81 19.22 -12.59 -16.17
CA THR E 81 18.98 -13.95 -16.61
C THR E 81 20.28 -14.75 -16.76
N ALA E 82 21.37 -14.06 -17.08
CA ALA E 82 22.68 -14.70 -17.26
C ALA E 82 23.42 -15.00 -15.95
N ALA E 83 22.87 -14.61 -14.82
CA ALA E 83 23.53 -14.86 -13.55
C ALA E 83 23.42 -16.34 -13.16
N GLN E 84 24.39 -16.77 -12.35
CA GLN E 84 24.65 -18.19 -12.14
C GLN E 84 24.76 -18.58 -10.67
N GLY E 85 25.82 -18.11 -10.01
CA GLY E 85 26.26 -18.67 -8.75
C GLY E 85 25.27 -18.64 -7.61
N GLY E 86 24.58 -17.53 -7.43
CA GLY E 86 23.59 -17.45 -6.38
C GLY E 86 23.29 -16.07 -5.84
N ILE E 87 22.61 -16.06 -4.69
CA ILE E 87 22.13 -14.86 -4.05
C ILE E 87 22.27 -15.10 -2.55
N ASN E 88 22.92 -14.17 -1.85
CA ASN E 88 23.29 -14.37 -0.45
C ASN E 88 22.17 -14.08 0.55
N ALA E 89 22.01 -14.98 1.52
CA ALA E 89 21.12 -14.75 2.64
C ALA E 89 21.50 -15.73 3.75
N ALA E 90 21.63 -15.26 4.97
CA ALA E 90 21.97 -16.14 6.09
C ALA E 90 20.76 -16.97 6.53
N LEU E 91 20.38 -17.94 5.70
CA LEU E 91 19.22 -18.78 5.97
C LEU E 91 19.54 -19.87 6.98
N GLY E 92 20.75 -20.41 6.92
CA GLY E 92 21.17 -21.45 7.85
C GLY E 92 20.83 -22.86 7.40
N SER E 93 20.47 -23.00 6.13
CA SER E 93 20.15 -24.32 5.59
C SER E 93 21.28 -25.35 5.71
N MET E 94 22.55 -24.94 5.69
CA MET E 94 23.67 -25.91 5.77
C MET E 94 24.39 -25.88 7.12
N ASN E 95 24.27 -24.77 7.85
CA ASN E 95 24.91 -24.60 9.15
C ASN E 95 24.37 -23.33 9.80
N PRO E 96 24.52 -23.18 11.12
CA PRO E 96 24.01 -21.94 11.72
C PRO E 96 24.70 -20.72 11.10
N ASP E 97 23.99 -19.61 11.02
CA ASP E 97 24.50 -18.41 10.37
C ASP E 97 23.81 -17.20 10.95
N ASP E 98 24.37 -16.03 10.71
CA ASP E 98 23.86 -14.78 11.27
C ASP E 98 24.04 -13.68 10.25
N TRP E 99 23.01 -12.88 10.04
CA TRP E 99 23.09 -11.84 9.02
C TRP E 99 24.21 -10.84 9.33
N LYS E 100 24.53 -10.64 10.59
CA LYS E 100 25.64 -9.75 10.95
C LYS E 100 26.98 -10.31 10.46
N TRP E 101 27.09 -11.63 10.33
CA TRP E 101 28.30 -12.25 9.76
C TRP E 101 28.38 -11.92 8.27
N HIS E 102 27.21 -11.80 7.66
CA HIS E 102 27.07 -11.36 6.28
C HIS E 102 27.41 -9.87 6.13
N PHE E 103 26.98 -9.08 7.11
CA PHE E 103 27.28 -7.66 7.15
C PHE E 103 28.79 -7.42 7.23
N TYR E 104 29.44 -8.08 8.17
CA TYR E 104 30.89 -7.96 8.33
C TYR E 104 31.61 -8.24 7.01
N ASP E 105 31.28 -9.38 6.42
CA ASP E 105 31.87 -9.80 5.15
C ASP E 105 31.63 -8.80 4.05
N THR E 106 30.42 -8.26 4.01
CA THR E 106 30.08 -7.33 2.96
C THR E 106 30.93 -6.06 3.11
N VAL E 107 31.06 -5.59 4.35
CA VAL E 107 31.82 -4.38 4.63
C VAL E 107 33.30 -4.61 4.36
N LYS E 108 33.85 -5.67 4.93
CA LYS E 108 35.26 -5.99 4.72
C LYS E 108 35.54 -6.09 3.23
N GLY E 109 34.61 -6.73 2.52
CA GLY E 109 34.72 -6.86 1.08
C GLY E 109 34.80 -5.53 0.38
N SER E 110 34.04 -4.55 0.86
CA SER E 110 34.00 -3.21 0.22
C SER E 110 35.30 -2.44 0.39
N ASP E 111 36.18 -2.93 1.26
CA ASP E 111 37.42 -2.24 1.63
C ASP E 111 37.12 -0.86 2.21
N TRP E 112 36.00 -0.78 2.92
CA TRP E 112 35.56 0.40 3.66
C TRP E 112 35.30 1.64 2.81
N LEU E 113 35.08 1.43 1.53
CA LEU E 113 34.54 2.48 0.68
C LEU E 113 33.03 2.41 0.76
N GLY E 114 32.48 1.25 1.10
CA GLY E 114 31.04 1.07 1.16
C GLY E 114 30.37 1.85 2.28
N ASP E 115 29.21 2.41 1.98
CA ASP E 115 28.40 3.11 2.98
C ASP E 115 27.72 2.07 3.89
N GLN E 116 28.08 2.08 5.17
CA GLN E 116 27.70 1.01 6.10
C GLN E 116 26.24 1.05 6.50
N ASN E 117 25.60 2.20 6.33
CA ASN E 117 24.14 2.27 6.50
C ASN E 117 23.37 1.50 5.42
N ALA E 118 23.90 1.50 4.20
CA ALA E 118 23.26 0.78 3.09
C ALA E 118 23.50 -0.71 3.23
N MET E 119 24.77 -1.08 3.45
CA MET E 119 25.18 -2.47 3.65
C MET E 119 24.46 -3.12 4.83
N HIS E 120 24.13 -2.32 5.83
CA HIS E 120 23.28 -2.76 6.94
C HIS E 120 21.92 -3.17 6.38
N TYR E 121 21.30 -2.27 5.61
CA TYR E 121 19.97 -2.51 5.03
C TYR E 121 19.95 -3.69 4.09
N LEU E 122 21.07 -3.92 3.39
CA LEU E 122 21.17 -5.03 2.46
C LEU E 122 21.15 -6.36 3.18
N THR E 123 21.99 -6.49 4.19
CA THR E 123 22.20 -7.78 4.85
C THR E 123 21.08 -8.11 5.82
N ARG E 124 20.53 -7.09 6.48
CA ARG E 124 19.36 -7.29 7.36
C ARG E 124 18.20 -7.91 6.59
N ASN E 125 17.84 -7.30 5.47
CA ASN E 125 16.66 -7.71 4.71
C ASN E 125 16.87 -8.87 3.75
N ALA E 126 18.04 -9.52 3.79
CA ALA E 126 18.38 -10.56 2.82
C ALA E 126 17.57 -11.83 3.00
N VAL E 127 17.51 -12.35 4.22
CA VAL E 127 16.73 -13.57 4.48
C VAL E 127 15.28 -13.40 4.03
N GLU E 128 14.69 -12.28 4.45
CA GLU E 128 13.32 -11.98 4.06
C GLU E 128 13.25 -11.98 2.54
N ALA E 129 14.07 -11.15 1.92
CA ALA E 129 14.04 -10.98 0.47
C ALA E 129 14.23 -12.29 -0.29
N VAL E 130 15.17 -13.13 0.16
CA VAL E 130 15.43 -14.43 -0.48
C VAL E 130 14.31 -15.44 -0.21
N THR E 131 13.66 -15.29 0.93
CA THR E 131 12.52 -16.13 1.25
C THR E 131 11.35 -15.77 0.31
N GLU E 132 11.01 -14.48 0.24
CA GLU E 132 9.96 -13.99 -0.66
C GLU E 132 10.10 -14.60 -2.06
N LEU E 133 11.32 -14.60 -2.60
CA LEU E 133 11.60 -15.19 -3.91
C LEU E 133 11.17 -16.64 -3.99
N GLU E 134 11.54 -17.41 -2.98
CA GLU E 134 11.09 -18.80 -2.88
C GLU E 134 9.57 -18.86 -2.87
N ASN E 135 8.95 -17.91 -2.14
CA ASN E 135 7.48 -17.84 -2.03
C ASN E 135 6.82 -17.45 -3.34
N PHE E 136 7.49 -16.63 -4.14
CA PHE E 136 6.99 -16.25 -5.46
C PHE E 136 6.98 -17.47 -6.38
N GLY E 137 7.77 -18.48 -6.04
CA GLY E 137 7.83 -19.72 -6.81
C GLY E 137 9.22 -20.07 -7.32
N MET E 138 10.24 -19.31 -6.94
CA MET E 138 11.58 -19.60 -7.41
C MET E 138 11.98 -21.02 -6.97
N PRO E 139 12.23 -21.91 -7.93
CA PRO E 139 12.49 -23.32 -7.67
C PRO E 139 13.92 -23.68 -7.19
N PHE E 140 14.31 -23.15 -6.02
CA PHE E 140 15.66 -23.36 -5.51
C PHE E 140 16.01 -24.83 -5.38
N SER E 141 17.31 -25.14 -5.51
CA SER E 141 17.80 -26.48 -5.23
C SER E 141 17.56 -26.70 -3.74
N ARG E 142 17.40 -27.98 -3.33
CA ARG E 142 16.95 -28.29 -1.97
C ARG E 142 17.89 -29.22 -1.20
N THR E 143 17.89 -29.04 0.12
CA THR E 143 18.63 -29.90 1.04
C THR E 143 17.73 -31.05 1.44
N PRO E 144 18.30 -32.16 1.93
CA PRO E 144 17.44 -33.27 2.37
C PRO E 144 16.42 -32.88 3.45
N GLU E 145 16.74 -31.84 4.23
CA GLU E 145 15.78 -31.27 5.15
C GLU E 145 14.59 -30.57 4.46
N GLY E 146 14.71 -30.33 3.15
CA GLY E 146 13.69 -29.62 2.36
C GLY E 146 13.83 -28.11 2.28
N LYS E 147 14.90 -27.59 2.88
CA LYS E 147 15.20 -26.17 2.85
C LYS E 147 16.09 -25.83 1.66
N ILE E 148 16.29 -24.54 1.42
CA ILE E 148 17.04 -24.05 0.26
C ILE E 148 18.50 -24.45 0.35
N TYR E 149 19.08 -24.85 -0.78
CA TYR E 149 20.49 -25.24 -0.82
C TYR E 149 21.39 -24.01 -0.93
N GLN E 150 22.42 -23.97 -0.11
CA GLN E 150 23.38 -22.88 -0.11
C GLN E 150 24.77 -23.44 -0.37
N ARG E 151 25.57 -22.70 -1.15
CA ARG E 151 26.94 -23.08 -1.45
C ARG E 151 27.90 -22.06 -0.88
N SER E 152 29.18 -22.40 -0.85
CA SER E 152 30.22 -21.45 -0.50
C SER E 152 30.59 -20.64 -1.72
N PHE E 153 31.13 -19.46 -1.49
CA PHE E 153 31.42 -18.52 -2.55
C PHE E 153 32.63 -17.68 -2.16
N GLY E 154 33.02 -16.77 -3.06
CA GLY E 154 34.18 -15.95 -2.82
C GLY E 154 33.90 -14.83 -1.85
N GLY E 155 34.59 -14.87 -0.71
CA GLY E 155 34.76 -13.71 0.17
C GLY E 155 33.97 -13.67 1.46
N GLN E 156 33.51 -14.82 1.94
CA GLN E 156 32.56 -14.86 3.07
C GLN E 156 33.00 -15.83 4.16
N SER E 157 32.60 -15.49 5.40
CA SER E 157 33.09 -16.13 6.61
C SER E 157 32.05 -16.14 7.72
N ASN E 158 31.91 -17.27 8.41
CA ASN E 158 31.13 -17.31 9.63
C ASN E 158 31.94 -16.72 10.80
N ASN E 159 31.26 -16.10 11.76
CA ASN E 159 31.86 -15.55 12.99
C ASN E 159 32.80 -14.36 12.81
N TYR E 160 32.35 -13.38 12.05
CA TYR E 160 33.10 -12.14 11.83
C TYR E 160 34.54 -12.40 11.40
N GLY E 161 34.73 -13.33 10.47
CA GLY E 161 36.06 -13.66 9.96
C GLY E 161 36.75 -14.79 10.68
N LYS E 162 36.37 -15.03 11.94
CA LYS E 162 37.10 -15.97 12.81
C LYS E 162 36.63 -17.42 12.75
N GLY E 163 35.50 -17.67 12.09
CA GLY E 163 35.00 -19.04 11.89
C GLY E 163 35.47 -19.52 10.52
N GLY E 164 34.86 -20.59 10.02
CA GLY E 164 35.24 -21.14 8.71
C GLY E 164 34.73 -20.35 7.50
N VAL E 165 34.71 -21.03 6.36
CA VAL E 165 34.14 -20.47 5.13
C VAL E 165 32.63 -20.50 5.24
N ALA E 166 31.96 -19.41 4.88
CA ALA E 166 30.50 -19.34 4.96
C ALA E 166 29.79 -20.14 3.86
N LYS E 167 28.52 -20.48 4.09
CA LYS E 167 27.68 -21.10 3.08
C LYS E 167 26.33 -20.41 3.07
N ARG E 168 26.29 -19.25 2.42
CA ARG E 168 25.13 -18.36 2.41
C ARG E 168 24.51 -18.27 1.06
N THR E 169 25.17 -18.86 0.06
CA THR E 169 24.91 -18.55 -1.33
C THR E 169 23.82 -19.47 -1.87
N CYS E 170 22.58 -19.00 -1.72
CA CYS E 170 21.40 -19.76 -2.15
C CYS E 170 21.36 -19.82 -3.67
N CYS E 171 21.05 -20.99 -4.23
CA CYS E 171 21.07 -21.15 -5.69
C CYS E 171 20.05 -22.12 -6.30
N VAL E 172 19.61 -21.76 -7.51
CA VAL E 172 18.93 -22.69 -8.42
C VAL E 172 20.06 -23.29 -9.24
N ALA E 173 20.77 -24.21 -8.60
CA ALA E 173 21.99 -24.81 -9.16
C ALA E 173 22.88 -23.75 -9.80
N ASP E 174 23.03 -23.84 -11.11
CA ASP E 174 23.99 -23.06 -11.87
C ASP E 174 23.33 -21.86 -12.56
N ARG E 175 22.01 -21.75 -12.46
CA ARG E 175 21.20 -20.81 -13.24
C ARG E 175 20.39 -19.87 -12.35
N THR E 176 20.94 -19.49 -11.21
CA THR E 176 20.18 -18.74 -10.21
C THR E 176 19.55 -17.47 -10.76
N GLY E 177 20.28 -16.76 -11.61
CA GLY E 177 19.78 -15.56 -12.26
C GLY E 177 18.64 -15.83 -13.24
N HIS E 178 18.79 -16.89 -14.04
CA HIS E 178 17.76 -17.30 -14.99
C HIS E 178 16.44 -17.45 -14.27
N SER E 179 16.47 -18.27 -13.23
CA SER E 179 15.28 -18.64 -12.49
C SER E 179 14.68 -17.45 -11.71
N MET E 180 15.54 -16.65 -11.07
CA MET E 180 15.08 -15.46 -10.33
C MET E 180 14.32 -14.51 -11.24
N LEU E 181 14.90 -14.19 -12.39
CA LEU E 181 14.27 -13.25 -13.31
C LEU E 181 12.97 -13.80 -13.86
N HIS E 182 12.93 -15.10 -14.18
CA HIS E 182 11.74 -15.67 -14.77
C HIS E 182 10.61 -15.73 -13.77
N THR E 183 10.96 -15.95 -12.50
CA THR E 183 9.97 -15.93 -11.44
C THR E 183 9.47 -14.50 -11.27
N LEU E 184 10.40 -13.57 -11.08
CA LEU E 184 10.06 -12.16 -10.91
C LEU E 184 9.27 -11.58 -12.08
N TYR E 185 9.51 -12.06 -13.29
CA TYR E 185 8.76 -11.56 -14.46
C TYR E 185 7.32 -12.07 -14.45
N GLY E 186 7.15 -13.38 -14.36
CA GLY E 186 5.83 -13.98 -14.24
C GLY E 186 5.01 -13.32 -13.15
N ASN E 187 5.63 -13.14 -11.98
CA ASN E 187 4.97 -12.50 -10.83
C ASN E 187 4.63 -11.03 -11.07
N SER E 188 5.36 -10.36 -11.94
CA SER E 188 5.03 -9.00 -12.32
C SER E 188 3.86 -8.91 -13.32
N LEU E 189 3.38 -10.05 -13.82
CA LEU E 189 2.22 -10.07 -14.72
C LEU E 189 0.91 -10.00 -13.93
N ARG E 190 1.03 -10.07 -12.59
CA ARG E 190 -0.09 -10.03 -11.66
C ARG E 190 -0.27 -8.65 -10.97
N CYS E 191 0.75 -7.79 -11.00
CA CYS E 191 0.68 -6.45 -10.40
C CYS E 191 0.02 -5.41 -11.28
N HIS E 192 -0.72 -5.81 -12.31
CA HIS E 192 -1.34 -4.83 -13.20
C HIS E 192 -0.34 -3.73 -13.59
N CYS E 193 0.87 -4.13 -13.93
CA CYS E 193 1.91 -3.20 -14.33
C CYS E 193 1.92 -3.16 -15.84
N THR E 194 1.65 -2.00 -16.44
CA THR E 194 1.60 -1.93 -17.93
C THR E 194 3.01 -1.76 -18.53
N PHE E 195 3.39 -2.72 -19.38
CA PHE E 195 4.75 -2.84 -19.93
C PHE E 195 4.95 -2.09 -21.24
N PHE E 196 6.07 -1.37 -21.35
CA PHE E 196 6.54 -0.78 -22.62
C PHE E 196 7.85 -1.42 -23.06
N ILE E 197 7.73 -2.41 -23.94
CA ILE E 197 8.80 -3.33 -24.26
C ILE E 197 9.45 -3.03 -25.62
N GLU E 198 10.78 -3.13 -25.66
CA GLU E 198 11.60 -2.63 -26.77
C GLU E 198 11.30 -1.17 -27.01
N TYR E 199 11.44 -0.41 -25.92
CA TYR E 199 11.37 1.05 -25.93
C TYR E 199 12.71 1.52 -25.40
N PHE E 200 13.41 2.32 -26.18
CA PHE E 200 14.74 2.79 -25.80
C PHE E 200 14.61 4.16 -25.14
N ALA E 201 14.99 4.26 -23.86
CA ALA E 201 14.96 5.54 -23.14
C ALA E 201 16.08 6.48 -23.63
N LEU E 202 15.74 7.76 -23.77
CA LEU E 202 16.66 8.73 -24.35
C LEU E 202 17.25 9.61 -23.27
N ASP E 203 16.36 10.28 -22.54
CA ASP E 203 16.73 11.21 -21.48
C ASP E 203 15.69 11.19 -20.36
N LEU E 204 16.08 11.73 -19.21
CA LEU E 204 15.14 12.00 -18.13
C LEU E 204 14.47 13.34 -18.36
N LEU E 205 13.14 13.38 -18.23
CA LEU E 205 12.40 14.63 -18.32
C LEU E 205 12.54 15.38 -17.00
N MET E 206 13.18 16.55 -17.06
CA MET E 206 13.56 17.35 -15.90
C MET E 206 12.90 18.71 -15.94
N ASP E 207 12.79 19.34 -14.77
CA ASP E 207 12.11 20.62 -14.62
C ASP E 207 12.52 21.29 -13.31
N LYS E 208 13.51 22.15 -13.38
CA LYS E 208 14.00 22.92 -12.23
C LYS E 208 14.42 22.03 -11.07
N GLY E 209 15.30 21.06 -11.35
CA GLY E 209 15.87 20.19 -10.32
C GLY E 209 15.14 18.87 -10.06
N ARG E 210 13.91 18.75 -10.55
CA ARG E 210 13.03 17.62 -10.26
C ARG E 210 12.76 16.77 -11.50
N CYS E 211 12.83 15.44 -11.37
CA CYS E 211 12.55 14.54 -12.50
C CYS E 211 11.06 14.21 -12.62
N VAL E 212 10.48 14.54 -13.77
CA VAL E 212 9.05 14.40 -14.00
C VAL E 212 8.70 13.33 -15.03
N GLY E 213 9.72 12.62 -15.52
CA GLY E 213 9.45 11.52 -16.43
C GLY E 213 10.59 11.00 -17.28
N VAL E 214 10.21 10.28 -18.33
CA VAL E 214 11.15 9.63 -19.23
C VAL E 214 10.66 9.82 -20.66
N ILE E 215 11.61 10.06 -21.56
CA ILE E 215 11.34 10.09 -23.00
C ILE E 215 12.12 8.98 -23.69
N ALA E 216 11.41 8.21 -24.52
CA ALA E 216 11.96 6.99 -25.10
C ALA E 216 11.56 6.84 -26.55
N LEU E 217 12.24 5.93 -27.24
CA LEU E 217 11.92 5.59 -28.63
C LEU E 217 11.31 4.20 -28.72
N CYS E 218 10.12 4.12 -29.31
CA CYS E 218 9.45 2.84 -29.54
C CYS E 218 10.03 2.18 -30.79
N LEU E 219 10.73 1.06 -30.63
CA LEU E 219 11.37 0.39 -31.78
C LEU E 219 10.37 -0.24 -32.77
N GLU E 220 9.24 -0.72 -32.25
CA GLU E 220 8.26 -1.41 -33.10
C GLU E 220 7.81 -0.51 -34.26
N ASP E 221 7.65 0.79 -33.99
CA ASP E 221 7.05 1.72 -34.97
C ASP E 221 7.69 3.10 -35.12
N GLY E 222 8.81 3.36 -34.48
CA GLY E 222 9.50 4.65 -34.61
C GLY E 222 8.87 5.87 -33.94
N THR E 223 7.85 5.69 -33.11
CA THR E 223 7.27 6.80 -32.37
C THR E 223 8.13 7.18 -31.16
N ILE E 224 8.16 8.46 -30.85
CA ILE E 224 8.81 9.01 -29.67
C ILE E 224 7.76 9.18 -28.57
N HIS E 225 8.04 8.65 -27.38
CA HIS E 225 7.06 8.61 -26.28
C HIS E 225 7.57 9.37 -25.06
N ARG E 226 6.68 10.16 -24.47
CA ARG E 226 6.99 10.87 -23.23
C ARG E 226 6.07 10.42 -22.11
N PHE E 227 6.68 10.00 -21.00
CA PHE E 227 5.96 9.47 -19.85
C PHE E 227 6.04 10.49 -18.73
N ARG E 228 4.91 10.91 -18.21
CA ARG E 228 4.88 11.89 -17.12
C ARG E 228 4.66 11.11 -15.85
N SER E 229 5.59 11.24 -14.90
CA SER E 229 5.57 10.39 -13.72
C SER E 229 6.01 11.08 -12.45
N LYS E 230 5.15 11.00 -11.42
CA LYS E 230 5.46 11.49 -10.09
C LYS E 230 6.81 10.97 -9.62
N ARG E 231 7.09 9.71 -9.95
CA ARG E 231 8.38 9.10 -9.64
C ARG E 231 9.02 8.43 -10.84
N THR E 232 10.34 8.25 -10.75
CA THR E 232 11.08 7.61 -11.81
C THR E 232 12.19 6.76 -11.18
N ILE E 233 12.22 5.48 -11.52
CA ILE E 233 13.19 4.53 -10.99
C ILE E 233 14.11 4.06 -12.09
N VAL E 234 15.35 4.55 -12.10
CA VAL E 234 16.32 4.13 -13.09
C VAL E 234 16.92 2.79 -12.63
N ALA E 235 16.74 1.74 -13.45
CA ALA E 235 17.18 0.39 -13.09
C ALA E 235 17.84 -0.29 -14.29
N THR E 236 18.87 0.34 -14.82
CA THR E 236 19.39 0.03 -16.16
C THR E 236 20.56 -0.95 -16.25
N GLY E 237 21.22 -1.22 -15.13
CA GLY E 237 22.37 -2.11 -15.13
C GLY E 237 23.67 -1.44 -15.54
N GLY E 238 24.69 -2.25 -15.75
CA GLY E 238 26.06 -1.76 -15.93
C GLY E 238 26.50 -1.33 -17.33
N TYR E 239 27.77 -0.90 -17.41
CA TYR E 239 28.41 -0.51 -18.67
C TYR E 239 29.61 -1.42 -18.96
N GLY E 240 29.37 -2.72 -18.91
CA GLY E 240 30.42 -3.70 -19.22
C GLY E 240 30.98 -3.58 -20.62
N ARG E 241 30.15 -3.16 -21.57
CA ARG E 241 30.57 -3.02 -22.96
C ARG E 241 31.42 -1.76 -23.21
N ALA E 242 31.99 -1.19 -22.15
CA ALA E 242 32.99 -0.15 -22.28
C ALA E 242 34.37 -0.77 -22.50
N TYR E 243 34.50 -2.03 -22.12
CA TYR E 243 35.75 -2.78 -22.28
C TYR E 243 35.64 -3.77 -23.41
N PHE E 244 36.79 -4.14 -23.95
CA PHE E 244 36.85 -5.06 -25.06
C PHE E 244 36.36 -6.43 -24.62
N SER E 245 37.02 -7.02 -23.62
CA SER E 245 36.58 -8.28 -23.05
C SER E 245 35.81 -8.11 -21.73
N CYS E 246 34.54 -8.53 -21.74
CA CYS E 246 33.68 -8.50 -20.55
C CYS E 246 32.80 -9.75 -20.52
N THR E 247 32.05 -9.92 -19.45
CA THR E 247 31.16 -11.09 -19.29
C THR E 247 29.72 -10.77 -19.70
N THR E 248 29.50 -9.51 -20.08
CA THR E 248 28.19 -8.88 -20.06
C THR E 248 27.40 -9.04 -21.38
N ALA E 249 26.19 -8.51 -21.39
CA ALA E 249 25.33 -8.53 -22.55
C ALA E 249 25.69 -7.36 -23.46
N HIS E 250 25.37 -7.50 -24.73
CA HIS E 250 25.55 -6.42 -25.67
C HIS E 250 24.78 -5.21 -25.24
N MET E 251 23.72 -5.42 -24.46
CA MET E 251 22.85 -4.36 -23.98
C MET E 251 23.39 -3.59 -22.77
N ASN E 252 24.45 -4.11 -22.14
CA ASN E 252 25.08 -3.43 -20.99
C ASN E 252 25.88 -2.20 -21.44
N THR E 253 25.16 -1.12 -21.74
CA THR E 253 25.78 0.07 -22.31
C THR E 253 25.63 1.29 -21.40
N GLY E 254 25.43 1.03 -20.11
CA GLY E 254 25.31 2.10 -19.10
C GLY E 254 24.51 3.27 -19.60
N ASP E 255 23.29 3.00 -20.06
CA ASP E 255 22.40 4.03 -20.53
C ASP E 255 21.82 4.85 -19.39
N GLY E 256 21.59 4.22 -18.24
CA GLY E 256 21.01 4.91 -17.09
C GLY E 256 21.94 5.94 -16.49
N THR E 257 23.23 5.59 -16.43
CA THR E 257 24.26 6.51 -15.94
C THR E 257 24.49 7.64 -16.93
N ALA E 258 24.30 7.36 -18.22
CA ALA E 258 24.31 8.39 -19.25
C ALA E 258 23.08 9.29 -19.11
N LEU E 259 21.91 8.67 -18.89
CA LEU E 259 20.66 9.40 -18.60
C LEU E 259 20.84 10.32 -17.39
N ALA E 260 21.54 9.81 -16.39
CA ALA E 260 21.81 10.58 -15.18
C ALA E 260 22.76 11.75 -15.46
N THR E 261 23.87 11.47 -16.15
CA THR E 261 24.87 12.50 -16.48
C THR E 261 24.22 13.65 -17.25
N ARG E 262 23.42 13.32 -18.25
CA ARG E 262 22.71 14.32 -19.05
C ARG E 262 21.67 15.10 -18.23
N ALA E 263 21.21 14.53 -17.13
CA ALA E 263 20.27 15.21 -16.24
C ALA E 263 20.99 16.09 -15.20
N GLY E 264 22.31 16.23 -15.33
CA GLY E 264 23.08 17.11 -14.45
C GLY E 264 23.68 16.43 -13.23
N ILE E 265 23.48 15.12 -13.11
CA ILE E 265 23.80 14.40 -11.89
C ILE E 265 25.16 13.78 -12.03
N ALA E 266 26.02 14.03 -11.04
CA ALA E 266 27.36 13.43 -11.01
C ALA E 266 27.24 11.98 -10.57
N LEU E 267 28.03 11.12 -11.22
CA LEU E 267 28.03 9.68 -10.97
C LEU E 267 29.05 9.37 -9.89
N GLU E 268 28.96 8.18 -9.29
CA GLU E 268 29.83 7.84 -8.17
C GLU E 268 30.68 6.59 -8.41
N ASP E 269 31.96 6.66 -8.04
CA ASP E 269 32.85 5.48 -7.95
C ASP E 269 33.10 4.73 -9.27
N LEU E 270 32.88 5.40 -10.40
CA LEU E 270 32.99 4.75 -11.72
C LEU E 270 34.33 4.04 -12.00
N GLU E 271 35.38 4.43 -11.29
CA GLU E 271 36.69 3.78 -11.44
C GLU E 271 36.71 2.34 -10.92
N PHE E 272 35.74 1.99 -10.08
CA PHE E 272 35.72 0.66 -9.47
C PHE E 272 34.99 -0.36 -10.35
N ILE E 273 35.81 -1.03 -11.17
CA ILE E 273 35.34 -2.03 -12.12
C ILE E 273 35.82 -3.36 -11.61
N GLN E 274 34.87 -4.27 -11.39
CA GLN E 274 35.16 -5.62 -10.93
C GLN E 274 35.61 -6.46 -12.10
N PHE E 275 36.75 -7.12 -11.92
CA PHE E 275 37.23 -8.11 -12.86
C PHE E 275 36.94 -9.43 -12.20
N HIS E 276 36.13 -10.26 -12.86
CA HIS E 276 35.75 -11.56 -12.34
C HIS E 276 36.86 -12.54 -12.71
N PRO E 277 37.41 -13.25 -11.71
CA PRO E 277 38.54 -14.14 -11.91
C PRO E 277 38.43 -15.11 -13.08
N THR E 278 37.27 -15.75 -13.23
CA THR E 278 37.10 -16.84 -14.18
C THR E 278 36.09 -16.58 -15.32
N GLY E 279 36.52 -15.81 -16.31
CA GLY E 279 35.78 -15.69 -17.58
C GLY E 279 36.51 -16.53 -18.61
N ILE E 280 35.76 -17.26 -19.46
CA ILE E 280 36.38 -18.14 -20.46
C ILE E 280 37.29 -17.38 -21.41
N TYR E 281 38.46 -17.95 -21.69
CA TYR E 281 39.62 -17.22 -22.22
C TYR E 281 39.38 -16.45 -23.52
N GLY E 282 38.96 -17.15 -24.55
CA GLY E 282 38.80 -16.51 -25.84
C GLY E 282 37.57 -15.62 -25.92
N VAL E 283 36.47 -16.06 -25.33
CA VAL E 283 35.14 -15.49 -25.63
C VAL E 283 34.60 -14.55 -24.56
N GLY E 284 35.01 -14.75 -23.32
CA GLY E 284 34.56 -13.89 -22.22
C GLY E 284 33.37 -14.42 -21.42
N CYS E 285 32.77 -15.53 -21.85
CA CYS E 285 31.68 -16.16 -21.10
C CYS E 285 32.06 -16.38 -19.64
N LEU E 286 31.10 -16.15 -18.73
CA LEU E 286 31.34 -16.38 -17.31
C LEU E 286 31.39 -17.88 -16.95
N ILE E 287 32.26 -18.21 -16.01
CA ILE E 287 32.24 -19.48 -15.28
C ILE E 287 32.10 -19.14 -13.81
N THR E 288 30.96 -19.49 -13.24
CA THR E 288 30.61 -19.08 -11.89
C THR E 288 31.69 -19.33 -10.82
N GLU E 289 31.74 -18.41 -9.86
CA GLU E 289 32.55 -18.55 -8.66
C GLU E 289 32.04 -19.73 -7.83
N GLY E 290 30.85 -20.21 -8.18
CA GLY E 290 30.28 -21.39 -7.57
C GLY E 290 31.02 -22.66 -7.93
N SER E 291 31.80 -22.62 -9.01
CA SER E 291 32.64 -23.76 -9.37
C SER E 291 33.74 -23.94 -8.34
N ARG E 292 34.28 -22.82 -7.84
CA ARG E 292 35.28 -22.83 -6.79
C ARG E 292 34.66 -23.07 -5.42
N GLY E 293 33.46 -22.51 -5.23
CA GLY E 293 32.68 -22.73 -4.01
C GLY E 293 32.34 -24.20 -3.82
N GLU E 294 31.96 -24.87 -4.91
CA GLU E 294 31.71 -26.31 -4.89
C GLU E 294 32.99 -27.15 -4.82
N GLY E 295 34.16 -26.51 -4.93
CA GLY E 295 35.44 -27.17 -4.64
C GLY E 295 36.52 -27.08 -5.70
N GLY E 296 36.21 -26.47 -6.84
CA GLY E 296 37.21 -26.29 -7.90
C GLY E 296 38.28 -25.30 -7.49
N PHE E 297 39.38 -25.30 -8.23
CA PHE E 297 40.46 -24.36 -7.96
C PHE E 297 41.27 -24.03 -9.20
N LEU E 298 42.04 -22.95 -9.08
CA LEU E 298 42.86 -22.40 -10.16
C LEU E 298 44.27 -23.01 -10.19
N VAL E 299 44.73 -23.35 -11.40
CA VAL E 299 46.05 -23.96 -11.61
C VAL E 299 46.85 -23.18 -12.66
N ASN E 300 48.17 -23.13 -12.50
CA ASN E 300 49.07 -22.43 -13.43
C ASN E 300 49.95 -23.41 -14.24
N SER E 301 50.85 -22.87 -15.07
CA SER E 301 51.68 -23.70 -15.98
C SER E 301 52.57 -24.71 -15.26
N GLU E 302 52.92 -24.43 -14.01
CA GLU E 302 53.72 -25.36 -13.20
C GLU E 302 52.84 -26.30 -12.38
N GLY E 303 51.54 -26.28 -12.61
CA GLY E 303 50.61 -27.24 -12.01
C GLY E 303 50.31 -26.98 -10.54
N GLU E 304 50.42 -25.72 -10.14
CA GLU E 304 50.32 -25.31 -8.74
C GLU E 304 48.98 -24.64 -8.42
N ARG E 305 48.32 -25.13 -7.37
CA ARG E 305 47.15 -24.45 -6.80
C ARG E 305 47.62 -23.18 -6.08
N PHE E 306 47.88 -22.16 -6.90
CA PHE E 306 48.65 -20.99 -6.48
C PHE E 306 47.94 -20.04 -5.50
N MET E 307 46.63 -20.21 -5.28
CA MET E 307 45.93 -19.31 -4.35
C MET E 307 46.33 -19.57 -2.89
N GLU E 308 46.82 -20.79 -2.60
CA GLU E 308 47.40 -21.11 -1.28
C GLU E 308 48.54 -20.15 -0.89
N ARG E 309 49.31 -19.70 -1.89
CA ARG E 309 50.35 -18.67 -1.72
C ARG E 309 49.79 -17.27 -1.54
N TYR E 310 49.04 -16.80 -2.54
CA TYR E 310 48.46 -15.45 -2.53
C TYR E 310 47.40 -15.20 -1.45
N ALA E 311 46.85 -16.27 -0.87
CA ALA E 311 45.80 -16.12 0.16
C ALA E 311 45.67 -17.39 0.98
N PRO E 312 46.55 -17.58 1.97
CA PRO E 312 46.72 -18.90 2.59
C PRO E 312 45.47 -19.40 3.34
N LYS E 313 44.68 -18.49 3.91
CA LYS E 313 43.47 -18.87 4.63
C LYS E 313 42.35 -19.28 3.68
N ALA E 314 41.77 -18.31 2.96
CA ALA E 314 40.60 -18.55 2.10
C ALA E 314 40.92 -19.13 0.74
N LYS E 315 42.21 -19.15 0.37
CA LYS E 315 42.66 -19.77 -0.87
C LYS E 315 41.82 -19.29 -2.06
N ASP E 316 41.20 -20.21 -2.80
CA ASP E 316 40.50 -19.86 -4.04
C ASP E 316 39.15 -19.20 -3.82
N LEU E 317 38.69 -19.12 -2.56
CA LEU E 317 37.48 -18.37 -2.20
C LEU E 317 37.83 -17.04 -1.50
N ALA E 318 38.90 -16.39 -1.95
CA ALA E 318 39.19 -15.03 -1.57
C ALA E 318 38.28 -14.11 -2.38
N SER E 319 38.36 -12.81 -2.11
CA SER E 319 37.54 -11.83 -2.80
C SER E 319 37.93 -11.75 -4.27
N ARG E 320 37.00 -11.25 -5.08
CA ARG E 320 37.19 -11.17 -6.52
C ARG E 320 38.43 -10.36 -6.94
N ASP E 321 38.62 -9.20 -6.33
CA ASP E 321 39.72 -8.30 -6.69
C ASP E 321 41.10 -8.91 -6.43
N VAL E 322 41.20 -9.73 -5.39
CA VAL E 322 42.46 -10.34 -4.97
C VAL E 322 42.79 -11.55 -5.85
N VAL E 323 41.80 -12.37 -6.15
CA VAL E 323 42.03 -13.56 -6.97
C VAL E 323 42.36 -13.14 -8.40
N SER E 324 41.71 -12.08 -8.88
CA SER E 324 42.03 -11.54 -10.20
C SER E 324 43.47 -11.00 -10.30
N ARG E 325 43.90 -10.24 -9.29
CA ARG E 325 45.28 -9.75 -9.24
C ARG E 325 46.31 -10.87 -9.17
N ALA E 326 46.05 -11.87 -8.33
CA ALA E 326 46.91 -13.04 -8.28
C ALA E 326 47.08 -13.64 -9.68
N GLU E 327 45.98 -14.08 -10.29
CA GLU E 327 46.01 -14.65 -11.65
C GLU E 327 46.79 -13.77 -12.62
N THR E 328 46.58 -12.46 -12.53
CA THR E 328 47.22 -11.52 -13.44
C THR E 328 48.75 -11.55 -13.25
N ILE E 329 49.19 -11.66 -12.00
CA ILE E 329 50.62 -11.75 -11.71
C ILE E 329 51.22 -13.03 -12.27
N GLU E 330 50.52 -14.15 -12.07
CA GLU E 330 50.97 -15.44 -12.60
C GLU E 330 51.21 -15.41 -14.12
N ILE E 331 50.34 -14.74 -14.86
CA ILE E 331 50.56 -14.52 -16.30
C ILE E 331 51.93 -13.88 -16.49
N MET E 332 52.11 -12.74 -15.83
CA MET E 332 53.30 -11.89 -15.97
C MET E 332 54.60 -12.62 -15.66
N GLU E 333 54.64 -13.28 -14.52
CA GLU E 333 55.86 -13.90 -14.02
C GLU E 333 56.15 -15.27 -14.65
N GLY E 334 55.40 -15.63 -15.69
CA GLY E 334 55.75 -16.75 -16.56
C GLY E 334 54.90 -18.00 -16.46
N ARG E 335 54.12 -18.13 -15.38
CA ARG E 335 53.31 -19.33 -15.18
C ARG E 335 51.93 -19.28 -15.86
N GLY E 336 51.75 -18.37 -16.81
CA GLY E 336 50.58 -18.40 -17.66
C GLY E 336 50.47 -19.71 -18.43
N VAL E 337 49.24 -20.05 -18.79
CA VAL E 337 48.91 -21.34 -19.37
C VAL E 337 48.46 -21.14 -20.83
N GLY E 338 48.65 -22.16 -21.67
CA GLY E 338 48.24 -22.11 -23.08
C GLY E 338 49.34 -21.59 -24.01
N PRO E 339 49.16 -21.74 -25.34
CA PRO E 339 50.13 -21.30 -26.34
C PRO E 339 50.85 -19.98 -26.03
N GLU E 340 50.10 -18.91 -25.75
CA GLU E 340 50.71 -17.61 -25.50
C GLU E 340 50.98 -17.37 -24.01
N LYS E 341 50.68 -18.37 -23.17
CA LYS E 341 50.89 -18.29 -21.72
C LYS E 341 50.26 -17.02 -21.16
N ASP E 342 49.00 -16.80 -21.51
CA ASP E 342 48.29 -15.55 -21.23
C ASP E 342 47.02 -15.73 -20.41
N HIS E 343 46.77 -16.95 -19.95
CA HIS E 343 45.60 -17.23 -19.10
C HIS E 343 45.95 -18.33 -18.09
N ILE E 344 44.97 -18.78 -17.30
CA ILE E 344 45.20 -19.92 -16.38
C ILE E 344 44.04 -20.93 -16.42
N TYR E 345 44.21 -22.07 -15.75
CA TYR E 345 43.22 -23.14 -15.78
C TYR E 345 42.30 -23.10 -14.58
N LEU E 346 41.04 -23.51 -14.78
CA LEU E 346 40.12 -23.74 -13.66
C LEU E 346 39.76 -25.22 -13.58
N GLN E 347 40.31 -25.89 -12.59
CA GLN E 347 40.17 -27.34 -12.48
C GLN E 347 38.90 -27.74 -11.74
N LEU E 348 38.09 -28.57 -12.41
CA LEU E 348 36.94 -29.21 -11.78
C LEU E 348 36.96 -30.75 -11.89
N HIS E 349 37.80 -31.30 -12.76
CA HIS E 349 37.72 -32.74 -13.05
C HIS E 349 37.83 -33.61 -11.81
N HIS E 350 38.52 -33.13 -10.79
CA HIS E 350 38.64 -33.84 -9.52
C HIS E 350 37.33 -33.97 -8.74
N LEU E 351 36.39 -33.04 -8.93
CA LEU E 351 35.07 -33.15 -8.29
C LEU E 351 34.29 -34.31 -8.89
N PRO E 352 33.44 -34.99 -8.09
CA PRO E 352 32.54 -36.02 -8.59
C PRO E 352 31.76 -35.56 -9.81
N ALA E 353 31.58 -36.46 -10.78
CA ALA E 353 30.81 -36.13 -11.99
C ALA E 353 29.34 -35.87 -11.66
N GLU E 354 28.83 -36.56 -10.64
CA GLU E 354 27.45 -36.39 -10.17
C GLU E 354 27.22 -35.04 -9.49
N GLN E 355 28.22 -34.54 -8.76
CA GLN E 355 28.17 -33.21 -8.16
C GLN E 355 28.22 -32.16 -9.25
N LEU E 356 29.13 -32.36 -10.21
CA LEU E 356 29.26 -31.48 -11.36
C LEU E 356 27.94 -31.31 -12.10
N HIS E 357 27.18 -32.40 -12.21
CA HIS E 357 25.90 -32.36 -12.93
C HIS E 357 24.80 -31.70 -12.11
N GLN E 358 24.73 -32.00 -10.82
CA GLN E 358 23.68 -31.47 -9.98
C GLN E 358 23.92 -29.97 -9.69
N ARG E 359 25.16 -29.62 -9.38
CA ARG E 359 25.52 -28.27 -8.94
C ARG E 359 25.97 -27.29 -10.05
N LEU E 360 26.51 -27.81 -11.15
CA LEU E 360 27.13 -26.95 -12.18
C LEU E 360 26.80 -27.37 -13.64
N PRO E 361 25.53 -27.67 -13.92
CA PRO E 361 25.13 -28.17 -15.24
C PRO E 361 25.38 -27.18 -16.36
N GLY E 362 25.18 -25.89 -16.06
CA GLY E 362 25.20 -24.83 -17.07
C GLY E 362 26.58 -24.50 -17.60
N ILE E 363 27.54 -24.35 -16.69
CA ILE E 363 28.92 -24.10 -17.07
C ILE E 363 29.59 -25.36 -17.63
N SER E 364 29.16 -26.54 -17.18
CA SER E 364 29.59 -27.79 -17.81
C SER E 364 29.36 -27.67 -19.32
N GLU E 365 28.16 -27.21 -19.67
CA GLU E 365 27.73 -27.11 -21.06
C GLU E 365 28.35 -25.92 -21.79
N THR E 366 28.40 -24.76 -21.13
CA THR E 366 29.03 -23.59 -21.74
C THR E 366 30.53 -23.87 -22.00
N ALA E 367 31.19 -24.56 -21.07
CA ALA E 367 32.61 -24.90 -21.23
C ALA E 367 32.83 -25.74 -22.49
N LYS E 368 31.93 -26.69 -22.69
CA LYS E 368 31.95 -27.68 -23.78
C LYS E 368 31.70 -27.04 -25.15
N ILE E 369 30.77 -26.09 -25.20
CA ILE E 369 30.41 -25.37 -26.43
C ILE E 369 31.46 -24.35 -26.87
N PHE E 370 32.12 -23.71 -25.91
CA PHE E 370 32.94 -22.53 -26.16
C PHE E 370 34.43 -22.75 -26.00
N ALA E 371 34.82 -23.70 -25.17
CA ALA E 371 36.22 -24.07 -25.03
C ALA E 371 36.51 -25.52 -25.47
N GLY E 372 35.47 -26.28 -25.80
CA GLY E 372 35.61 -27.68 -26.17
C GLY E 372 36.11 -28.55 -25.03
N VAL E 373 35.54 -28.32 -23.85
CA VAL E 373 36.04 -28.90 -22.61
C VAL E 373 35.00 -29.76 -21.89
N ASP E 374 35.32 -31.04 -21.72
CA ASP E 374 34.60 -31.92 -20.81
C ASP E 374 35.10 -31.57 -19.41
N VAL E 375 34.24 -30.95 -18.61
CA VAL E 375 34.65 -30.45 -17.29
C VAL E 375 34.96 -31.57 -16.29
N THR E 376 34.56 -32.81 -16.60
CA THR E 376 34.90 -33.96 -15.75
C THR E 376 36.29 -34.52 -16.06
N LYS E 377 36.96 -34.01 -17.08
CA LYS E 377 38.21 -34.59 -17.55
C LYS E 377 39.35 -33.60 -17.84
N GLU E 378 39.03 -32.44 -18.40
CA GLU E 378 40.03 -31.40 -18.66
C GLU E 378 39.62 -30.10 -17.93
N PRO E 379 40.59 -29.20 -17.67
CA PRO E 379 40.26 -27.91 -17.05
C PRO E 379 39.69 -26.89 -18.02
N ILE E 380 39.10 -25.83 -17.48
CA ILE E 380 38.56 -24.72 -18.28
C ILE E 380 39.61 -23.61 -18.38
N PRO E 381 39.95 -23.18 -19.60
CA PRO E 381 40.82 -22.00 -19.77
C PRO E 381 40.10 -20.72 -19.35
N VAL E 382 40.67 -20.00 -18.38
CA VAL E 382 40.00 -18.83 -17.81
C VAL E 382 40.92 -17.63 -17.58
N ILE E 383 40.32 -16.46 -17.43
CA ILE E 383 41.07 -15.21 -17.34
C ILE E 383 40.17 -14.12 -16.76
N PRO E 384 40.75 -13.24 -15.92
CA PRO E 384 40.06 -12.06 -15.42
C PRO E 384 39.30 -11.34 -16.53
N THR E 385 38.04 -10.99 -16.25
CA THR E 385 37.16 -10.43 -17.26
C THR E 385 36.24 -9.43 -16.59
N VAL E 386 36.12 -8.25 -17.19
CA VAL E 386 35.24 -7.19 -16.70
C VAL E 386 33.84 -7.75 -16.53
N HIS E 387 33.16 -7.36 -15.45
CA HIS E 387 31.98 -8.10 -15.02
C HIS E 387 30.90 -7.24 -14.37
N TYR E 388 31.25 -6.62 -13.24
CA TYR E 388 30.27 -5.90 -12.44
C TYR E 388 30.79 -4.48 -12.18
N ASN E 389 29.87 -3.53 -12.02
CA ASN E 389 30.19 -2.13 -11.79
C ASN E 389 29.70 -1.70 -10.41
N MET E 390 30.61 -1.56 -9.43
CA MET E 390 30.19 -1.05 -8.12
C MET E 390 29.62 0.35 -8.33
N GLY E 391 30.32 1.13 -9.13
CA GLY E 391 29.89 2.49 -9.45
C GLY E 391 28.57 2.64 -10.18
N GLY E 392 28.14 3.90 -10.27
CA GLY E 392 26.86 4.23 -10.87
C GLY E 392 26.28 5.52 -10.31
N ILE E 393 24.94 5.62 -10.33
CA ILE E 393 24.25 6.82 -9.88
C ILE E 393 24.24 6.79 -8.35
N PRO E 394 24.71 7.86 -7.69
CA PRO E 394 24.73 7.91 -6.23
C PRO E 394 23.34 8.05 -5.61
N THR E 395 23.12 7.32 -4.51
CA THR E 395 21.89 7.40 -3.74
C THR E 395 22.17 7.34 -2.24
N ASN E 396 21.13 7.60 -1.46
CA ASN E 396 21.10 7.32 -0.03
C ASN E 396 20.61 5.88 0.22
N TYR E 397 20.48 5.50 1.49
CA TYR E 397 19.99 4.16 1.86
C TYR E 397 18.57 3.84 1.38
N LYS E 398 17.79 4.86 1.04
CA LYS E 398 16.45 4.68 0.50
C LYS E 398 16.43 4.63 -1.03
N ALA E 399 17.61 4.67 -1.65
CA ALA E 399 17.74 4.59 -3.10
C ALA E 399 17.11 5.80 -3.80
N GLN E 400 17.39 6.98 -3.27
CA GLN E 400 16.99 8.23 -3.88
C GLN E 400 18.23 8.90 -4.45
N VAL E 401 18.17 9.29 -5.70
CA VAL E 401 19.33 9.87 -6.37
C VAL E 401 19.70 11.19 -5.70
N ILE E 402 21.00 11.52 -5.66
CA ILE E 402 21.46 12.75 -4.98
C ILE E 402 22.55 13.51 -5.74
N LYS E 403 22.56 14.82 -5.51
CA LYS E 403 23.70 15.68 -5.84
C LYS E 403 24.40 15.99 -4.54
N TYR E 404 25.71 16.23 -4.61
CA TYR E 404 26.49 16.53 -3.42
C TYR E 404 27.22 17.86 -3.58
N THR E 405 27.44 18.52 -2.45
CA THR E 405 28.28 19.73 -2.36
C THR E 405 28.96 19.69 -1.01
N LYS E 406 30.20 20.17 -0.95
CA LYS E 406 30.94 20.17 0.31
C LYS E 406 30.20 20.95 1.40
N GLU E 407 29.38 21.92 0.99
CA GLU E 407 28.70 22.84 1.90
C GLU E 407 27.31 22.36 2.30
N GLY E 408 26.48 22.04 1.31
CA GLY E 408 25.09 21.64 1.54
C GLY E 408 24.88 20.15 1.80
N GLY E 409 25.94 19.35 1.68
CA GLY E 409 25.85 17.90 1.86
C GLY E 409 25.02 17.19 0.80
N ASP E 410 24.40 16.08 1.20
CA ASP E 410 23.51 15.34 0.31
C ASP E 410 22.19 16.09 0.12
N LYS E 411 21.76 16.20 -1.12
CA LYS E 411 20.46 16.76 -1.47
C LYS E 411 19.79 15.85 -2.50
N ILE E 412 18.65 15.26 -2.15
CA ILE E 412 18.03 14.31 -3.08
C ILE E 412 17.53 15.06 -4.32
N VAL E 413 17.54 14.38 -5.46
CA VAL E 413 16.91 14.88 -6.68
C VAL E 413 15.45 14.49 -6.59
N PRO E 414 14.54 15.47 -6.42
CA PRO E 414 13.13 15.09 -6.24
C PRO E 414 12.62 14.31 -7.45
N GLY E 415 11.84 13.26 -7.17
CA GLY E 415 11.23 12.46 -8.22
C GLY E 415 12.02 11.21 -8.61
N LEU E 416 13.33 11.24 -8.40
CA LEU E 416 14.23 10.25 -8.99
C LEU E 416 14.81 9.23 -8.01
N TYR E 417 14.56 7.96 -8.30
CA TYR E 417 15.16 6.82 -7.59
C TYR E 417 16.09 6.03 -8.53
N ALA E 418 16.94 5.19 -7.96
CA ALA E 418 17.75 4.28 -8.77
C ALA E 418 18.14 3.06 -7.96
N CYS E 419 18.07 1.89 -8.58
CA CYS E 419 18.50 0.63 -7.93
C CYS E 419 19.16 -0.34 -8.92
N GLY E 420 19.62 -1.49 -8.42
CA GLY E 420 20.36 -2.45 -9.24
C GLY E 420 21.77 -1.99 -9.56
N GLU E 421 22.37 -2.56 -10.61
CA GLU E 421 23.80 -2.33 -10.94
C GLU E 421 24.09 -0.89 -11.39
N CYS E 422 23.08 -0.20 -11.91
CA CYS E 422 23.23 1.19 -12.37
C CYS E 422 23.36 2.17 -11.23
N ALA E 423 23.05 1.74 -10.02
CA ALA E 423 23.12 2.62 -8.88
C ALA E 423 24.43 2.43 -8.14
N CYS E 424 24.61 3.30 -7.16
CA CYS E 424 25.72 3.24 -6.22
C CYS E 424 25.17 3.73 -4.89
N HIS E 425 24.95 2.81 -3.97
CA HIS E 425 24.27 3.15 -2.70
C HIS E 425 25.12 3.69 -1.54
N SER E 426 26.37 3.28 -1.33
CA SER E 426 27.11 2.23 -2.07
C SER E 426 27.23 0.96 -1.22
N VAL E 427 26.58 -0.12 -1.64
CA VAL E 427 26.61 -1.37 -0.89
C VAL E 427 27.83 -2.24 -1.19
N HIS E 428 28.56 -1.94 -2.26
CA HIS E 428 29.76 -2.69 -2.63
C HIS E 428 31.06 -1.88 -2.47
N GLY E 429 30.95 -0.57 -2.39
CA GLY E 429 32.11 0.29 -2.21
C GLY E 429 33.11 0.05 -3.31
N ALA E 430 34.23 -0.58 -2.95
CA ALA E 430 35.35 -0.76 -3.88
C ALA E 430 35.49 -2.20 -4.40
N ASN E 431 34.66 -3.12 -3.93
CA ASN E 431 34.70 -4.52 -4.36
C ASN E 431 33.42 -5.26 -3.99
N ARG E 432 32.60 -5.53 -5.00
CA ARG E 432 31.40 -6.33 -4.85
C ARG E 432 31.70 -7.74 -4.35
N LEU E 433 30.89 -8.20 -3.40
CA LEU E 433 31.05 -9.55 -2.89
C LEU E 433 30.31 -10.47 -3.86
N GLY E 434 30.79 -11.70 -4.00
CA GLY E 434 30.12 -12.66 -4.85
C GLY E 434 28.72 -12.96 -4.31
N ALA E 435 27.76 -13.04 -5.22
CA ALA E 435 26.34 -13.24 -4.89
C ALA E 435 25.64 -12.12 -4.10
N ASN E 436 26.24 -10.95 -3.97
CA ASN E 436 25.59 -9.83 -3.25
C ASN E 436 24.79 -8.90 -4.16
N SER E 437 24.59 -9.30 -5.41
CA SER E 437 24.10 -8.38 -6.45
C SER E 437 22.66 -8.67 -6.83
N LEU E 438 22.35 -9.94 -7.06
CA LEU E 438 20.97 -10.33 -7.23
C LEU E 438 20.24 -9.93 -5.94
N LEU E 439 20.95 -9.99 -4.82
CA LEU E 439 20.42 -9.55 -3.53
C LEU E 439 20.17 -8.07 -3.64
N ASP E 440 21.26 -7.31 -3.84
CA ASP E 440 21.23 -5.86 -4.06
C ASP E 440 19.99 -5.51 -4.86
N ALA E 441 19.82 -6.17 -6.01
CA ALA E 441 18.75 -5.80 -6.90
C ALA E 441 17.42 -5.97 -6.22
N VAL E 442 17.15 -7.20 -5.76
CA VAL E 442 15.86 -7.54 -5.15
C VAL E 442 15.58 -6.61 -3.97
N VAL E 443 16.50 -6.55 -3.02
CA VAL E 443 16.29 -5.79 -1.79
C VAL E 443 16.02 -4.31 -2.05
N PHE E 444 16.92 -3.64 -2.75
CA PHE E 444 16.76 -2.21 -3.02
C PHE E 444 15.74 -1.91 -4.12
N GLY E 445 15.48 -2.91 -4.97
CA GLY E 445 14.37 -2.82 -5.91
C GLY E 445 13.05 -2.81 -5.15
N ARG E 446 12.92 -3.72 -4.18
CA ARG E 446 11.78 -3.72 -3.27
C ARG E 446 11.77 -2.44 -2.45
N ALA E 447 12.93 -2.08 -1.89
CA ALA E 447 13.05 -0.88 -1.07
C ALA E 447 12.51 0.36 -1.80
N CYS E 448 12.80 0.47 -3.09
CA CYS E 448 12.26 1.56 -3.91
C CYS E 448 10.74 1.68 -3.78
N SER E 449 10.06 0.54 -3.82
CA SER E 449 8.59 0.53 -3.79
C SER E 449 8.08 0.87 -2.40
N ILE E 450 8.79 0.41 -1.38
CA ILE E 450 8.42 0.66 0.01
C ILE E 450 8.55 2.14 0.32
N ASN E 451 9.64 2.75 -0.14
CA ASN E 451 9.94 4.15 0.18
C ASN E 451 9.04 5.11 -0.58
N ILE E 452 8.56 4.70 -1.75
CA ILE E 452 7.61 5.50 -2.52
C ILE E 452 6.21 5.33 -1.95
N LYS E 453 5.90 4.14 -1.49
CA LYS E 453 4.61 3.93 -0.92
C LYS E 453 4.48 4.87 0.22
N GLU E 454 5.56 5.06 0.94
CA GLU E 454 5.52 5.82 2.18
C GLU E 454 5.69 7.35 2.03
N GLU E 455 6.33 7.81 0.96
CA GLU E 455 6.51 9.28 0.76
C GLU E 455 5.60 9.91 -0.31
N LEU E 456 5.10 9.12 -1.25
CA LEU E 456 4.18 9.62 -2.29
C LEU E 456 2.74 9.55 -1.79
N LYS E 457 2.12 10.71 -1.55
CA LYS E 457 0.71 10.75 -1.21
C LYS E 457 -0.14 11.09 -2.46
N PRO E 458 -1.42 10.70 -2.45
CA PRO E 458 -2.26 10.90 -3.65
C PRO E 458 -2.71 12.35 -3.92
N ASP E 459 -2.46 13.26 -2.96
CA ASP E 459 -2.78 14.69 -3.13
C ASP E 459 -1.88 15.27 -4.22
N GLU E 460 -0.59 14.99 -4.10
CA GLU E 460 0.38 15.26 -5.16
C GLU E 460 -0.10 14.63 -6.45
N LYS E 461 0.03 15.34 -7.57
CA LYS E 461 -0.49 14.84 -8.85
C LYS E 461 0.60 14.71 -9.92
N ILE E 462 0.23 14.09 -11.04
CA ILE E 462 1.16 13.83 -12.12
C ILE E 462 1.61 15.17 -12.70
N PRO E 463 2.91 15.46 -12.64
CA PRO E 463 3.34 16.79 -13.08
C PRO E 463 3.03 17.06 -14.55
N GLU E 464 2.73 18.31 -14.88
CA GLU E 464 2.61 18.73 -16.27
C GLU E 464 4.05 18.84 -16.83
N LEU E 465 4.22 18.59 -18.13
CA LEU E 465 5.55 18.66 -18.75
C LEU E 465 5.89 20.08 -19.19
N PRO E 466 7.09 20.58 -18.83
CA PRO E 466 7.49 21.93 -19.28
C PRO E 466 7.59 21.98 -20.80
N GLU E 467 7.61 23.18 -21.35
CA GLU E 467 7.37 23.33 -22.79
C GLU E 467 8.57 22.91 -23.62
N GLY E 468 8.31 22.13 -24.67
CA GLY E 468 9.36 21.58 -25.51
C GLY E 468 10.21 20.58 -24.75
N ALA E 469 9.58 19.78 -23.89
CA ALA E 469 10.31 18.84 -23.05
C ALA E 469 10.79 17.64 -23.86
N GLY E 470 12.05 17.30 -23.69
CA GLY E 470 12.70 16.22 -24.45
C GLY E 470 12.93 16.58 -25.90
N GLU E 471 13.02 17.87 -26.18
CA GLU E 471 13.24 18.35 -27.54
C GLU E 471 14.68 18.11 -27.95
N GLU E 472 15.60 18.29 -26.99
CA GLU E 472 17.02 18.09 -27.21
C GLU E 472 17.34 16.61 -27.41
N SER E 473 16.58 15.73 -26.76
CA SER E 473 16.67 14.29 -27.00
C SER E 473 16.35 13.92 -28.44
N ILE E 474 15.28 14.51 -28.96
CA ILE E 474 14.84 14.27 -30.33
C ILE E 474 15.86 14.87 -31.32
N ALA E 475 16.45 16.01 -30.94
CA ALA E 475 17.50 16.63 -31.73
C ALA E 475 18.69 15.67 -31.92
N ASN E 476 19.25 15.21 -30.80
CA ASN E 476 20.34 14.23 -30.84
C ASN E 476 19.99 12.98 -31.65
N LEU E 477 18.75 12.52 -31.50
CA LEU E 477 18.28 11.34 -32.23
C LEU E 477 18.35 11.59 -33.73
N ASP E 478 17.83 12.75 -34.16
CA ASP E 478 17.86 13.14 -35.57
C ASP E 478 19.30 13.24 -36.07
N ALA E 479 20.15 13.88 -35.27
CA ALA E 479 21.57 14.00 -35.57
C ALA E 479 22.22 12.64 -35.80
N VAL E 480 21.96 11.71 -34.88
CA VAL E 480 22.56 10.38 -34.92
C VAL E 480 21.93 9.55 -36.04
N ARG E 481 20.63 9.70 -36.23
CA ARG E 481 19.92 9.00 -37.27
C ARG E 481 20.50 9.32 -38.65
N TYR E 482 20.86 10.59 -38.86
CA TYR E 482 21.37 11.06 -40.16
C TYR E 482 22.87 11.37 -40.15
N ALA E 483 23.60 10.76 -39.23
CA ALA E 483 25.00 11.03 -39.10
C ALA E 483 25.67 10.70 -40.40
N ASN E 484 26.58 11.57 -40.80
CA ASN E 484 27.30 11.45 -42.07
C ASN E 484 28.82 11.45 -42.02
N GLY E 485 29.37 11.42 -40.83
CA GLY E 485 30.78 11.69 -40.64
C GLY E 485 31.54 10.56 -41.24
N ASP E 486 32.86 10.62 -41.18
CA ASP E 486 33.67 9.62 -41.82
C ASP E 486 34.02 8.44 -40.94
N VAL E 487 33.56 8.45 -39.69
CA VAL E 487 33.86 7.34 -38.80
C VAL E 487 32.64 6.52 -38.40
N PRO E 488 32.64 5.24 -38.69
CA PRO E 488 31.49 4.39 -38.38
C PRO E 488 31.41 3.99 -36.90
N THR E 489 30.21 4.17 -36.34
CA THR E 489 29.88 3.82 -34.96
C THR E 489 30.59 2.55 -34.45
N ALA E 490 30.60 1.49 -35.26
CA ALA E 490 31.23 0.25 -34.85
C ALA E 490 32.72 0.39 -34.54
N GLU E 491 33.45 1.09 -35.41
CA GLU E 491 34.91 1.28 -35.25
C GLU E 491 35.27 2.09 -34.01
N LEU E 492 34.49 3.15 -33.82
CA LEU E 492 34.68 4.10 -32.74
C LEU E 492 34.45 3.41 -31.40
N ARG E 493 33.45 2.53 -31.33
CA ARG E 493 33.19 1.70 -30.16
C ARG E 493 34.35 0.75 -29.87
N LEU E 494 34.82 0.07 -30.90
CA LEU E 494 35.88 -0.93 -30.75
C LEU E 494 37.16 -0.30 -30.17
N THR E 495 37.55 0.88 -30.67
CA THR E 495 38.77 1.54 -30.18
C THR E 495 38.57 2.11 -28.77
N MET E 496 37.34 2.54 -28.45
CA MET E 496 37.00 2.90 -27.07
C MET E 496 37.19 1.68 -26.18
N GLN E 497 36.62 0.56 -26.61
CA GLN E 497 36.77 -0.70 -25.89
C GLN E 497 38.24 -1.13 -25.70
N LYS E 498 39.07 -0.96 -26.73
CA LYS E 498 40.49 -1.33 -26.65
C LYS E 498 41.27 -0.33 -25.81
N THR E 499 40.98 0.95 -26.01
CA THR E 499 41.60 2.02 -25.22
C THR E 499 41.39 1.76 -23.74
N MET E 500 40.16 1.40 -23.40
CA MET E 500 39.75 1.23 -22.02
C MET E 500 40.41 0.01 -21.43
N GLN E 501 40.51 -1.04 -22.25
CA GLN E 501 41.02 -2.34 -21.82
C GLN E 501 42.48 -2.25 -21.44
N LYS E 502 43.24 -1.45 -22.16
CA LYS E 502 44.67 -1.32 -21.93
C LYS E 502 44.92 -0.39 -20.73
N HIS E 503 44.38 0.82 -20.79
CA HIS E 503 44.73 1.88 -19.84
C HIS E 503 43.97 1.84 -18.51
N ALA E 504 42.94 0.99 -18.41
CA ALA E 504 42.12 0.87 -17.18
C ALA E 504 41.86 -0.59 -16.76
N GLY E 505 42.92 -1.39 -16.75
CA GLY E 505 42.82 -2.82 -16.49
C GLY E 505 42.98 -3.19 -15.03
N VAL E 506 43.35 -4.44 -14.79
CA VAL E 506 43.50 -4.97 -13.43
C VAL E 506 44.56 -4.20 -12.66
N PHE E 507 45.67 -3.91 -13.32
CA PHE E 507 46.79 -3.16 -12.72
C PHE E 507 47.04 -1.84 -13.46
N ARG E 508 46.81 -0.72 -12.77
CA ARG E 508 46.86 0.59 -13.39
C ARG E 508 48.09 1.35 -12.88
N ARG E 509 48.53 2.35 -13.65
CA ARG E 509 49.67 3.21 -13.27
C ARG E 509 49.43 4.64 -13.78
N GLY E 510 49.94 5.62 -13.04
CA GLY E 510 49.65 7.04 -13.30
C GLY E 510 49.88 7.54 -14.73
N ASP E 511 51.00 7.13 -15.31
CA ASP E 511 51.39 7.56 -16.65
C ASP E 511 50.55 6.90 -17.76
N ILE E 512 50.28 5.60 -17.62
CA ILE E 512 49.42 4.89 -18.59
C ILE E 512 47.98 5.42 -18.45
N LEU E 513 47.55 5.68 -17.22
CA LEU E 513 46.24 6.28 -16.99
C LEU E 513 46.10 7.61 -17.71
N ALA E 514 47.09 8.49 -17.49
CA ALA E 514 47.04 9.85 -18.01
C ALA E 514 47.10 9.87 -19.53
N GLU E 515 47.93 9.01 -20.09
CA GLU E 515 47.96 8.77 -21.53
C GLU E 515 46.59 8.29 -21.98
N GLY E 516 46.07 7.27 -21.30
CA GLY E 516 44.73 6.74 -21.54
C GLY E 516 43.63 7.80 -21.57
N VAL E 517 43.64 8.69 -20.58
CA VAL E 517 42.65 9.78 -20.50
C VAL E 517 42.70 10.62 -21.77
N LYS E 518 43.91 11.04 -22.11
CA LYS E 518 44.17 11.87 -23.29
C LYS E 518 43.57 11.21 -24.54
N LYS E 519 43.79 9.91 -24.69
CA LYS E 519 43.27 9.17 -25.85
C LYS E 519 41.76 9.05 -25.80
N MET E 520 41.21 8.93 -24.59
CA MET E 520 39.76 8.82 -24.38
C MET E 520 39.05 10.14 -24.62
N MET E 521 39.69 11.25 -24.27
CA MET E 521 39.12 12.57 -24.51
C MET E 521 39.15 12.87 -26.01
N ASP E 522 40.19 12.39 -26.69
CA ASP E 522 40.30 12.49 -28.15
C ASP E 522 39.18 11.74 -28.86
N LEU E 523 38.81 10.56 -28.33
CA LEU E 523 37.69 9.78 -28.88
C LEU E 523 36.34 10.48 -28.71
N PHE E 524 36.21 11.26 -27.63
CA PHE E 524 34.98 11.99 -27.40
C PHE E 524 34.80 13.09 -28.44
N LYS E 525 35.90 13.67 -28.90
CA LYS E 525 35.85 14.66 -29.97
C LYS E 525 35.48 14.00 -31.30
N GLU E 526 36.01 12.81 -31.56
CA GLU E 526 35.70 12.07 -32.80
C GLU E 526 34.27 11.57 -32.87
N LEU E 527 33.51 11.78 -31.80
CA LEU E 527 32.09 11.45 -31.77
C LEU E 527 31.31 12.33 -32.75
N LYS E 528 31.80 13.56 -32.94
CA LYS E 528 31.14 14.52 -33.83
C LYS E 528 31.31 14.16 -35.31
N ARG E 529 32.30 13.31 -35.58
CA ARG E 529 32.54 12.75 -36.92
C ARG E 529 31.90 11.38 -37.08
N LEU E 530 30.71 11.20 -36.52
CA LEU E 530 30.08 9.89 -36.54
C LEU E 530 29.40 9.62 -37.88
N LYS E 531 29.41 8.36 -38.32
CA LYS E 531 28.68 7.94 -39.50
C LYS E 531 27.80 6.76 -39.19
N THR E 532 26.49 6.95 -39.36
CA THR E 532 25.54 5.86 -39.32
C THR E 532 25.10 5.64 -40.76
N THR E 533 24.26 4.63 -40.99
CA THR E 533 23.83 4.26 -42.34
C THR E 533 22.31 4.07 -42.36
N ASP E 534 21.82 3.10 -41.59
CA ASP E 534 20.38 2.85 -41.47
C ASP E 534 19.67 4.15 -41.07
N ARG E 535 18.90 4.68 -42.01
CA ARG E 535 18.23 5.96 -41.87
C ARG E 535 16.78 5.80 -41.37
N SER E 536 16.33 4.56 -41.21
CA SER E 536 14.95 4.29 -40.81
C SER E 536 14.65 4.65 -39.35
N LEU E 537 13.38 4.53 -38.99
CA LEU E 537 12.94 4.65 -37.60
C LEU E 537 12.50 3.29 -37.04
N ILE E 538 11.82 2.50 -37.87
CA ILE E 538 11.35 1.18 -37.45
C ILE E 538 12.54 0.25 -37.16
N TRP E 539 12.57 -0.29 -35.94
CA TRP E 539 13.64 -1.18 -35.48
C TRP E 539 14.99 -0.86 -36.11
N ASN E 540 15.52 0.30 -35.76
CA ASN E 540 16.83 0.72 -36.23
C ASN E 540 17.92 0.41 -35.20
N SER E 541 18.59 -0.73 -35.38
CA SER E 541 19.60 -1.13 -34.41
C SER E 541 20.90 -0.34 -34.61
N ASP E 542 21.17 0.08 -35.84
CA ASP E 542 22.29 0.99 -36.11
C ASP E 542 22.13 2.24 -35.25
N LEU E 543 20.92 2.81 -35.27
CA LEU E 543 20.59 4.03 -34.54
C LEU E 543 20.75 3.87 -33.03
N THR E 544 20.08 2.86 -32.48
CA THR E 544 20.12 2.60 -31.04
C THR E 544 21.55 2.30 -30.58
N GLU E 545 22.24 1.40 -31.28
CA GLU E 545 23.63 1.09 -30.95
C GLU E 545 24.56 2.30 -31.01
N SER E 546 24.22 3.28 -31.85
CA SER E 546 25.00 4.51 -31.94
C SER E 546 24.66 5.41 -30.78
N LEU E 547 23.38 5.42 -30.39
CA LEU E 547 22.93 6.04 -29.15
C LEU E 547 23.63 5.40 -27.95
N GLU E 548 23.75 4.08 -27.99
CA GLU E 548 24.47 3.33 -26.96
C GLU E 548 25.94 3.76 -26.87
N LEU E 549 26.55 4.04 -28.03
CA LEU E 549 27.97 4.40 -28.09
C LEU E 549 28.25 5.72 -27.37
N GLN E 550 27.35 6.68 -27.53
CA GLN E 550 27.47 7.96 -26.82
C GLN E 550 27.37 7.70 -25.32
N ASN E 551 26.44 6.84 -24.92
CA ASN E 551 26.20 6.53 -23.51
C ASN E 551 27.42 5.84 -22.90
N LEU E 552 27.93 4.83 -23.60
CA LEU E 552 29.18 4.18 -23.23
C LEU E 552 30.34 5.18 -23.03
N MET E 553 30.50 6.10 -24.00
CA MET E 553 31.60 7.07 -23.98
C MET E 553 31.53 7.99 -22.75
N LEU E 554 30.32 8.37 -22.34
CA LEU E 554 30.12 9.16 -21.12
C LEU E 554 30.59 8.41 -19.86
N ASN E 555 30.21 7.14 -19.78
CA ASN E 555 30.63 6.29 -18.66
C ASN E 555 32.13 6.08 -18.71
N ALA E 556 32.61 5.67 -19.87
CA ALA E 556 34.02 5.34 -20.06
C ALA E 556 34.93 6.52 -19.73
N THR E 557 34.67 7.66 -20.34
CA THR E 557 35.48 8.85 -20.05
C THR E 557 35.53 9.14 -18.54
N GLN E 558 34.36 9.20 -17.91
CA GLN E 558 34.26 9.45 -16.46
C GLN E 558 34.94 8.35 -15.67
N THR E 559 34.87 7.12 -16.17
CA THR E 559 35.53 6.01 -15.51
C THR E 559 37.04 6.28 -15.37
N ILE E 560 37.67 6.67 -16.47
CA ILE E 560 39.12 6.75 -16.50
C ILE E 560 39.71 7.99 -15.81
N VAL E 561 39.02 9.14 -15.86
CA VAL E 561 39.59 10.34 -15.24
C VAL E 561 39.52 10.24 -13.73
N ALA E 562 38.54 9.47 -13.26
CA ALA E 562 38.39 9.18 -11.83
C ALA E 562 39.43 8.14 -11.38
N ALA E 563 39.74 7.19 -12.27
CA ALA E 563 40.75 6.17 -12.00
C ALA E 563 42.15 6.77 -12.06
N GLU E 564 42.32 7.75 -12.94
CA GLU E 564 43.59 8.46 -13.04
C GLU E 564 43.91 9.19 -11.74
N ASN E 565 42.93 9.90 -11.20
CA ASN E 565 43.15 10.82 -10.07
C ASN E 565 43.19 10.17 -8.68
N ARG E 566 42.62 8.97 -8.55
CA ARG E 566 42.71 8.21 -7.29
C ARG E 566 44.10 7.59 -7.16
N LYS E 567 44.91 8.16 -6.25
CA LYS E 567 46.31 7.75 -6.07
C LYS E 567 46.48 6.86 -4.84
N GLU E 568 45.67 5.79 -4.78
CA GLU E 568 45.75 4.76 -3.74
C GLU E 568 45.42 3.40 -4.37
N SER E 569 45.37 2.34 -3.57
CA SER E 569 45.06 0.99 -4.07
C SER E 569 44.03 0.31 -3.16
N ARG E 570 42.75 0.53 -3.46
CA ARG E 570 41.62 0.02 -2.67
C ARG E 570 40.73 -0.87 -3.51
N GLY E 571 40.37 -2.02 -2.97
CA GLY E 571 39.46 -2.94 -3.65
C GLY E 571 39.95 -3.32 -5.04
N ALA E 572 39.09 -3.09 -6.04
CA ALA E 572 39.36 -3.51 -7.41
C ALA E 572 40.15 -2.47 -8.19
N HIS E 573 40.56 -1.39 -7.51
CA HIS E 573 41.37 -0.32 -8.08
C HIS E 573 42.80 -0.53 -7.58
N ALA E 574 43.70 -0.87 -8.50
CA ALA E 574 45.09 -1.16 -8.13
C ALA E 574 46.05 -0.23 -8.85
N ARG E 575 46.70 0.65 -8.08
CA ARG E 575 47.75 1.50 -8.61
C ARG E 575 49.10 0.94 -8.20
N ASP E 576 49.88 0.49 -9.18
CA ASP E 576 51.24 -0.01 -8.96
C ASP E 576 52.13 1.11 -8.43
N ASP E 577 51.86 2.34 -8.89
CA ASP E 577 52.57 3.53 -8.39
C ASP E 577 52.07 4.06 -7.04
N PHE E 578 50.96 3.53 -6.52
CA PHE E 578 50.45 3.90 -5.18
C PHE E 578 49.89 2.66 -4.48
N PRO E 579 50.74 1.66 -4.23
CA PRO E 579 50.27 0.31 -3.92
C PRO E 579 49.56 0.11 -2.57
N LYS E 580 49.31 1.17 -1.80
CA LYS E 580 48.67 1.02 -0.51
C LYS E 580 47.32 1.72 -0.45
N ARG E 581 46.49 1.29 0.49
CA ARG E 581 45.21 1.93 0.73
C ARG E 581 45.45 3.15 1.62
N GLU E 582 44.87 4.28 1.24
CA GLU E 582 45.12 5.53 1.94
C GLU E 582 43.93 5.99 2.76
N ASP E 583 43.98 5.73 4.06
CA ASP E 583 42.87 6.02 4.98
C ASP E 583 43.17 7.23 5.85
N GLU E 584 42.19 7.60 6.68
CA GLU E 584 42.33 8.74 7.59
C GLU E 584 43.38 8.42 8.63
N TYR E 585 43.35 7.18 9.12
CA TYR E 585 44.43 6.65 9.95
C TYR E 585 45.28 5.63 9.16
N ASP E 586 46.43 5.26 9.72
CA ASP E 586 47.22 4.14 9.21
C ASP E 586 46.84 2.93 10.06
N TYR E 587 45.94 2.11 9.52
CA TYR E 587 45.31 1.04 10.28
C TYR E 587 46.18 -0.21 10.45
N SER E 588 47.39 -0.20 9.89
CA SER E 588 48.38 -1.22 10.15
C SER E 588 49.05 -0.98 11.50
N LYS E 589 48.99 0.25 11.99
CA LYS E 589 49.53 0.62 13.30
C LYS E 589 48.39 0.92 14.28
N PRO E 590 48.66 0.84 15.60
CA PRO E 590 47.68 1.21 16.63
C PRO E 590 47.12 2.62 16.45
N ILE E 591 45.81 2.79 16.64
CA ILE E 591 45.11 3.99 16.18
C ILE E 591 45.25 5.18 17.15
N GLU E 592 44.84 5.00 18.40
CA GLU E 592 45.04 6.07 19.40
C GLU E 592 46.55 6.27 19.61
N GLY E 593 46.97 7.52 19.48
CA GLY E 593 48.37 7.86 19.30
C GLY E 593 48.55 8.62 18.00
N GLN E 594 47.63 8.41 17.06
CA GLN E 594 47.70 9.06 15.75
C GLN E 594 46.73 10.25 15.67
N THR E 595 46.94 11.09 14.66
CA THR E 595 45.99 12.17 14.34
C THR E 595 45.41 11.98 12.93
N LYS E 596 44.12 12.25 12.83
CA LYS E 596 43.34 12.06 11.60
C LYS E 596 43.87 12.91 10.45
N ARG E 597 44.16 12.27 9.32
CA ARG E 597 44.47 12.98 8.09
C ARG E 597 43.24 13.75 7.64
N PRO E 598 43.42 14.94 7.05
CA PRO E 598 42.23 15.64 6.57
C PRO E 598 41.62 14.99 5.34
N PHE E 599 40.33 15.24 5.14
CA PHE E 599 39.58 14.70 4.03
C PHE E 599 40.32 14.80 2.70
N GLU E 600 41.02 15.91 2.50
CA GLU E 600 41.75 16.15 1.24
C GLU E 600 42.93 15.20 1.13
N LYS E 601 43.56 14.88 2.26
CA LYS E 601 44.82 14.13 2.23
C LYS E 601 44.64 12.63 2.08
N HIS E 602 43.54 12.08 2.59
CA HIS E 602 43.28 10.63 2.46
C HIS E 602 42.27 10.33 1.36
N TRP E 603 42.03 9.04 1.13
CA TRP E 603 41.23 8.57 -0.01
C TRP E 603 39.93 7.76 0.31
N ARG E 604 39.65 7.46 1.59
CA ARG E 604 38.35 6.90 1.96
C ARG E 604 37.20 7.89 1.72
N LYS E 605 36.85 7.99 0.45
CA LYS E 605 35.83 8.90 -0.01
C LYS E 605 35.46 8.48 -1.42
N HIS E 606 34.21 8.71 -1.78
CA HIS E 606 33.71 8.30 -3.09
C HIS E 606 34.13 9.33 -4.13
N THR E 607 34.48 8.85 -5.32
CA THR E 607 34.71 9.75 -6.46
C THR E 607 33.39 10.19 -7.10
N LEU E 608 33.18 11.51 -7.17
CA LEU E 608 32.06 12.05 -7.94
C LEU E 608 32.57 12.68 -9.24
N THR E 609 32.10 12.15 -10.37
CA THR E 609 32.44 12.69 -11.69
C THR E 609 31.26 13.50 -12.23
N LYS E 610 31.52 14.77 -12.52
CA LYS E 610 30.52 15.66 -13.13
C LYS E 610 30.95 15.95 -14.56
N GLN E 611 30.17 15.51 -15.53
CA GLN E 611 30.54 15.69 -16.92
C GLN E 611 29.54 16.57 -17.66
N ASP E 612 30.06 17.53 -18.39
CA ASP E 612 29.29 18.32 -19.34
C ASP E 612 29.12 17.42 -20.57
N PRO E 613 27.87 17.00 -20.85
CA PRO E 613 27.68 16.04 -21.94
C PRO E 613 28.01 16.57 -23.34
N ARG E 614 28.10 17.90 -23.49
CA ARG E 614 28.29 18.53 -24.78
C ARG E 614 29.77 18.72 -25.14
N THR E 615 30.59 19.11 -24.16
CA THR E 615 32.04 19.31 -24.36
C THR E 615 32.89 18.11 -23.92
N GLY E 616 32.26 17.15 -23.25
CA GLY E 616 32.97 16.03 -22.69
C GLY E 616 33.77 16.35 -21.45
N HIS E 617 33.70 17.58 -20.96
CA HIS E 617 34.58 17.98 -19.87
C HIS E 617 34.10 17.45 -18.51
N ILE E 618 35.06 16.95 -17.73
CA ILE E 618 34.80 16.34 -16.43
C ILE E 618 35.46 17.09 -15.29
N THR E 619 34.70 17.37 -14.22
CA THR E 619 35.22 17.91 -12.98
C THR E 619 35.16 16.79 -11.94
N LEU E 620 35.96 16.89 -10.88
CA LEU E 620 35.92 15.91 -9.81
C LEU E 620 35.49 16.54 -8.48
N ASP E 621 34.99 15.71 -7.58
CA ASP E 621 34.65 16.12 -6.22
C ASP E 621 34.56 14.85 -5.40
N TYR E 622 34.72 14.97 -4.09
CA TYR E 622 34.74 13.81 -3.21
C TYR E 622 33.77 13.88 -2.02
N ARG E 623 33.07 12.78 -1.80
CA ARG E 623 32.00 12.66 -0.82
C ARG E 623 32.46 11.67 0.22
N PRO E 624 32.21 11.96 1.51
CA PRO E 624 32.65 11.06 2.58
C PRO E 624 31.86 9.77 2.58
N VAL E 625 32.50 8.68 2.98
CA VAL E 625 31.80 7.42 3.22
C VAL E 625 30.95 7.53 4.48
N ILE E 626 29.82 6.84 4.48
CA ILE E 626 28.97 6.78 5.65
C ILE E 626 29.42 5.58 6.44
N ASP E 627 29.91 5.82 7.66
CA ASP E 627 30.43 4.75 8.50
C ASP E 627 29.43 4.26 9.54
N LYS E 628 28.50 5.13 9.94
CA LYS E 628 27.40 4.74 10.81
C LYS E 628 26.53 3.68 10.15
N THR E 629 25.88 2.85 10.95
CA THR E 629 24.82 1.94 10.46
C THR E 629 23.50 2.71 10.52
N LEU E 630 22.36 2.00 10.41
CA LEU E 630 21.05 2.64 10.61
C LEU E 630 20.65 2.65 12.09
N ASP E 631 21.17 1.72 12.87
CA ASP E 631 20.82 1.67 14.27
C ASP E 631 21.97 1.05 15.06
N PRO E 632 22.74 1.88 15.79
CA PRO E 632 23.83 1.37 16.63
C PRO E 632 23.41 0.19 17.48
N ALA E 633 22.15 0.22 17.94
CA ALA E 633 21.57 -0.83 18.79
C ALA E 633 21.39 -2.19 18.12
N GLU E 634 21.08 -2.20 16.83
CA GLU E 634 20.92 -3.48 16.12
C GLU E 634 22.28 -4.08 15.80
N VAL E 635 23.17 -3.24 15.27
CA VAL E 635 24.53 -3.66 14.96
C VAL E 635 25.52 -2.50 14.95
N ASP E 636 26.71 -2.76 15.48
CA ASP E 636 27.80 -1.78 15.55
C ASP E 636 28.41 -1.59 14.17
N TRP E 637 28.90 -0.39 13.89
CA TRP E 637 29.67 -0.17 12.68
C TRP E 637 31.00 -0.94 12.77
N ILE E 638 31.62 -1.20 11.63
CA ILE E 638 32.81 -2.05 11.56
C ILE E 638 34.03 -1.26 11.08
N PRO E 639 34.95 -0.92 12.01
CA PRO E 639 36.05 -0.03 11.64
C PRO E 639 37.07 -0.68 10.71
N PRO E 640 37.75 0.13 9.90
CA PRO E 640 38.72 -0.37 8.92
C PRO E 640 39.85 -1.16 9.55
N ILE E 641 40.24 -2.26 8.89
CA ILE E 641 41.49 -2.97 9.18
C ILE E 641 42.17 -3.29 7.86
N ILE E 642 43.38 -3.84 7.96
CA ILE E 642 44.14 -4.20 6.78
C ILE E 642 43.48 -5.40 6.13
N ARG E 643 43.14 -5.27 4.85
CA ARG E 643 42.32 -6.25 4.14
C ARG E 643 43.17 -7.43 3.63
N SER E 644 43.15 -8.53 4.38
CA SER E 644 43.82 -9.80 3.97
C SER E 644 42.77 -10.89 3.80
N TYR E 645 43.14 -11.95 3.07
CA TYR E 645 42.22 -13.07 2.83
C TYR E 645 42.92 -14.44 2.94
N LYS F 33 42.18 -17.69 -48.37
CA LYS F 33 40.97 -16.87 -48.04
C LYS F 33 39.69 -17.71 -47.91
N ARG F 34 39.27 -17.98 -46.67
CA ARG F 34 38.12 -18.86 -46.38
C ARG F 34 36.79 -18.11 -46.35
N ILE F 35 36.15 -17.97 -47.51
CA ILE F 35 35.00 -17.08 -47.68
C ILE F 35 33.67 -17.83 -47.65
N LYS F 36 33.01 -17.79 -46.49
CA LYS F 36 31.68 -18.36 -46.31
C LYS F 36 30.63 -17.38 -46.80
N THR F 37 29.61 -17.90 -47.47
CA THR F 37 28.53 -17.07 -48.03
C THR F 37 27.20 -17.35 -47.31
N PHE F 38 26.59 -16.31 -46.74
CA PHE F 38 25.30 -16.42 -46.09
C PHE F 38 24.21 -15.81 -46.99
N GLU F 39 23.07 -16.49 -47.12
CA GLU F 39 21.85 -15.92 -47.72
C GLU F 39 20.89 -15.51 -46.63
N ILE F 40 20.58 -14.22 -46.52
CA ILE F 40 19.78 -13.74 -45.39
C ILE F 40 18.51 -13.03 -45.83
N TYR F 41 17.43 -13.35 -45.12
CA TYR F 41 16.12 -12.74 -45.31
C TYR F 41 16.18 -11.26 -44.90
N ARG F 42 15.75 -10.37 -45.80
CA ARG F 42 15.65 -8.93 -45.50
C ARG F 42 14.23 -8.47 -45.72
N PHE F 43 13.80 -7.50 -44.92
CA PHE F 43 12.51 -6.85 -45.14
C PHE F 43 12.56 -5.46 -44.54
N ASN F 44 12.23 -4.46 -45.35
CA ASN F 44 12.11 -3.09 -44.84
C ASN F 44 10.66 -2.62 -44.95
N PRO F 45 10.00 -2.42 -43.81
CA PRO F 45 8.61 -1.96 -43.85
C PRO F 45 8.49 -0.55 -44.40
N GLU F 46 9.49 0.27 -44.14
CA GLU F 46 9.46 1.68 -44.55
C GLU F 46 9.66 1.88 -46.06
N GLU F 47 10.21 0.88 -46.73
CA GLU F 47 10.32 0.89 -48.18
C GLU F 47 8.90 0.68 -48.76
N PRO F 48 8.49 1.54 -49.73
CA PRO F 48 7.08 1.61 -50.16
C PRO F 48 6.56 0.34 -50.84
N GLY F 49 5.53 -0.28 -50.25
CA GLY F 49 4.99 -1.57 -50.73
C GLY F 49 6.06 -2.63 -50.92
N ALA F 50 6.99 -2.72 -49.97
CA ALA F 50 8.16 -3.60 -50.09
C ALA F 50 7.77 -5.07 -50.03
N LYS F 51 8.62 -5.90 -50.62
CA LYS F 51 8.46 -7.36 -50.55
C LYS F 51 9.75 -8.00 -50.05
N PRO F 52 9.63 -9.11 -49.31
CA PRO F 52 10.82 -9.70 -48.75
C PRO F 52 11.71 -10.34 -49.81
N LYS F 53 12.98 -10.55 -49.48
CA LYS F 53 13.95 -11.17 -50.37
C LYS F 53 15.11 -11.80 -49.60
N LEU F 54 15.89 -12.62 -50.30
CA LEU F 54 17.17 -13.13 -49.78
C LEU F 54 18.28 -12.21 -50.26
N GLN F 55 19.36 -12.13 -49.49
CA GLN F 55 20.52 -11.29 -49.82
C GLN F 55 21.82 -11.95 -49.42
N LYS F 56 22.73 -12.12 -50.38
CA LYS F 56 23.97 -12.87 -50.13
C LYS F 56 25.02 -11.99 -49.46
N PHE F 57 25.73 -12.54 -48.49
CA PHE F 57 26.84 -11.85 -47.85
C PHE F 57 28.03 -12.79 -47.75
N ASP F 58 29.19 -12.33 -48.21
CA ASP F 58 30.42 -13.13 -48.19
C ASP F 58 31.28 -12.67 -47.03
N VAL F 59 31.77 -13.62 -46.24
CA VAL F 59 32.44 -13.33 -44.98
C VAL F 59 33.71 -14.19 -44.80
N ASP F 60 34.85 -13.54 -44.55
CA ASP F 60 36.11 -14.26 -44.32
C ASP F 60 36.09 -14.90 -42.93
N LEU F 61 36.04 -16.24 -42.89
CA LEU F 61 35.96 -16.97 -41.62
C LEU F 61 37.19 -16.85 -40.74
N ASP F 62 38.33 -16.46 -41.32
CA ASP F 62 39.55 -16.27 -40.53
C ASP F 62 39.55 -14.92 -39.83
N LYS F 63 38.63 -14.04 -40.23
CA LYS F 63 38.44 -12.74 -39.57
C LYS F 63 37.17 -12.70 -38.71
N CYS F 64 36.47 -13.83 -38.58
CA CYS F 64 35.17 -13.86 -37.90
C CYS F 64 35.10 -14.90 -36.77
N GLY F 65 34.30 -14.58 -35.75
CA GLY F 65 34.05 -15.47 -34.64
C GLY F 65 33.45 -16.77 -35.14
N THR F 66 33.37 -17.74 -34.22
CA THR F 66 33.05 -19.11 -34.56
C THR F 66 31.53 -19.39 -34.72
N MET F 67 30.68 -18.56 -34.11
CA MET F 67 29.22 -18.79 -34.06
C MET F 67 28.44 -17.92 -35.04
N VAL F 68 27.33 -18.45 -35.55
CA VAL F 68 26.56 -17.73 -36.55
C VAL F 68 26.24 -16.28 -36.17
N LEU F 69 26.05 -16.00 -34.89
CA LEU F 69 25.80 -14.62 -34.46
C LEU F 69 27.00 -13.75 -34.78
N ASP F 70 28.20 -14.25 -34.50
CA ASP F 70 29.45 -13.53 -34.77
C ASP F 70 29.50 -13.06 -36.23
N ALA F 71 29.03 -13.89 -37.15
CA ALA F 71 28.86 -13.46 -38.54
C ALA F 71 27.92 -12.26 -38.61
N LEU F 72 26.70 -12.43 -38.09
CA LEU F 72 25.68 -11.40 -38.22
C LEU F 72 26.19 -10.05 -37.74
N ILE F 73 26.86 -10.05 -36.59
CA ILE F 73 27.41 -8.83 -36.01
C ILE F 73 28.53 -8.22 -36.86
N LYS F 74 29.36 -9.08 -37.47
CA LYS F 74 30.44 -8.64 -38.36
C LYS F 74 29.86 -8.05 -39.62
N ILE F 75 28.91 -8.77 -40.23
CA ILE F 75 28.20 -8.27 -41.40
C ILE F 75 27.60 -6.89 -41.11
N LYS F 76 26.96 -6.77 -39.96
CA LYS F 76 26.38 -5.50 -39.51
C LYS F 76 27.42 -4.41 -39.30
N ASN F 77 28.55 -4.76 -38.68
CA ASN F 77 29.56 -3.76 -38.29
C ASN F 77 30.55 -3.40 -39.40
N GLU F 78 30.64 -4.24 -40.44
CA GLU F 78 31.65 -4.07 -41.48
C GLU F 78 31.08 -3.97 -42.89
N VAL F 79 30.00 -4.70 -43.17
CA VAL F 79 29.46 -4.76 -44.53
C VAL F 79 28.18 -3.93 -44.72
N ASP F 80 27.31 -3.90 -43.71
CA ASP F 80 25.94 -3.41 -43.89
C ASP F 80 25.24 -3.20 -42.54
N PRO F 81 25.30 -1.97 -42.01
CA PRO F 81 24.61 -1.64 -40.76
C PRO F 81 23.08 -1.70 -40.76
N THR F 82 22.42 -1.84 -41.92
CA THR F 82 20.96 -1.96 -41.93
C THR F 82 20.47 -3.37 -41.56
N LEU F 83 21.39 -4.34 -41.53
CA LEU F 83 21.03 -5.68 -41.13
C LEU F 83 20.55 -5.66 -39.67
N THR F 84 19.31 -6.09 -39.46
CA THR F 84 18.65 -5.97 -38.17
C THR F 84 18.25 -7.37 -37.65
N PHE F 85 18.56 -7.60 -36.37
CA PHE F 85 18.30 -8.87 -35.69
C PHE F 85 18.45 -8.61 -34.20
N ARG F 86 17.94 -9.53 -33.38
CA ARG F 86 18.05 -9.40 -31.92
C ARG F 86 19.24 -10.19 -31.36
N ARG F 87 19.85 -9.65 -30.30
CA ARG F 87 20.85 -10.38 -29.53
C ARG F 87 21.08 -9.67 -28.21
N SER F 88 21.64 -10.38 -27.24
CA SER F 88 22.03 -9.76 -25.97
C SER F 88 23.16 -10.56 -25.27
N CYS F 89 22.84 -11.69 -24.67
CA CYS F 89 23.85 -12.58 -24.06
C CYS F 89 24.67 -13.29 -25.12
N ARG F 90 25.92 -13.61 -24.82
CA ARG F 90 26.79 -14.24 -25.82
C ARG F 90 26.93 -15.75 -25.59
N GLU F 91 26.05 -16.32 -24.78
CA GLU F 91 26.20 -17.70 -24.29
C GLU F 91 24.92 -18.54 -24.36
N GLY F 92 23.91 -18.07 -25.10
CA GLY F 92 22.65 -18.80 -25.27
C GLY F 92 21.75 -18.92 -24.06
N ILE F 93 21.63 -17.86 -23.26
CA ILE F 93 20.78 -17.88 -22.05
C ILE F 93 19.64 -16.83 -22.08
N CYS F 94 19.82 -15.73 -22.82
CA CYS F 94 18.77 -14.71 -23.01
C CYS F 94 17.54 -15.12 -23.83
N GLY F 95 17.77 -15.81 -24.94
CA GLY F 95 16.71 -16.31 -25.84
C GLY F 95 16.46 -15.39 -27.03
N SER F 96 17.16 -14.25 -27.06
CA SER F 96 16.91 -13.18 -28.04
C SER F 96 17.12 -13.55 -29.50
N CYS F 97 18.10 -14.41 -29.78
CA CYS F 97 18.59 -14.55 -31.14
C CYS F 97 18.03 -15.77 -31.90
N ALA F 98 16.85 -16.24 -31.50
CA ALA F 98 16.24 -17.41 -32.15
C ALA F 98 15.92 -17.05 -33.59
N MET F 99 16.23 -17.97 -34.49
CA MET F 99 15.99 -17.75 -35.91
C MET F 99 16.15 -19.07 -36.63
N ASN F 100 15.76 -19.13 -37.90
CA ASN F 100 15.91 -20.35 -38.68
C ASN F 100 17.22 -20.32 -39.45
N ILE F 101 18.21 -21.04 -38.92
CA ILE F 101 19.52 -21.16 -39.52
C ILE F 101 19.66 -22.53 -40.16
N ALA F 102 19.93 -22.53 -41.46
CA ALA F 102 20.17 -23.77 -42.21
C ALA F 102 19.02 -24.74 -42.06
N GLY F 103 17.80 -24.21 -42.09
CA GLY F 103 16.60 -25.03 -42.08
C GLY F 103 16.04 -25.38 -40.71
N GLU F 104 16.80 -25.13 -39.64
CA GLU F 104 16.38 -25.45 -38.27
C GLU F 104 16.33 -24.21 -37.40
N ASN F 105 15.37 -24.19 -36.47
CA ASN F 105 15.28 -23.09 -35.51
C ASN F 105 16.30 -23.33 -34.41
N THR F 106 17.14 -22.34 -34.15
CA THR F 106 18.16 -22.47 -33.12
C THR F 106 18.62 -21.08 -32.69
N LEU F 107 19.63 -21.03 -31.82
CA LEU F 107 20.17 -19.78 -31.32
C LEU F 107 21.47 -19.45 -32.02
N ALA F 108 21.51 -18.34 -32.74
CA ALA F 108 22.68 -18.00 -33.55
C ALA F 108 23.95 -17.86 -32.73
N CYS F 109 23.82 -17.54 -31.45
CA CYS F 109 24.98 -17.26 -30.58
C CYS F 109 25.69 -18.51 -30.10
N ILE F 110 25.05 -19.67 -30.23
CA ILE F 110 25.65 -20.95 -29.83
C ILE F 110 25.62 -22.05 -30.91
N CYS F 111 25.23 -21.67 -32.12
CA CYS F 111 25.24 -22.57 -33.25
C CYS F 111 26.49 -22.21 -34.04
N ASN F 112 27.42 -23.16 -34.16
CA ASN F 112 28.66 -22.92 -34.89
C ASN F 112 28.39 -22.66 -36.36
N ILE F 113 29.29 -21.91 -37.00
CA ILE F 113 29.24 -21.69 -38.44
C ILE F 113 29.79 -22.94 -39.11
N ASP F 114 29.12 -23.42 -40.14
CA ASP F 114 29.60 -24.55 -40.94
C ASP F 114 30.73 -24.05 -41.82
N GLN F 115 31.94 -24.54 -41.56
CA GLN F 115 33.16 -23.94 -42.14
C GLN F 115 33.44 -24.43 -43.57
N ASN F 116 32.56 -25.33 -44.05
CA ASN F 116 32.49 -25.73 -45.45
C ASN F 116 32.04 -24.57 -46.35
N THR F 117 32.99 -23.88 -46.97
CA THR F 117 32.71 -22.64 -47.75
C THR F 117 31.88 -22.85 -49.02
N SER F 118 31.92 -24.06 -49.58
CA SER F 118 31.10 -24.44 -50.72
C SER F 118 29.60 -24.62 -50.41
N LYS F 119 29.25 -24.71 -49.12
CA LYS F 119 27.85 -24.61 -48.69
C LYS F 119 27.56 -23.13 -48.42
N THR F 120 26.34 -22.71 -48.76
CA THR F 120 25.86 -21.38 -48.35
C THR F 120 24.77 -21.59 -47.29
N THR F 121 24.96 -21.00 -46.12
CA THR F 121 24.00 -21.09 -45.01
C THR F 121 22.80 -20.14 -45.20
N LYS F 122 21.58 -20.66 -45.13
CA LYS F 122 20.39 -19.82 -45.25
C LYS F 122 19.81 -19.47 -43.88
N ILE F 123 19.65 -18.17 -43.66
CA ILE F 123 19.14 -17.63 -42.40
C ILE F 123 17.83 -16.88 -42.62
N TYR F 124 16.77 -17.41 -42.01
CA TYR F 124 15.44 -16.84 -42.05
C TYR F 124 15.01 -16.43 -40.63
N PRO F 125 13.88 -15.71 -40.51
CA PRO F 125 13.35 -15.41 -39.18
C PRO F 125 12.55 -16.59 -38.66
N LEU F 126 12.20 -16.56 -37.37
CA LEU F 126 11.39 -17.62 -36.79
C LEU F 126 10.18 -17.89 -37.69
N PRO F 127 10.02 -19.15 -38.13
CA PRO F 127 8.97 -19.48 -39.07
C PRO F 127 7.54 -19.07 -38.68
N HIS F 128 6.78 -18.70 -39.71
CA HIS F 128 5.39 -18.27 -39.62
C HIS F 128 5.06 -17.12 -38.66
N MET F 129 6.07 -16.44 -38.11
CA MET F 129 5.79 -15.26 -37.30
C MET F 129 5.74 -14.04 -38.20
N PHE F 130 4.89 -13.07 -37.85
CA PHE F 130 4.81 -11.81 -38.58
C PHE F 130 6.09 -11.01 -38.35
N VAL F 131 6.70 -10.51 -39.42
CA VAL F 131 8.00 -9.86 -39.26
C VAL F 131 7.90 -8.34 -39.24
N ILE F 132 8.55 -7.75 -38.24
CA ILE F 132 8.66 -6.31 -38.10
C ILE F 132 9.68 -5.81 -39.13
N LYS F 133 10.89 -6.35 -39.05
CA LYS F 133 11.98 -6.00 -39.95
C LYS F 133 13.08 -7.06 -39.95
N ASP F 134 13.53 -7.44 -41.14
CA ASP F 134 14.61 -8.40 -41.31
C ASP F 134 14.35 -9.71 -40.55
N LEU F 135 15.12 -9.97 -39.49
CA LEU F 135 15.03 -11.22 -38.75
C LEU F 135 14.31 -11.05 -37.42
N VAL F 136 13.64 -9.90 -37.27
CA VAL F 136 12.95 -9.53 -36.04
C VAL F 136 11.45 -9.79 -36.22
N PRO F 137 10.94 -10.87 -35.62
CA PRO F 137 9.50 -11.14 -35.65
C PRO F 137 8.76 -10.45 -34.53
N ASP F 138 7.46 -10.22 -34.70
CA ASP F 138 6.60 -9.77 -33.62
C ASP F 138 6.38 -10.95 -32.67
N MET F 139 6.63 -10.70 -31.40
CA MET F 139 6.77 -11.76 -30.41
C MET F 139 5.64 -11.71 -29.37
N ASN F 140 4.67 -10.84 -29.60
CA ASN F 140 3.75 -10.42 -28.56
C ASN F 140 2.62 -11.39 -28.29
N LEU F 141 2.22 -12.15 -29.30
CA LEU F 141 1.22 -13.19 -29.10
C LEU F 141 1.86 -14.26 -28.25
N PHE F 142 3.06 -14.67 -28.63
CA PHE F 142 3.85 -15.63 -27.86
C PHE F 142 3.95 -15.23 -26.40
N TYR F 143 4.27 -13.96 -26.14
CA TYR F 143 4.36 -13.43 -24.78
C TYR F 143 3.01 -13.44 -24.03
N ALA F 144 1.95 -13.01 -24.70
CA ALA F 144 0.64 -12.95 -24.07
C ALA F 144 0.15 -14.33 -23.67
N GLN F 145 0.30 -15.30 -24.57
CA GLN F 145 -0.08 -16.69 -24.27
C GLN F 145 0.62 -17.19 -23.01
N TYR F 146 1.91 -16.95 -22.88
CA TYR F 146 2.65 -17.24 -21.65
C TYR F 146 2.04 -16.60 -20.39
N ALA F 147 1.61 -15.33 -20.50
CA ALA F 147 0.89 -14.67 -19.41
C ALA F 147 -0.42 -15.38 -19.09
N SER F 148 -1.02 -15.98 -20.13
CA SER F 148 -2.31 -16.66 -20.01
C SER F 148 -2.29 -17.85 -19.05
N ILE F 149 -1.12 -18.49 -18.87
CA ILE F 149 -1.00 -19.62 -17.94
C ILE F 149 -0.87 -19.19 -16.48
N GLN F 150 -0.63 -17.89 -16.26
CA GLN F 150 -0.42 -17.33 -14.93
C GLN F 150 0.87 -17.86 -14.28
N PRO F 151 2.05 -17.42 -14.80
CA PRO F 151 3.37 -17.92 -14.41
C PRO F 151 3.87 -17.41 -13.06
N TRP F 152 3.05 -17.57 -12.03
CA TRP F 152 3.41 -17.18 -10.67
C TRP F 152 2.82 -18.18 -9.69
N LEU F 153 3.56 -18.49 -8.62
CA LEU F 153 3.09 -19.45 -7.62
C LEU F 153 1.82 -18.97 -6.95
N GLN F 154 0.89 -19.91 -6.77
CA GLN F 154 -0.41 -19.62 -6.17
C GLN F 154 -0.65 -20.61 -5.03
N LYS F 155 -1.21 -20.11 -3.94
CA LYS F 155 -1.49 -20.96 -2.78
C LYS F 155 -2.91 -20.76 -2.27
N LYS F 156 -3.57 -21.86 -1.91
CA LYS F 156 -4.98 -21.81 -1.50
C LYS F 156 -5.15 -21.06 -0.18
N THR F 157 -4.19 -21.20 0.74
CA THR F 157 -4.20 -20.49 2.02
C THR F 157 -3.17 -19.36 2.06
N LYS F 158 -3.63 -18.11 1.90
CA LYS F 158 -2.75 -16.93 1.92
C LYS F 158 -1.67 -17.04 3.01
N ILE F 159 -0.42 -17.09 2.56
CA ILE F 159 0.74 -17.20 3.46
C ILE F 159 1.36 -15.80 3.70
N ASN F 160 2.01 -15.61 4.84
CA ASN F 160 2.81 -14.40 5.09
C ASN F 160 4.05 -14.33 4.22
N LEU F 161 4.12 -13.31 3.37
CA LEU F 161 5.07 -13.27 2.25
C LEU F 161 6.53 -13.46 2.63
N GLY F 162 7.04 -12.66 3.55
CA GLY F 162 8.46 -12.75 3.89
C GLY F 162 8.83 -13.86 4.85
N GLU F 163 7.82 -14.37 5.55
CA GLU F 163 8.02 -14.99 6.85
C GLU F 163 8.85 -16.27 6.83
N LYS F 164 8.49 -17.23 5.98
CA LYS F 164 9.19 -18.52 5.98
C LYS F 164 9.12 -19.31 4.67
N GLN F 165 10.06 -20.22 4.52
CA GLN F 165 10.22 -20.95 3.27
C GLN F 165 9.18 -22.01 3.20
N GLN F 166 8.75 -22.34 1.99
CA GLN F 166 7.85 -23.45 1.78
C GLN F 166 8.63 -24.73 1.66
N TYR F 167 8.07 -25.82 2.18
CA TYR F 167 8.75 -27.12 2.11
C TYR F 167 8.67 -27.70 0.68
N GLN F 168 9.79 -28.28 0.24
CA GLN F 168 9.81 -29.06 -0.99
C GLN F 168 10.97 -30.04 -0.95
N SER F 169 10.68 -31.31 -1.15
CA SER F 169 11.70 -32.35 -1.10
C SER F 169 12.51 -32.31 -2.38
N ILE F 170 13.79 -32.64 -2.27
CA ILE F 170 14.66 -32.77 -3.43
C ILE F 170 13.94 -33.52 -4.55
N LYS F 171 13.35 -34.66 -4.22
CA LYS F 171 12.59 -35.43 -5.21
C LYS F 171 11.57 -34.57 -5.96
N GLU F 172 10.80 -33.77 -5.20
CA GLU F 172 9.73 -32.92 -5.75
C GLU F 172 10.22 -31.78 -6.65
N GLN F 173 11.30 -31.11 -6.27
CA GLN F 173 11.81 -29.98 -7.08
C GLN F 173 12.56 -30.47 -8.30
N GLU F 174 13.08 -31.69 -8.27
CA GLU F 174 13.69 -32.29 -9.47
C GLU F 174 12.67 -32.55 -10.60
N LYS F 175 11.39 -32.57 -10.26
CA LYS F 175 10.33 -32.65 -11.28
C LYS F 175 10.34 -31.37 -12.14
N LEU F 176 10.94 -30.32 -11.59
CA LEU F 176 11.12 -29.07 -12.33
C LEU F 176 12.33 -29.11 -13.28
N ASP F 177 13.28 -30.04 -13.09
CA ASP F 177 14.41 -30.17 -14.02
C ASP F 177 13.88 -30.50 -15.41
N GLY F 178 14.50 -29.90 -16.44
CA GLY F 178 14.03 -30.01 -17.83
C GLY F 178 12.85 -29.12 -18.17
N LEU F 179 12.43 -28.31 -17.19
CA LEU F 179 11.23 -27.46 -17.27
C LEU F 179 11.51 -25.98 -17.00
N TYR F 180 12.21 -25.66 -15.91
CA TYR F 180 12.51 -24.27 -15.56
C TYR F 180 13.61 -23.65 -16.44
N GLU F 181 14.44 -24.49 -17.05
CA GLU F 181 15.55 -24.05 -17.91
C GLU F 181 15.11 -23.27 -19.18
N CYS F 182 13.87 -23.49 -19.63
CA CYS F 182 13.32 -22.81 -20.78
C CYS F 182 13.58 -21.30 -20.81
N ILE F 183 14.30 -20.83 -21.84
CA ILE F 183 14.66 -19.41 -21.93
C ILE F 183 13.62 -18.55 -22.69
N LEU F 184 12.52 -19.17 -23.11
CA LEU F 184 11.42 -18.45 -23.77
C LEU F 184 11.90 -17.79 -25.08
N CYS F 185 12.55 -18.58 -25.92
CA CYS F 185 13.12 -18.13 -27.20
C CYS F 185 12.19 -18.34 -28.41
N ALA F 186 11.22 -19.24 -28.22
CA ALA F 186 10.17 -19.57 -29.20
C ALA F 186 10.63 -20.39 -30.40
N CYS F 187 11.80 -21.04 -30.29
CA CYS F 187 12.30 -21.93 -31.34
C CYS F 187 11.34 -23.09 -31.59
N CYS F 188 10.84 -23.66 -30.50
CA CYS F 188 9.98 -24.83 -30.57
C CYS F 188 8.60 -24.51 -31.16
N SER F 189 7.93 -23.50 -30.58
CA SER F 189 6.62 -23.07 -31.08
C SER F 189 6.70 -22.68 -32.56
N ALA F 190 7.74 -21.94 -32.95
CA ALA F 190 7.91 -21.52 -34.35
C ALA F 190 8.40 -22.64 -35.27
N SER F 191 8.57 -23.83 -34.72
CA SER F 191 8.87 -25.03 -35.51
C SER F 191 7.71 -26.00 -35.52
N CYS F 192 6.59 -25.63 -34.89
CA CYS F 192 5.42 -26.51 -34.75
C CYS F 192 4.36 -26.21 -35.82
N PRO F 193 4.20 -27.10 -36.80
CA PRO F 193 3.19 -26.86 -37.81
C PRO F 193 1.81 -26.51 -37.26
N SER F 194 1.37 -27.19 -36.20
CA SER F 194 0.05 -26.91 -35.63
C SER F 194 -0.01 -25.50 -35.07
N TYR F 195 1.13 -25.01 -34.58
CA TYR F 195 1.23 -23.63 -34.13
C TYR F 195 1.35 -22.65 -35.32
N TRP F 196 1.80 -23.14 -36.48
CA TRP F 196 1.81 -22.34 -37.70
C TRP F 196 0.40 -22.00 -38.17
N TRP F 197 -0.52 -22.98 -38.08
CA TRP F 197 -1.87 -22.82 -38.63
C TRP F 197 -2.86 -22.15 -37.65
N ASN F 198 -2.77 -22.48 -36.36
CA ASN F 198 -3.69 -21.91 -35.36
C ASN F 198 -2.97 -21.42 -34.10
N ALA F 199 -1.99 -20.55 -34.32
CA ALA F 199 -1.29 -19.87 -33.22
C ALA F 199 -2.25 -19.09 -32.30
N ASP F 200 -3.39 -18.65 -32.82
CA ASP F 200 -4.35 -17.90 -32.01
C ASP F 200 -5.08 -18.79 -31.00
N LYS F 201 -5.28 -20.06 -31.36
CA LYS F 201 -6.07 -21.00 -30.56
C LYS F 201 -5.20 -21.96 -29.74
N TYR F 202 -4.25 -22.61 -30.42
CA TYR F 202 -3.27 -23.53 -29.81
C TYR F 202 -2.11 -22.81 -29.13
N LEU F 203 -1.89 -23.10 -27.85
CA LEU F 203 -0.91 -22.37 -27.03
C LEU F 203 0.53 -22.64 -27.42
N GLY F 204 0.78 -23.84 -27.96
CA GLY F 204 2.10 -24.22 -28.46
C GLY F 204 2.98 -24.82 -27.40
N PRO F 205 4.06 -25.53 -27.80
CA PRO F 205 4.96 -26.25 -26.90
C PRO F 205 5.54 -25.41 -25.77
N ALA F 206 6.09 -24.25 -26.10
CA ALA F 206 6.75 -23.40 -25.13
C ALA F 206 5.83 -23.14 -23.95
N VAL F 207 4.65 -22.59 -24.23
CA VAL F 207 3.70 -22.18 -23.18
C VAL F 207 3.13 -23.39 -22.44
N LEU F 208 2.85 -24.46 -23.17
CA LEU F 208 2.29 -25.66 -22.57
C LEU F 208 3.27 -26.34 -21.62
N MET F 209 4.56 -26.38 -21.95
CA MET F 209 5.56 -26.92 -21.02
C MET F 209 5.66 -26.03 -19.79
N GLN F 210 5.63 -24.73 -19.99
CA GLN F 210 5.62 -23.79 -18.87
C GLN F 210 4.34 -23.86 -18.06
N ALA F 211 3.22 -24.10 -18.74
CA ALA F 211 1.97 -24.36 -18.04
C ALA F 211 2.14 -25.57 -17.12
N TYR F 212 2.86 -26.57 -17.61
CA TYR F 212 3.14 -27.79 -16.86
C TYR F 212 4.11 -27.56 -15.70
N ARG F 213 5.14 -26.74 -15.95
CA ARG F 213 6.11 -26.33 -14.92
C ARG F 213 5.46 -25.89 -13.61
N TRP F 214 4.29 -25.27 -13.69
CA TRP F 214 3.54 -24.84 -12.50
C TRP F 214 2.50 -25.86 -12.06
N ILE F 215 2.11 -26.76 -12.97
CA ILE F 215 1.16 -27.81 -12.63
C ILE F 215 1.81 -28.88 -11.74
N ILE F 216 3.03 -29.34 -12.04
CA ILE F 216 3.74 -30.32 -11.16
C ILE F 216 4.61 -29.68 -10.09
N ASP F 217 4.48 -28.38 -9.88
CA ASP F 217 5.11 -27.74 -8.71
C ASP F 217 4.31 -28.12 -7.46
N SER F 218 4.95 -28.86 -6.57
CA SER F 218 4.29 -29.38 -5.37
C SER F 218 3.90 -28.29 -4.39
N ARG F 219 4.40 -27.08 -4.60
CA ARG F 219 4.08 -25.94 -3.76
C ARG F 219 2.86 -25.20 -4.29
N ASP F 220 2.44 -25.54 -5.50
CA ASP F 220 1.38 -24.82 -6.19
C ASP F 220 0.06 -25.54 -6.01
N ASP F 221 -0.94 -24.81 -5.51
CA ASP F 221 -2.20 -25.42 -5.09
C ASP F 221 -3.30 -25.31 -6.14
N SER F 222 -2.96 -24.86 -7.36
CA SER F 222 -3.95 -24.57 -8.40
C SER F 222 -4.01 -25.55 -9.58
N ALA F 223 -3.38 -26.72 -9.46
CA ALA F 223 -3.37 -27.66 -10.58
C ALA F 223 -4.73 -27.75 -11.29
N ALA F 224 -5.81 -27.85 -10.51
CA ALA F 224 -7.18 -27.99 -11.03
C ALA F 224 -7.56 -26.85 -11.95
N GLU F 225 -7.34 -25.62 -11.49
CA GLU F 225 -7.68 -24.43 -12.28
C GLU F 225 -6.78 -24.26 -13.50
N ARG F 226 -5.51 -24.62 -13.36
CA ARG F 226 -4.53 -24.52 -14.45
C ARG F 226 -4.84 -25.51 -15.57
N LEU F 227 -5.33 -26.68 -15.20
CA LEU F 227 -5.78 -27.68 -16.17
C LEU F 227 -7.08 -27.25 -16.82
N ALA F 228 -7.87 -26.46 -16.09
CA ALA F 228 -9.18 -25.99 -16.57
C ALA F 228 -9.04 -24.86 -17.58
N ARG F 229 -7.88 -24.21 -17.60
CA ARG F 229 -7.64 -23.13 -18.55
C ARG F 229 -7.37 -23.64 -19.96
N MET F 230 -7.06 -24.93 -20.08
CA MET F 230 -6.79 -25.54 -21.39
C MET F 230 -7.52 -26.87 -21.57
N GLN F 231 -8.76 -26.90 -21.11
CA GLN F 231 -9.67 -28.05 -21.28
C GLN F 231 -10.34 -28.10 -22.66
N ASP F 232 -10.32 -26.98 -23.40
CA ASP F 232 -10.94 -26.93 -24.72
C ASP F 232 -10.18 -27.76 -25.76
N GLY F 233 -10.76 -27.87 -26.94
CA GLY F 233 -10.24 -28.73 -28.00
C GLY F 233 -9.03 -28.20 -28.73
N PHE F 234 -8.72 -26.92 -28.56
CA PHE F 234 -7.58 -26.28 -29.26
C PHE F 234 -6.37 -26.02 -28.38
N SER F 235 -6.58 -25.53 -27.16
CA SER F 235 -5.52 -24.98 -26.32
C SER F 235 -4.30 -25.90 -26.19
N ALA F 236 -4.51 -27.07 -25.60
CA ALA F 236 -3.45 -28.05 -25.45
C ALA F 236 -3.62 -29.25 -26.39
N PHE F 237 -4.85 -29.50 -26.82
CA PHE F 237 -5.17 -30.71 -27.58
C PHE F 237 -4.88 -30.65 -29.08
N LYS F 238 -4.65 -29.46 -29.63
CA LYS F 238 -4.18 -29.33 -31.01
C LYS F 238 -2.70 -29.69 -31.19
N CYS F 239 -2.10 -30.25 -30.14
CA CYS F 239 -0.85 -30.97 -30.28
C CYS F 239 -1.10 -32.30 -31.00
N HIS F 240 -0.58 -32.42 -32.22
CA HIS F 240 -0.69 -33.64 -32.98
C HIS F 240 0.60 -34.46 -32.94
N THR F 241 1.35 -34.34 -31.84
CA THR F 241 2.53 -35.19 -31.62
C THR F 241 3.49 -35.23 -32.81
N ILE F 242 3.76 -34.05 -33.38
CA ILE F 242 4.61 -33.92 -34.58
C ILE F 242 6.09 -34.11 -34.23
N MET F 243 6.50 -33.47 -33.14
CA MET F 243 7.78 -33.68 -32.43
C MET F 243 8.92 -32.70 -32.80
N ASN F 244 8.63 -31.71 -33.63
CA ASN F 244 9.63 -30.68 -33.98
C ASN F 244 10.12 -29.88 -32.75
N CYS F 245 9.24 -29.69 -31.76
CA CYS F 245 9.59 -28.95 -30.55
C CYS F 245 10.83 -29.56 -29.90
N THR F 246 10.71 -30.81 -29.48
CA THR F 246 11.78 -31.47 -28.78
C THR F 246 13.03 -31.62 -29.63
N LYS F 247 12.88 -31.71 -30.94
CA LYS F 247 14.03 -31.86 -31.85
C LYS F 247 14.84 -30.56 -31.95
N THR F 248 14.16 -29.42 -31.99
CA THR F 248 14.80 -28.14 -32.33
C THR F 248 15.32 -27.37 -31.13
N CYS F 249 14.75 -27.65 -29.97
CA CYS F 249 15.07 -26.90 -28.76
C CYS F 249 16.56 -26.87 -28.51
N PRO F 250 17.18 -25.69 -28.62
CA PRO F 250 18.62 -25.57 -28.44
C PRO F 250 19.09 -25.73 -26.99
N LYS F 251 18.16 -25.80 -26.03
CA LYS F 251 18.51 -26.12 -24.66
C LYS F 251 18.25 -27.59 -24.35
N HIS F 252 18.04 -28.38 -25.41
CA HIS F 252 17.90 -29.84 -25.29
C HIS F 252 16.80 -30.26 -24.31
N LEU F 253 15.80 -29.39 -24.20
CA LEU F 253 14.59 -29.69 -23.45
C LEU F 253 13.61 -30.45 -24.35
N ASN F 254 12.51 -30.86 -23.74
CA ASN F 254 11.54 -31.75 -24.37
C ASN F 254 10.13 -31.33 -23.93
N PRO F 255 9.55 -30.36 -24.66
CA PRO F 255 8.19 -29.91 -24.39
C PRO F 255 7.17 -30.96 -24.82
N ALA F 256 7.50 -31.72 -25.85
CA ALA F 256 6.62 -32.80 -26.32
C ALA F 256 6.21 -33.73 -25.17
N ARG F 257 7.18 -34.07 -24.31
CA ARG F 257 6.97 -34.92 -23.14
C ARG F 257 6.04 -34.25 -22.11
N ALA F 258 6.17 -32.94 -21.96
CA ALA F 258 5.33 -32.18 -21.03
C ALA F 258 3.88 -32.10 -21.52
N ILE F 259 3.70 -31.88 -22.82
CA ILE F 259 2.37 -31.85 -23.40
C ILE F 259 1.71 -33.22 -23.21
N GLY F 260 2.48 -34.27 -23.43
CA GLY F 260 2.00 -35.61 -23.17
C GLY F 260 1.50 -35.73 -21.73
N GLU F 261 2.34 -35.27 -20.81
CA GLU F 261 2.02 -35.34 -19.40
C GLU F 261 0.82 -34.46 -19.02
N ILE F 262 0.63 -33.36 -19.75
CA ILE F 262 -0.57 -32.51 -19.58
C ILE F 262 -1.82 -33.26 -20.04
N LYS F 263 -1.76 -33.82 -21.25
CA LYS F 263 -2.87 -34.60 -21.77
C LYS F 263 -3.30 -35.65 -20.74
N MET F 264 -2.35 -36.44 -20.26
CA MET F 264 -2.64 -37.49 -19.27
C MET F 264 -3.36 -36.94 -18.04
N LEU F 265 -3.05 -35.71 -17.63
CA LEU F 265 -3.78 -35.08 -16.54
C LEU F 265 -5.17 -34.65 -16.97
N LEU F 266 -5.28 -34.06 -18.17
CA LEU F 266 -6.56 -33.60 -18.70
C LEU F 266 -7.58 -34.71 -18.86
N THR F 267 -7.12 -35.88 -19.30
CA THR F 267 -8.00 -37.03 -19.54
C THR F 267 -8.25 -37.83 -18.24
N LYS F 268 -7.75 -37.32 -17.12
CA LYS F 268 -7.85 -37.97 -15.82
C LYS F 268 -7.16 -39.34 -15.76
N MET F 269 -6.40 -39.68 -16.80
CA MET F 269 -5.58 -40.89 -16.83
C MET F 269 -4.45 -40.84 -15.80
N LYS F 270 -4.12 -39.65 -15.32
CA LYS F 270 -3.21 -39.46 -14.20
C LYS F 270 -3.74 -38.37 -13.30
N THR F 271 -3.14 -38.23 -12.13
CA THR F 271 -3.41 -37.09 -11.27
C THR F 271 -2.12 -36.67 -10.60
N LYS F 272 -2.00 -35.35 -10.38
CA LYS F 272 -0.85 -34.77 -9.68
C LYS F 272 -0.82 -35.25 -8.23
N PRO F 273 0.28 -35.90 -7.81
CA PRO F 273 0.38 -36.40 -6.43
C PRO F 273 0.18 -35.30 -5.40
N ALA F 274 -0.09 -35.68 -4.16
CA ALA F 274 -0.25 -34.69 -3.09
C ALA F 274 1.13 -34.22 -2.67
N PRO F 275 1.24 -32.95 -2.23
CA PRO F 275 2.52 -32.50 -1.71
C PRO F 275 2.94 -33.33 -0.50
N LEU F 276 4.14 -33.90 -0.54
CA LEU F 276 4.70 -34.62 0.61
C LEU F 276 4.61 -33.70 1.80
N PRO F 277 4.29 -34.26 2.98
CA PRO F 277 3.89 -33.43 4.12
C PRO F 277 5.09 -32.72 4.72
N THR F 278 4.90 -31.44 5.04
CA THR F 278 5.96 -30.66 5.67
C THR F 278 6.30 -31.28 7.06
N PRO F 279 7.59 -31.62 7.28
CA PRO F 279 8.06 -32.19 8.55
C PRO F 279 7.71 -31.38 9.81
N ALA F 280 7.97 -31.96 10.97
CA ALA F 280 7.57 -31.36 12.25
C ALA F 280 8.51 -30.23 12.69
N ASN F 281 9.81 -30.52 12.68
CA ASN F 281 10.85 -29.56 13.09
C ASN F 281 11.27 -28.56 11.99
N PHE F 282 10.60 -28.61 10.84
CA PHE F 282 10.81 -27.65 9.73
C PHE F 282 10.33 -26.27 10.13
N GLU G 34 -17.23 -21.78 -27.69
CA GLU G 34 -16.81 -20.53 -27.00
C GLU G 34 -15.29 -20.46 -26.95
N LYS G 35 -14.73 -19.26 -26.84
CA LYS G 35 -13.27 -19.08 -26.83
C LYS G 35 -12.78 -18.69 -25.45
N THR G 36 -11.62 -19.20 -25.07
CA THR G 36 -10.97 -18.76 -23.84
C THR G 36 -10.58 -17.31 -24.03
N PRO G 37 -10.40 -16.56 -22.93
CA PRO G 37 -9.96 -15.17 -23.05
C PRO G 37 -8.74 -14.97 -23.93
N ILE G 38 -7.71 -15.78 -23.73
CA ILE G 38 -6.50 -15.68 -24.59
C ILE G 38 -6.79 -15.90 -26.08
N GLN G 39 -7.72 -16.81 -26.39
CA GLN G 39 -8.09 -17.09 -27.78
C GLN G 39 -8.82 -15.90 -28.47
N VAL G 40 -9.49 -15.08 -27.65
CA VAL G 40 -10.12 -13.87 -28.14
C VAL G 40 -9.03 -12.85 -28.40
N TRP G 41 -8.13 -12.68 -27.44
CA TRP G 41 -6.98 -11.79 -27.59
C TRP G 41 -6.18 -12.17 -28.83
N GLY G 42 -5.99 -13.48 -29.03
CA GLY G 42 -5.21 -14.00 -30.15
C GLY G 42 -5.82 -13.72 -31.51
N TRP G 43 -7.13 -13.69 -31.57
CA TRP G 43 -7.80 -13.32 -32.81
C TRP G 43 -7.53 -11.84 -33.10
N ASP G 44 -7.78 -11.00 -32.12
CA ASP G 44 -7.53 -9.56 -32.28
C ASP G 44 -6.09 -9.31 -32.68
N TYR G 45 -5.17 -10.05 -32.06
CA TYR G 45 -3.78 -10.03 -32.48
C TYR G 45 -3.70 -10.24 -33.99
N LEU G 46 -4.21 -11.37 -34.46
CA LEU G 46 -4.15 -11.67 -35.89
C LEU G 46 -4.65 -10.51 -36.75
N MET G 47 -5.86 -10.01 -36.47
CA MET G 47 -6.46 -8.92 -37.26
C MET G 47 -5.54 -7.70 -37.30
N ARG G 48 -5.11 -7.28 -36.12
CA ARG G 48 -4.19 -6.15 -35.96
C ARG G 48 -2.95 -6.31 -36.86
N GLN G 49 -2.41 -7.53 -36.90
CA GLN G 49 -1.21 -7.82 -37.69
C GLN G 49 -1.50 -7.79 -39.18
N ARG G 50 -2.60 -8.41 -39.61
CA ARG G 50 -3.06 -8.26 -41.00
C ARG G 50 -3.18 -6.79 -41.38
N ALA G 51 -3.80 -6.02 -40.49
CA ALA G 51 -3.98 -4.58 -40.68
C ALA G 51 -2.66 -3.89 -41.04
N LEU G 52 -1.58 -4.28 -40.38
CA LEU G 52 -0.26 -3.67 -40.61
C LEU G 52 0.42 -4.12 -41.93
N LYS G 53 -0.17 -5.11 -42.60
CA LYS G 53 0.36 -5.65 -43.87
C LYS G 53 1.79 -6.17 -43.69
N ARG G 54 2.02 -6.78 -42.53
CA ARG G 54 3.30 -7.43 -42.25
C ARG G 54 3.31 -8.81 -42.90
N PRO G 55 4.46 -9.21 -43.47
CA PRO G 55 4.55 -10.52 -44.09
C PRO G 55 4.76 -11.63 -43.06
N ILE G 56 4.19 -12.80 -43.31
CA ILE G 56 4.42 -13.96 -42.47
C ILE G 56 5.70 -14.64 -42.94
N ALA G 57 6.61 -14.88 -42.01
CA ALA G 57 7.92 -15.48 -42.30
C ALA G 57 7.75 -16.87 -42.93
N PRO G 58 8.60 -17.24 -43.89
CA PRO G 58 8.45 -18.55 -44.53
C PRO G 58 8.54 -19.71 -43.55
N HIS G 59 7.91 -20.82 -43.91
CA HIS G 59 7.76 -21.98 -43.02
C HIS G 59 8.04 -23.28 -43.77
N LEU G 60 7.04 -23.80 -44.49
CA LEU G 60 7.15 -25.06 -45.23
C LEU G 60 8.29 -25.05 -46.21
N THR G 61 8.36 -24.00 -47.00
CA THR G 61 9.30 -23.89 -48.11
C THR G 61 10.75 -23.64 -47.68
N ILE G 62 11.01 -23.47 -46.39
CA ILE G 62 12.40 -23.30 -45.90
C ILE G 62 12.79 -24.29 -44.79
N TYR G 63 11.81 -24.88 -44.12
CA TYR G 63 12.12 -25.70 -42.96
C TYR G 63 12.67 -27.03 -43.39
N LYS G 64 13.81 -27.39 -42.82
CA LYS G 64 14.53 -28.61 -43.16
C LYS G 64 13.63 -29.84 -42.99
N PRO G 65 13.46 -30.64 -44.05
CA PRO G 65 12.67 -31.88 -43.87
C PRO G 65 13.31 -32.81 -42.84
N GLN G 66 12.54 -33.27 -41.87
CA GLN G 66 13.05 -34.11 -40.78
C GLN G 66 12.13 -35.29 -40.57
N MET G 67 12.62 -36.30 -39.87
CA MET G 67 11.86 -37.54 -39.63
C MET G 67 10.74 -37.32 -38.59
N THR G 68 10.73 -36.15 -37.97
CA THR G 68 9.65 -35.80 -37.09
C THR G 68 8.40 -35.49 -37.90
N TRP G 69 8.46 -34.43 -38.71
CA TRP G 69 7.26 -33.87 -39.36
C TRP G 69 6.89 -34.53 -40.70
N MET G 70 7.84 -35.17 -41.35
CA MET G 70 7.56 -35.94 -42.57
C MET G 70 6.75 -37.19 -42.23
N VAL G 71 7.15 -37.92 -41.20
CA VAL G 71 6.40 -39.09 -40.74
C VAL G 71 5.01 -38.68 -40.19
N SER G 72 4.92 -37.51 -39.57
CA SER G 72 3.63 -36.95 -39.18
C SER G 72 2.83 -36.65 -40.44
N GLY G 73 3.44 -35.92 -41.36
CA GLY G 73 2.83 -35.61 -42.64
C GLY G 73 2.30 -36.86 -43.33
N LEU G 74 3.10 -37.92 -43.34
CA LEU G 74 2.71 -39.19 -43.96
C LEU G 74 1.52 -39.83 -43.25
N HIS G 75 1.53 -39.75 -41.92
CA HIS G 75 0.44 -40.30 -41.10
C HIS G 75 -0.91 -39.65 -41.42
N ARG G 76 -0.91 -38.35 -41.65
CA ARG G 76 -2.11 -37.64 -42.08
C ARG G 76 -2.44 -38.02 -43.52
N VAL G 77 -1.45 -38.00 -44.39
CA VAL G 77 -1.67 -38.36 -45.80
C VAL G 77 -2.24 -39.79 -45.95
N THR G 78 -1.69 -40.78 -45.25
CA THR G 78 -2.20 -42.16 -45.34
C THR G 78 -3.63 -42.28 -44.84
N GLY G 79 -3.92 -41.70 -43.69
CA GLY G 79 -5.25 -41.75 -43.10
C GLY G 79 -6.30 -41.11 -43.99
N CYS G 80 -6.04 -39.89 -44.44
CA CYS G 80 -6.96 -39.19 -45.36
C CYS G 80 -7.16 -39.97 -46.66
N ALA G 81 -6.06 -40.40 -47.27
CA ALA G 81 -6.13 -41.18 -48.52
C ALA G 81 -7.04 -42.38 -48.36
N MET G 82 -6.94 -43.06 -47.23
CA MET G 82 -7.82 -44.21 -46.97
C MET G 82 -9.29 -43.79 -46.83
N ALA G 83 -9.53 -42.69 -46.10
CA ALA G 83 -10.88 -42.20 -45.86
C ALA G 83 -11.53 -41.74 -47.15
N GLY G 84 -10.74 -41.07 -48.00
CA GLY G 84 -11.18 -40.69 -49.34
C GLY G 84 -11.47 -41.92 -50.18
N THR G 85 -10.56 -42.89 -50.11
CA THR G 85 -10.77 -44.15 -50.81
C THR G 85 -12.05 -44.84 -50.36
N LEU G 86 -12.34 -44.81 -49.06
CA LEU G 86 -13.58 -45.38 -48.54
C LEU G 86 -14.81 -44.59 -48.95
N LEU G 87 -14.69 -43.27 -49.04
CA LEU G 87 -15.81 -42.42 -49.42
C LEU G 87 -16.08 -42.50 -50.91
N ILE G 88 -15.07 -42.27 -51.73
CA ILE G 88 -15.23 -42.33 -53.18
C ILE G 88 -15.75 -43.71 -53.57
N GLY G 89 -15.19 -44.75 -52.97
CA GLY G 89 -15.62 -46.12 -53.22
C GLY G 89 -17.03 -46.40 -52.74
N GLY G 90 -17.25 -46.24 -51.44
CA GLY G 90 -18.56 -46.52 -50.85
C GLY G 90 -19.71 -45.86 -51.58
N VAL G 91 -19.66 -44.53 -51.65
CA VAL G 91 -20.69 -43.74 -52.29
C VAL G 91 -20.73 -43.97 -53.81
N GLY G 92 -19.55 -44.09 -54.43
CA GLY G 92 -19.43 -44.21 -55.88
C GLY G 92 -20.02 -45.49 -56.47
N PHE G 93 -19.81 -46.62 -55.79
CA PHE G 93 -20.32 -47.89 -56.30
C PHE G 93 -21.81 -48.07 -55.99
N SER G 94 -22.34 -47.24 -55.09
CA SER G 94 -23.77 -47.24 -54.79
C SER G 94 -24.52 -46.43 -55.85
N VAL G 95 -24.14 -45.16 -56.00
CA VAL G 95 -24.81 -44.24 -56.93
C VAL G 95 -24.73 -44.76 -58.37
N LEU G 96 -23.51 -44.92 -58.90
CA LEU G 96 -23.32 -45.39 -60.27
C LEU G 96 -23.95 -46.78 -60.48
N PRO G 97 -24.44 -47.04 -61.71
CA PRO G 97 -25.03 -48.33 -62.06
C PRO G 97 -24.00 -49.46 -62.04
N LEU G 98 -22.74 -49.10 -62.35
CA LEU G 98 -21.57 -49.98 -62.14
C LEU G 98 -21.51 -50.57 -60.73
N ASP G 99 -21.20 -51.86 -60.65
CA ASP G 99 -21.00 -52.56 -59.37
C ASP G 99 -19.55 -53.05 -59.28
N PHE G 100 -19.15 -53.55 -58.11
CA PHE G 100 -17.73 -53.86 -57.86
C PHE G 100 -17.20 -55.03 -58.72
N THR G 101 -18.03 -56.04 -58.93
CA THR G 101 -17.60 -57.22 -59.69
C THR G 101 -17.08 -56.83 -61.08
N THR G 102 -17.88 -56.06 -61.82
CA THR G 102 -17.52 -55.65 -63.19
C THR G 102 -16.39 -54.60 -63.25
N PHE G 103 -15.99 -54.07 -62.10
CA PHE G 103 -14.76 -53.26 -62.01
C PHE G 103 -13.53 -54.16 -62.00
N VAL G 104 -13.63 -55.30 -61.33
CA VAL G 104 -12.53 -56.27 -61.28
C VAL G 104 -12.28 -56.84 -62.68
N GLU G 105 -13.36 -57.16 -63.39
CA GLU G 105 -13.27 -57.63 -64.77
C GLU G 105 -12.66 -56.59 -65.71
N PHE G 106 -13.11 -55.34 -65.61
CA PHE G 106 -12.63 -54.28 -66.50
C PHE G 106 -11.11 -54.15 -66.45
N ILE G 107 -10.54 -54.19 -65.24
CA ILE G 107 -9.09 -54.03 -65.08
C ILE G 107 -8.32 -55.32 -65.43
N ARG G 108 -8.86 -56.47 -65.05
CA ARG G 108 -8.30 -57.76 -65.48
C ARG G 108 -8.29 -57.82 -67.01
N GLY G 109 -9.35 -57.32 -67.62
CA GLY G 109 -9.47 -57.25 -69.07
C GLY G 109 -8.45 -56.38 -69.80
N LEU G 110 -7.53 -55.75 -69.04
CA LEU G 110 -6.41 -55.03 -69.62
C LEU G 110 -5.11 -55.86 -69.62
N GLY G 111 -5.10 -56.95 -68.87
CA GLY G 111 -3.98 -57.90 -68.87
C GLY G 111 -2.61 -57.31 -68.58
N ILE G 112 -2.55 -56.37 -67.63
CA ILE G 112 -1.29 -55.72 -67.25
C ILE G 112 -0.40 -56.66 -66.41
N PRO G 113 0.91 -56.39 -66.32
CA PRO G 113 1.87 -57.40 -65.83
C PRO G 113 1.76 -57.79 -64.34
N TRP G 114 2.41 -58.89 -63.99
CA TRP G 114 2.40 -59.43 -62.63
C TRP G 114 3.07 -58.48 -61.62
N VAL G 115 3.98 -57.65 -62.11
CA VAL G 115 4.72 -56.69 -61.28
C VAL G 115 3.81 -55.52 -60.93
N ILE G 116 3.33 -54.83 -61.96
CA ILE G 116 2.57 -53.59 -61.78
C ILE G 116 1.30 -53.83 -60.95
N LEU G 117 0.67 -54.98 -61.17
CA LEU G 117 -0.52 -55.37 -60.40
C LEU G 117 -0.22 -55.53 -58.91
N ASP G 118 0.94 -56.12 -58.60
CA ASP G 118 1.34 -56.30 -57.20
C ASP G 118 1.90 -55.02 -56.58
N THR G 119 2.31 -54.06 -57.40
CA THR G 119 2.65 -52.73 -56.92
C THR G 119 1.41 -52.02 -56.38
N PHE G 120 0.35 -51.96 -57.18
CA PHE G 120 -0.90 -51.32 -56.75
C PHE G 120 -1.53 -52.01 -55.53
N LYS G 121 -1.17 -53.26 -55.28
CA LYS G 121 -1.55 -53.94 -54.03
C LYS G 121 -0.79 -53.34 -52.85
N PHE G 122 0.53 -53.22 -53.01
CA PHE G 122 1.42 -52.62 -52.00
C PHE G 122 1.03 -51.18 -51.68
N ILE G 123 0.67 -50.42 -52.71
CA ILE G 123 0.20 -49.04 -52.53
C ILE G 123 -1.14 -49.01 -51.78
N ILE G 124 -1.86 -50.14 -51.74
CA ILE G 124 -3.05 -50.27 -50.88
C ILE G 124 -2.71 -50.77 -49.47
N ALA G 125 -1.79 -51.74 -49.37
CA ALA G 125 -1.43 -52.35 -48.09
C ALA G 125 -0.57 -51.46 -47.19
N PHE G 126 0.34 -50.71 -47.78
CA PHE G 126 1.30 -49.92 -47.00
C PHE G 126 0.65 -48.81 -46.19
N PRO G 127 -0.26 -48.04 -46.79
CA PRO G 127 -1.01 -47.05 -46.00
C PRO G 127 -1.72 -47.65 -44.78
N ILE G 128 -2.21 -48.87 -44.89
CA ILE G 128 -2.96 -49.48 -43.80
C ILE G 128 -2.00 -49.90 -42.68
N ALA G 129 -0.88 -50.52 -43.05
CA ALA G 129 0.08 -51.05 -42.06
C ALA G 129 0.98 -49.97 -41.42
N PHE G 130 1.37 -48.95 -42.18
CA PHE G 130 2.13 -47.82 -41.61
C PHE G 130 1.26 -47.04 -40.64
N HIS G 131 0.06 -46.66 -41.10
CA HIS G 131 -0.82 -45.82 -40.32
C HIS G 131 -1.22 -46.49 -39.00
N THR G 132 -1.44 -47.81 -39.05
CA THR G 132 -1.84 -48.52 -37.83
C THR G 132 -0.68 -48.54 -36.87
N LEU G 133 0.53 -48.82 -37.38
CA LEU G 133 1.72 -48.91 -36.54
C LEU G 133 2.10 -47.55 -35.98
N ASN G 134 2.18 -46.55 -36.85
CA ASN G 134 2.44 -45.21 -36.37
C ASN G 134 1.36 -44.78 -35.38
N GLY G 135 0.10 -45.11 -35.71
CA GLY G 135 -1.02 -44.87 -34.81
C GLY G 135 -0.74 -45.31 -33.38
N ILE G 136 -0.23 -46.54 -33.20
CA ILE G 136 0.11 -47.00 -31.85
C ILE G 136 1.27 -46.16 -31.29
N ARG G 137 2.25 -45.83 -32.14
CA ARG G 137 3.39 -44.97 -31.76
C ARG G 137 2.90 -43.59 -31.24
N PHE G 138 2.02 -42.97 -32.03
CA PHE G 138 1.46 -41.64 -31.72
C PHE G 138 0.57 -41.67 -30.48
N ILE G 139 -0.07 -42.80 -30.20
CA ILE G 139 -0.81 -42.94 -28.95
C ILE G 139 0.15 -42.91 -27.78
N GLY G 140 1.29 -43.58 -27.94
CA GLY G 140 2.36 -43.54 -26.94
C GLY G 140 2.74 -42.10 -26.66
N PHE G 141 3.03 -41.34 -27.73
CA PHE G 141 3.37 -39.93 -27.60
C PHE G 141 2.36 -39.12 -26.80
N ASP G 142 1.07 -39.45 -26.92
CA ASP G 142 0.03 -38.77 -26.16
C ASP G 142 0.16 -39.05 -24.66
N MET G 143 0.75 -40.21 -24.32
CA MET G 143 0.94 -40.62 -22.93
C MET G 143 2.38 -40.40 -22.44
N ALA G 144 3.10 -39.51 -23.11
CA ALA G 144 4.47 -39.15 -22.72
C ALA G 144 5.49 -40.28 -22.88
N LYS G 145 5.17 -41.28 -23.68
CA LYS G 145 6.01 -42.46 -23.86
C LYS G 145 6.87 -42.37 -25.12
N GLY G 146 8.19 -42.54 -24.96
CA GLY G 146 9.11 -42.67 -26.09
C GLY G 146 9.44 -41.36 -26.78
N THR G 147 9.39 -40.25 -26.03
CA THR G 147 9.47 -38.89 -26.58
C THR G 147 10.87 -38.27 -26.59
N ASP G 148 11.87 -39.01 -26.15
CA ASP G 148 13.24 -38.54 -26.26
C ASP G 148 13.68 -38.67 -27.72
N ILE G 149 14.56 -37.79 -28.17
CA ILE G 149 14.95 -37.75 -29.59
C ILE G 149 15.45 -39.10 -30.08
N PRO G 150 16.28 -39.81 -29.29
CA PRO G 150 16.73 -41.14 -29.72
C PRO G 150 15.56 -42.08 -30.01
N SER G 151 14.62 -42.17 -29.07
CA SER G 151 13.43 -43.00 -29.28
C SER G 151 12.57 -42.53 -30.44
N ILE G 152 12.30 -41.22 -30.50
CA ILE G 152 11.51 -40.65 -31.60
C ILE G 152 12.03 -41.19 -32.93
N TYR G 153 13.35 -41.11 -33.13
CA TYR G 153 13.96 -41.55 -34.38
C TYR G 153 13.96 -43.08 -34.56
N ARG G 154 14.24 -43.84 -33.51
CA ARG G 154 14.15 -45.29 -33.62
C ARG G 154 12.73 -45.73 -33.96
N GLY G 155 11.75 -45.17 -33.24
CA GLY G 155 10.33 -45.43 -33.53
C GLY G 155 9.95 -45.11 -34.97
N ALA G 156 10.41 -43.98 -35.48
CA ALA G 156 10.09 -43.58 -36.85
C ALA G 156 10.61 -44.56 -37.92
N TYR G 157 11.70 -45.27 -37.60
CA TYR G 157 12.25 -46.27 -38.53
C TYR G 157 11.55 -47.61 -38.37
N LEU G 158 11.48 -48.09 -37.13
CA LEU G 158 10.85 -49.36 -36.78
C LEU G 158 9.44 -49.47 -37.39
N VAL G 159 8.69 -48.38 -37.35
CA VAL G 159 7.33 -48.31 -37.91
C VAL G 159 7.36 -48.38 -39.44
N LEU G 160 8.10 -47.46 -40.06
CA LEU G 160 8.33 -47.47 -41.52
C LEU G 160 8.81 -48.83 -42.06
N GLY G 161 9.73 -49.47 -41.32
CA GLY G 161 10.26 -50.77 -41.71
C GLY G 161 9.27 -51.92 -41.54
N LEU G 162 8.70 -52.06 -40.34
CA LEU G 162 7.65 -53.06 -40.08
C LEU G 162 6.38 -52.86 -40.92
N ALA G 163 6.15 -51.66 -41.42
CA ALA G 163 5.07 -51.39 -42.35
C ALA G 163 5.41 -51.99 -43.70
N ALA G 164 6.59 -51.64 -44.22
CA ALA G 164 7.08 -52.19 -45.51
C ALA G 164 7.20 -53.72 -45.51
N LEU G 165 7.51 -54.33 -44.36
CA LEU G 165 7.67 -55.78 -44.25
C LEU G 165 6.33 -56.51 -44.37
N ILE G 166 5.32 -56.00 -43.69
CA ILE G 166 3.99 -56.59 -43.76
C ILE G 166 3.36 -56.33 -45.12
N SER G 167 3.53 -55.12 -45.64
CA SER G 167 3.00 -54.74 -46.95
C SER G 167 3.63 -55.53 -48.09
N LEU G 168 4.88 -55.97 -47.90
CA LEU G 168 5.54 -56.83 -48.87
C LEU G 168 5.15 -58.30 -48.65
N ALA G 169 5.08 -58.73 -47.39
CA ALA G 169 4.69 -60.10 -47.05
C ALA G 169 3.27 -60.42 -47.52
N VAL G 170 2.38 -59.45 -47.36
CA VAL G 170 0.98 -59.59 -47.78
C VAL G 170 0.80 -59.67 -49.31
N VAL G 171 1.64 -58.97 -50.06
CA VAL G 171 1.53 -58.92 -51.52
C VAL G 171 2.27 -60.06 -52.22
N VAL G 172 3.48 -60.36 -51.75
CA VAL G 172 4.36 -61.28 -52.44
C VAL G 172 4.09 -62.74 -52.07
N TYR G 173 3.71 -63.02 -50.82
CA TYR G 173 3.47 -64.39 -50.38
C TYR G 173 2.35 -65.13 -51.16
N PRO G 174 1.22 -64.44 -51.47
CA PRO G 174 0.22 -65.01 -52.40
C PRO G 174 0.71 -65.19 -53.85
N ARG G 175 1.52 -64.25 -54.34
CA ARG G 175 2.12 -64.32 -55.69
C ARG G 175 3.23 -65.38 -55.76
N TRP G 176 3.88 -65.62 -54.62
CA TRP G 176 4.81 -66.74 -54.42
C TRP G 176 4.03 -68.05 -54.60
N GLU G 177 2.90 -68.15 -53.91
CA GLU G 177 1.99 -69.32 -54.00
C GLU G 177 1.49 -69.56 -55.43
N ARG G 178 1.13 -68.47 -56.10
CA ARG G 178 0.64 -68.50 -57.49
C ARG G 178 1.65 -69.01 -58.51
N HIS G 179 2.91 -68.62 -58.33
CA HIS G 179 3.99 -69.03 -59.22
C HIS G 179 4.40 -70.49 -58.98
N LYS G 180 4.40 -70.92 -57.72
CA LYS G 180 4.56 -72.33 -57.36
C LYS G 180 3.52 -73.17 -58.12
N LYS G 181 2.30 -72.65 -58.23
CA LYS G 181 1.18 -73.35 -58.89
C LYS G 181 1.21 -73.24 -60.42
N ALA G 182 1.87 -72.21 -60.97
CA ALA G 182 1.94 -72.00 -62.42
C ALA G 182 3.01 -72.84 -63.12
N THR G 183 3.74 -73.65 -62.36
CA THR G 183 4.74 -74.56 -62.90
C THR G 183 4.97 -75.71 -61.91
N LEU G 184 4.65 -76.94 -62.31
CA LEU G 184 4.58 -78.07 -61.36
C LEU G 184 5.36 -79.33 -61.74
N PRO G 185 5.82 -80.10 -60.72
CA PRO G 185 6.03 -81.55 -60.76
C PRO G 185 4.92 -82.33 -60.00
N THR G 186 3.66 -82.14 -60.40
CA THR G 186 2.50 -82.83 -59.81
C THR G 186 1.64 -83.51 -60.89
N THR H 28 9.03 18.81 -33.86
CA THR H 28 8.67 19.39 -32.53
C THR H 28 7.79 18.42 -31.73
N SER H 29 7.69 18.68 -30.44
CA SER H 29 6.91 17.84 -29.55
C SER H 29 5.51 18.41 -29.30
N ALA H 30 4.80 18.78 -30.37
CA ALA H 30 3.38 19.16 -30.25
C ALA H 30 2.52 17.91 -30.56
N ALA H 31 2.25 17.17 -29.48
CA ALA H 31 2.00 15.74 -29.52
C ALA H 31 0.53 15.40 -29.42
N VAL H 32 0.24 14.10 -29.33
CA VAL H 32 -1.11 13.61 -29.02
C VAL H 32 -1.04 12.69 -27.78
N THR H 33 -2.16 12.52 -27.07
CA THR H 33 -2.18 11.64 -25.88
C THR H 33 -2.43 10.17 -26.29
N GLY H 34 -1.49 9.30 -25.91
CA GLY H 34 -1.49 7.90 -26.34
C GLY H 34 -2.11 6.92 -25.37
N ALA H 35 -2.49 5.75 -25.89
CA ALA H 35 -3.05 4.67 -25.09
C ALA H 35 -2.00 3.62 -24.78
N ALA H 36 -2.29 2.77 -23.80
CA ALA H 36 -1.41 1.68 -23.40
C ALA H 36 -1.48 0.56 -24.44
N PRO H 37 -0.36 -0.16 -24.67
CA PRO H 37 -0.35 -1.21 -25.70
C PRO H 37 -1.29 -2.35 -25.35
N PRO H 38 -1.61 -3.21 -26.35
CA PRO H 38 -2.48 -4.33 -26.08
C PRO H 38 -1.69 -5.33 -25.25
N GLN H 39 -2.29 -5.79 -24.17
CA GLN H 39 -1.59 -6.57 -23.17
C GLN H 39 -2.61 -7.44 -22.47
N PHE H 40 -2.38 -8.74 -22.50
CA PHE H 40 -3.34 -9.69 -21.93
C PHE H 40 -3.30 -9.60 -20.42
N ASP H 41 -4.42 -9.18 -19.82
CA ASP H 41 -4.55 -9.16 -18.36
C ASP H 41 -4.99 -10.56 -17.89
N PRO H 42 -4.09 -11.31 -17.24
CA PRO H 42 -4.40 -12.71 -16.93
C PRO H 42 -5.30 -12.90 -15.72
N ILE H 43 -5.44 -11.85 -14.90
CA ILE H 43 -6.34 -11.88 -13.76
C ILE H 43 -7.71 -11.40 -14.19
N ALA H 44 -7.74 -10.27 -14.88
CA ALA H 44 -8.98 -9.67 -15.41
C ALA H 44 -9.76 -10.66 -16.27
N ALA H 45 -9.02 -11.49 -16.99
CA ALA H 45 -9.59 -12.59 -17.77
C ALA H 45 -10.20 -13.68 -16.89
N GLU H 46 -9.65 -13.88 -15.69
CA GLU H 46 -10.12 -14.94 -14.79
C GLU H 46 -11.38 -14.58 -14.00
N LYS H 47 -12.12 -13.57 -14.47
CA LYS H 47 -13.44 -13.23 -13.94
C LYS H 47 -14.46 -13.46 -15.05
N GLY H 48 -15.39 -14.39 -14.82
CA GLY H 48 -16.37 -14.78 -15.83
C GLY H 48 -15.97 -16.00 -16.64
N PHE H 49 -14.75 -16.50 -16.43
CA PHE H 49 -14.30 -17.73 -17.09
C PHE H 49 -14.66 -18.96 -16.24
N LYS H 50 -15.96 -19.15 -16.03
CA LYS H 50 -16.49 -20.39 -15.45
C LYS H 50 -16.71 -21.53 -16.47
N PRO H 51 -17.18 -21.20 -17.70
CA PRO H 51 -17.65 -22.27 -18.60
C PRO H 51 -16.84 -23.57 -18.55
N LEU H 52 -17.48 -24.64 -18.08
CA LEU H 52 -16.92 -25.99 -18.12
C LEU H 52 -17.22 -26.61 -19.49
N HIS H 53 -16.17 -27.11 -20.14
CA HIS H 53 -16.27 -27.76 -21.45
C HIS H 53 -15.13 -28.77 -21.60
N SER H 54 -15.20 -29.87 -20.85
CA SER H 54 -14.11 -30.84 -20.77
C SER H 54 -14.00 -31.68 -22.03
N HIS H 55 -13.04 -31.33 -22.87
CA HIS H 55 -12.74 -32.12 -24.06
C HIS H 55 -11.98 -33.37 -23.64
N GLY H 56 -11.31 -33.29 -22.49
CA GLY H 56 -10.47 -34.38 -22.00
C GLY H 56 -11.09 -35.76 -22.11
N THR H 57 -12.30 -35.90 -21.58
CA THR H 57 -13.00 -37.19 -21.56
C THR H 57 -13.32 -37.74 -22.98
N LEU H 58 -13.25 -36.88 -23.99
CA LEU H 58 -13.52 -37.25 -25.38
C LEU H 58 -12.23 -37.62 -26.12
N PHE H 59 -11.17 -36.87 -25.85
CA PHE H 59 -9.84 -37.24 -26.34
C PHE H 59 -9.48 -38.64 -25.82
N LYS H 60 -9.86 -38.91 -24.57
CA LYS H 60 -9.67 -40.22 -23.99
C LYS H 60 -10.37 -41.22 -24.90
N ILE H 61 -11.69 -41.09 -25.06
CA ILE H 61 -12.42 -42.13 -25.78
C ILE H 61 -11.90 -42.30 -27.21
N GLU H 62 -11.37 -41.22 -27.80
CA GLU H 62 -10.75 -41.30 -29.13
C GLU H 62 -9.60 -42.33 -29.18
N ARG H 63 -8.56 -42.11 -28.37
CA ARG H 63 -7.36 -42.97 -28.43
C ARG H 63 -7.66 -44.40 -27.97
N TYR H 64 -8.59 -44.53 -27.03
CA TYR H 64 -9.03 -45.86 -26.61
C TYR H 64 -9.64 -46.61 -27.78
N PHE H 65 -10.60 -45.96 -28.45
CA PHE H 65 -11.25 -46.54 -29.61
C PHE H 65 -10.20 -46.92 -30.65
N ALA H 66 -9.27 -46.01 -30.91
CA ALA H 66 -8.19 -46.25 -31.88
C ALA H 66 -7.37 -47.46 -31.47
N ALA H 67 -7.05 -47.55 -30.18
CA ALA H 67 -6.32 -48.69 -29.64
C ALA H 67 -7.14 -49.98 -29.80
N ALA H 68 -8.45 -49.91 -29.56
CA ALA H 68 -9.33 -51.08 -29.71
C ALA H 68 -9.37 -51.58 -31.15
N MET H 69 -9.22 -50.68 -32.11
CA MET H 69 -9.12 -51.06 -33.52
C MET H 69 -7.81 -51.77 -33.88
N VAL H 70 -6.79 -51.67 -33.04
CA VAL H 70 -5.50 -52.30 -33.36
C VAL H 70 -5.63 -53.82 -33.53
N PRO H 71 -6.33 -54.53 -32.61
CA PRO H 71 -6.59 -55.95 -32.88
C PRO H 71 -7.52 -56.18 -34.08
N LEU H 72 -8.51 -55.31 -34.23
CA LEU H 72 -9.54 -55.49 -35.27
C LEU H 72 -9.02 -55.55 -36.72
N ILE H 73 -7.87 -54.93 -36.98
CA ILE H 73 -7.31 -54.90 -38.35
C ILE H 73 -6.72 -56.25 -38.78
N PRO H 74 -5.83 -56.83 -37.97
CA PRO H 74 -5.39 -58.20 -38.28
C PRO H 74 -6.52 -59.24 -38.16
N ALA H 75 -7.51 -59.00 -37.29
CA ALA H 75 -8.67 -59.87 -37.20
C ALA H 75 -9.41 -59.90 -38.54
N ALA H 76 -9.60 -58.72 -39.12
CA ALA H 76 -10.32 -58.55 -40.38
C ALA H 76 -9.54 -59.05 -41.58
N TYR H 77 -8.25 -59.28 -41.42
CA TYR H 77 -7.45 -59.95 -42.45
C TYR H 77 -7.83 -61.42 -42.51
N PHE H 78 -7.85 -62.05 -41.34
CA PHE H 78 -8.04 -63.50 -41.25
C PHE H 78 -9.50 -63.92 -41.36
N ILE H 79 -10.39 -63.26 -40.60
CA ILE H 79 -11.83 -63.57 -40.64
C ILE H 79 -12.56 -62.52 -41.49
N HIS H 80 -13.40 -63.00 -42.42
CA HIS H 80 -14.08 -62.15 -43.39
C HIS H 80 -15.62 -62.26 -43.23
N GLY H 81 -16.36 -61.68 -44.16
CA GLY H 81 -17.80 -61.89 -44.22
C GLY H 81 -18.62 -60.74 -43.69
N ARG H 82 -19.88 -61.02 -43.35
CA ARG H 82 -20.89 -59.99 -43.12
C ARG H 82 -20.76 -59.29 -41.77
N GLU H 83 -20.47 -60.04 -40.72
CA GLU H 83 -20.37 -59.47 -39.37
C GLU H 83 -19.05 -58.71 -39.15
N MET H 84 -18.00 -59.07 -39.89
CA MET H 84 -16.76 -58.27 -39.87
C MET H 84 -16.98 -57.01 -40.67
N ASP H 85 -17.50 -57.16 -41.88
CA ASP H 85 -17.91 -56.02 -42.72
C ASP H 85 -18.67 -54.96 -41.92
N LEU H 86 -19.54 -55.42 -41.02
CA LEU H 86 -20.40 -54.54 -40.25
C LEU H 86 -19.60 -53.82 -39.15
N CYS H 87 -18.74 -54.55 -38.45
CA CYS H 87 -17.87 -53.96 -37.44
C CYS H 87 -16.93 -52.91 -38.02
N LEU H 88 -16.26 -53.28 -39.12
CA LEU H 88 -15.33 -52.39 -39.81
C LEU H 88 -15.99 -51.07 -40.17
N ALA H 89 -17.11 -51.16 -40.88
CA ALA H 89 -17.83 -49.98 -41.35
C ALA H 89 -18.21 -49.00 -40.24
N LEU H 90 -18.69 -49.51 -39.11
CA LEU H 90 -19.02 -48.66 -37.98
C LEU H 90 -17.76 -48.07 -37.34
N ALA H 91 -16.80 -48.94 -37.06
CA ALA H 91 -15.57 -48.54 -36.38
C ALA H 91 -14.77 -47.56 -37.23
N LEU H 92 -14.58 -47.88 -38.51
CA LEU H 92 -13.89 -46.96 -39.43
C LEU H 92 -14.61 -45.62 -39.53
N THR H 93 -15.91 -45.66 -39.79
CA THR H 93 -16.70 -44.43 -39.93
C THR H 93 -16.48 -43.51 -38.73
N LEU H 94 -16.61 -44.08 -37.53
CA LEU H 94 -16.52 -43.30 -36.30
C LEU H 94 -15.13 -42.66 -36.15
N HIS H 95 -14.11 -43.48 -36.37
CA HIS H 95 -12.72 -43.05 -36.24
C HIS H 95 -12.32 -42.01 -37.30
N VAL H 96 -12.82 -42.20 -38.52
CA VAL H 96 -12.57 -41.27 -39.62
C VAL H 96 -13.31 -39.96 -39.38
N HIS H 97 -14.45 -40.05 -38.72
CA HIS H 97 -15.23 -38.88 -38.36
C HIS H 97 -14.36 -37.99 -37.50
N TRP H 98 -13.81 -38.57 -36.43
CA TRP H 98 -12.97 -37.84 -35.48
C TRP H 98 -11.72 -37.32 -36.17
N GLY H 99 -11.09 -38.20 -36.95
CA GLY H 99 -9.98 -37.81 -37.80
C GLY H 99 -10.22 -36.57 -38.64
N VAL H 100 -11.09 -36.67 -39.65
CA VAL H 100 -11.27 -35.54 -40.57
C VAL H 100 -11.72 -34.27 -39.84
N TRP H 101 -12.50 -34.44 -38.77
CA TRP H 101 -12.90 -33.31 -37.92
C TRP H 101 -11.67 -32.58 -37.41
N GLY H 102 -10.67 -33.34 -36.96
CA GLY H 102 -9.40 -32.79 -36.52
C GLY H 102 -8.71 -32.11 -37.66
N VAL H 103 -8.57 -32.82 -38.78
CA VAL H 103 -7.92 -32.30 -40.01
C VAL H 103 -8.54 -30.99 -40.51
N VAL H 104 -9.87 -30.95 -40.49
CA VAL H 104 -10.66 -29.79 -40.90
C VAL H 104 -10.41 -28.59 -39.99
N ASN H 105 -10.47 -28.80 -38.67
CA ASN H 105 -10.19 -27.71 -37.72
C ASN H 105 -8.77 -27.12 -37.85
N ASP H 106 -7.83 -27.95 -38.29
CA ASP H 106 -6.46 -27.52 -38.55
C ASP H 106 -6.37 -26.59 -39.76
N TYR H 107 -6.93 -27.02 -40.91
CA TYR H 107 -6.79 -26.26 -42.14
C TYR H 107 -7.95 -25.32 -42.44
N GLY H 108 -9.10 -25.52 -41.77
CA GLY H 108 -10.32 -24.74 -42.05
C GLY H 108 -10.39 -23.48 -41.20
N ARG H 109 -9.43 -22.59 -41.42
CA ARG H 109 -9.17 -21.50 -40.50
C ARG H 109 -9.88 -20.23 -40.92
N PRO H 110 -10.57 -19.57 -39.99
CA PRO H 110 -11.21 -18.30 -40.31
C PRO H 110 -10.23 -17.24 -40.81
N PHE H 111 -8.97 -17.29 -40.37
CA PHE H 111 -7.96 -16.33 -40.81
C PHE H 111 -7.69 -16.39 -42.32
N VAL H 112 -7.80 -17.57 -42.92
CA VAL H 112 -7.60 -17.70 -44.36
C VAL H 112 -8.91 -17.77 -45.16
N LEU H 113 -9.97 -18.35 -44.60
CA LEU H 113 -11.23 -18.60 -45.32
C LEU H 113 -12.34 -17.61 -44.97
N GLY H 114 -12.20 -16.89 -43.86
CA GLY H 114 -13.25 -16.00 -43.40
C GLY H 114 -14.33 -16.79 -42.66
N ASP H 115 -14.93 -16.14 -41.66
CA ASP H 115 -15.76 -16.82 -40.66
C ASP H 115 -16.81 -17.80 -41.20
N THR H 116 -17.61 -17.36 -42.18
CA THR H 116 -18.76 -18.17 -42.63
C THR H 116 -18.37 -19.38 -43.47
N LEU H 117 -17.41 -19.22 -44.40
CA LEU H 117 -16.91 -20.34 -45.20
C LEU H 117 -16.18 -21.37 -44.33
N ALA H 118 -15.56 -20.88 -43.25
CA ALA H 118 -14.97 -21.74 -42.23
C ALA H 118 -16.05 -22.61 -41.58
N ALA H 119 -17.18 -21.98 -41.25
CA ALA H 119 -18.32 -22.70 -40.68
C ALA H 119 -18.88 -23.75 -41.63
N ALA H 120 -18.95 -23.41 -42.92
CA ALA H 120 -19.48 -24.33 -43.94
C ALA H 120 -18.67 -25.62 -44.03
N VAL H 121 -17.35 -25.50 -43.88
CA VAL H 121 -16.44 -26.64 -43.96
C VAL H 121 -16.68 -27.61 -42.80
N ARG H 122 -16.80 -27.05 -41.60
CA ARG H 122 -17.15 -27.81 -40.40
C ARG H 122 -18.44 -28.60 -40.59
N VAL H 123 -19.48 -27.95 -41.11
CA VAL H 123 -20.71 -28.63 -41.48
C VAL H 123 -20.39 -29.80 -42.40
N GLY H 124 -19.58 -29.54 -43.43
CA GLY H 124 -19.16 -30.56 -44.40
C GLY H 124 -18.47 -31.77 -43.80
N ALA H 125 -17.74 -31.57 -42.71
CA ALA H 125 -17.09 -32.68 -42.01
C ALA H 125 -18.12 -33.69 -41.52
N TYR H 126 -19.30 -33.20 -41.15
CA TYR H 126 -20.43 -34.05 -40.77
C TYR H 126 -21.16 -34.58 -42.01
N ILE H 127 -21.42 -33.71 -42.99
CA ILE H 127 -21.98 -34.16 -44.27
C ILE H 127 -21.13 -35.32 -44.79
N PHE H 128 -19.80 -35.19 -44.66
CA PHE H 128 -18.84 -36.20 -45.11
C PHE H 128 -18.98 -37.53 -44.38
N THR H 129 -19.01 -37.45 -43.05
CA THR H 129 -19.14 -38.63 -42.20
C THR H 129 -20.45 -39.37 -42.51
N ALA H 130 -21.55 -38.62 -42.58
CA ALA H 130 -22.86 -39.17 -42.95
C ALA H 130 -22.80 -39.97 -44.24
N CYS H 131 -22.29 -39.34 -45.29
CA CYS H 131 -22.16 -39.99 -46.59
C CYS H 131 -21.35 -41.28 -46.49
N LEU H 132 -20.20 -41.21 -45.83
CA LEU H 132 -19.29 -42.36 -45.72
C LEU H 132 -19.99 -43.61 -45.21
N LEU H 133 -20.75 -43.47 -44.12
CA LEU H 133 -21.51 -44.59 -43.55
C LEU H 133 -22.58 -45.09 -44.51
N ALA H 134 -23.35 -44.16 -45.07
CA ALA H 134 -24.32 -44.49 -46.10
C ALA H 134 -23.63 -45.32 -47.18
N GLY H 135 -22.65 -44.72 -47.86
CA GLY H 135 -21.90 -45.40 -48.92
C GLY H 135 -21.37 -46.78 -48.53
N LEU H 136 -20.88 -46.90 -47.30
CA LEU H 136 -20.31 -48.16 -46.81
C LEU H 136 -21.36 -49.17 -46.41
N LEU H 137 -22.51 -48.71 -45.93
CA LEU H 137 -23.61 -49.64 -45.61
C LEU H 137 -24.16 -50.23 -46.90
N TYR H 138 -24.50 -49.36 -47.85
CA TYR H 138 -25.05 -49.80 -49.13
C TYR H 138 -24.17 -50.85 -49.80
N PHE H 139 -22.86 -50.64 -49.72
CA PHE H 139 -21.87 -51.55 -50.26
C PHE H 139 -21.88 -52.90 -49.54
N ASN H 140 -21.98 -52.88 -48.21
CA ASN H 140 -22.06 -54.12 -47.43
C ASN H 140 -23.29 -54.98 -47.72
N GLU H 141 -24.45 -54.34 -47.92
CA GLU H 141 -25.71 -55.07 -48.19
C GLU H 141 -25.85 -55.45 -49.67
N HIS H 142 -25.73 -54.47 -50.56
CA HIS H 142 -26.10 -54.65 -51.99
C HIS H 142 -24.93 -54.75 -52.95
N ASP H 143 -23.76 -55.10 -52.44
CA ASP H 143 -22.57 -55.30 -53.26
C ASP H 143 -21.68 -56.32 -52.56
N VAL H 144 -20.56 -56.69 -53.17
CA VAL H 144 -19.73 -57.79 -52.66
C VAL H 144 -19.54 -57.75 -51.13
N GLY H 145 -19.24 -56.58 -50.60
CA GLY H 145 -18.82 -56.43 -49.21
C GLY H 145 -17.37 -55.96 -49.15
N LEU H 146 -17.03 -55.23 -48.09
CA LEU H 146 -15.68 -54.68 -47.91
C LEU H 146 -14.58 -55.74 -47.94
N THR H 147 -14.70 -56.73 -47.06
CA THR H 147 -13.69 -57.78 -46.94
C THR H 147 -13.61 -58.63 -48.22
N ARG H 148 -14.75 -58.95 -48.81
CA ARG H 148 -14.79 -59.64 -50.10
C ARG H 148 -14.13 -58.80 -51.19
N ALA H 149 -14.31 -57.47 -51.12
CA ALA H 149 -13.74 -56.58 -52.12
C ALA H 149 -12.22 -56.63 -52.16
N PHE H 150 -11.60 -56.72 -50.99
CA PHE H 150 -10.15 -56.94 -50.90
C PHE H 150 -9.76 -58.29 -51.51
N GLU H 151 -10.53 -59.35 -51.19
CA GLU H 151 -10.26 -60.70 -51.72
C GLU H 151 -10.14 -60.68 -53.23
N MET H 152 -11.01 -59.89 -53.86
CA MET H 152 -11.10 -59.83 -55.32
C MET H 152 -10.01 -59.00 -55.98
N VAL H 153 -9.49 -57.99 -55.29
CA VAL H 153 -8.35 -57.22 -55.83
C VAL H 153 -7.04 -57.96 -55.62
N TRP H 154 -6.94 -58.69 -54.50
CA TRP H 154 -5.76 -59.51 -54.23
C TRP H 154 -5.73 -60.77 -55.10
N GLU H 155 -6.89 -61.14 -55.65
CA GLU H 155 -6.98 -62.26 -56.61
C GLU H 155 -6.49 -61.90 -58.01
N LEU H 156 -6.02 -60.67 -58.24
CA LEU H 156 -5.64 -60.22 -59.60
C LEU H 156 -4.21 -60.56 -60.00
C1 MLI I . -24.02 0.79 26.02
C2 MLI I . -23.59 -0.06 24.84
C3 MLI I . -23.20 0.47 27.24
O6 MLI I . -24.02 0.27 23.72
O7 MLI I . -22.84 -1.06 25.00
O8 MLI I . -23.74 -0.24 28.12
O9 MLI I . -22.05 0.92 27.33
PA FAD J . -21.55 7.33 14.70
O1A FAD J . -22.83 7.89 15.26
O2A FAD J . -20.45 6.88 15.63
O5B FAD J . -21.01 8.48 13.70
C5B FAD J . -21.90 9.02 12.73
C4B FAD J . -21.18 9.89 11.72
O4B FAD J . -22.04 10.12 10.60
C3B FAD J . -20.81 11.26 12.28
O3B FAD J . -19.45 11.60 12.01
C2B FAD J . -21.76 12.21 11.55
O2B FAD J . -21.21 13.51 11.37
C1B FAD J . -22.01 11.49 10.23
N9A FAD J . -23.25 11.96 9.56
C8A FAD J . -24.54 11.73 9.91
N7A FAD J . -25.39 12.35 9.05
C5A FAD J . -24.64 12.98 8.13
C6A FAD J . -24.87 13.83 6.94
N6A FAD J . -26.12 14.14 6.53
N1A FAD J . -23.80 14.28 6.27
C2A FAD J . -22.54 14.01 6.65
N3A FAD J . -22.27 13.25 7.72
C4A FAD J . -23.24 12.72 8.48
N1 FAD J . -21.37 0.27 21.49
C2 FAD J . -20.44 -0.53 22.02
O2 FAD J . -20.04 -1.47 21.29
N3 FAD J . -19.94 -0.35 23.25
C4 FAD J . -20.37 0.65 24.03
O4 FAD J . -19.91 0.84 25.19
C4X FAD J . -21.40 1.57 23.51
N5 FAD J . -21.89 2.59 24.22
C5X FAD J . -22.83 3.41 23.71
C6 FAD J . -23.28 4.45 24.50
C7 FAD J . -24.25 5.32 24.01
C7M FAD J . -24.74 6.45 24.88
C8 FAD J . -24.78 5.12 22.64
C8M FAD J . -25.86 5.98 22.10
C9 FAD J . -24.34 4.08 21.85
C9A FAD J . -23.38 3.20 22.34
N10 FAD J . -22.88 2.12 21.58
C10 FAD J . -21.89 1.31 22.14
C1' FAD J . -23.32 1.86 20.20
C2' FAD J . -22.18 2.42 19.32
O2' FAD J . -21.39 3.35 20.09
C3' FAD J . -22.61 3.18 18.08
O3' FAD J . -23.67 2.47 17.43
C4' FAD J . -21.44 3.30 17.12
O4' FAD J . -20.43 4.16 17.69
C5' FAD J . -21.85 3.89 15.77
O5' FAD J . -20.70 4.20 14.96
P FAD J . -20.94 4.79 13.48
O1P FAD J . -19.60 5.26 12.93
O2P FAD J . -21.77 3.80 12.70
O3P FAD J . -21.90 6.10 13.72
FE1 FES K . -22.54 19.92 25.45
FE2 FES K . -22.03 17.63 24.09
S1 FES K . -23.52 19.18 23.61
S2 FES K . -20.59 18.88 25.18
FE1 SF4 L . -12.06 21.12 27.01
FE2 SF4 L . -9.19 22.05 27.61
FE3 SF4 L . -9.67 19.13 27.07
FE4 SF4 L . -10.71 20.40 29.68
S1 SF4 L . -8.84 20.27 28.67
S2 SF4 L . -11.55 19.33 28.05
S3 SF4 L . -11.09 22.19 28.58
S4 SF4 L . -10.13 20.94 26.07
FE1 F3S M . -0.66 28.72 30.88
FE3 F3S M . -3.38 28.17 31.76
FE4 F3S M . -2.86 30.12 29.67
S1 F3S M . -1.43 27.62 32.63
S2 F3S M . -0.80 30.74 30.08
S3 F3S M . -2.40 28.02 29.81
S4 F3S M . -4.63 29.79 30.94
CLF E24 N . -5.25 40.66 33.33
CAR E24 N . -5.10 41.63 31.95
CAM E24 N . -5.20 43.00 32.10
CAQ E24 N . -5.08 43.83 31.01
CLE E24 N . -5.21 45.51 31.23
CAK E24 N . -4.86 43.30 29.73
CAL E24 N . -4.76 41.93 29.58
CAS E24 N . -4.86 41.07 30.69
CAN E24 N . -4.78 39.71 30.50
NAO E24 N . -3.44 39.20 30.88
CAP E24 N . -2.34 39.35 30.11
OAA E24 N . -2.33 39.99 29.06
CAT E24 N . -1.16 38.73 30.59
CAI E24 N . -0.85 38.92 31.93
CAG E24 N . 0.30 38.35 32.48
CAH E24 N . 1.14 37.57 31.72
CAJ E24 N . 0.84 37.37 30.38
CAU E24 N . -0.29 37.93 29.79
CAV E24 N . -0.49 37.64 28.42
FAC E24 N . 0.19 38.52 27.66
FAD E24 N . -0.01 36.45 28.14
FAB E24 N . -1.88 37.67 28.10
CHA HEM O . 8.53 38.80 35.27
CHB HEM O . 10.09 36.57 39.23
CHC HEM O . 11.78 40.77 40.96
CHD HEM O . 10.00 43.04 37.06
C1A HEM O . 8.84 37.84 36.18
C2A HEM O . 8.57 36.46 36.00
C3A HEM O . 9.02 35.83 37.13
C4A HEM O . 9.53 36.83 37.99
CMA HEM O . 8.98 34.36 37.43
CAA HEM O . 7.97 35.80 34.78
CBA HEM O . 6.43 35.86 34.76
CGA HEM O . 5.85 35.38 33.45
O1A HEM O . 6.56 35.15 32.44
O2A HEM O . 4.60 35.21 33.37
C1B HEM O . 10.69 37.52 40.04
C2B HEM O . 11.31 37.18 41.27
C3B HEM O . 11.81 38.33 41.81
C4B HEM O . 11.47 39.41 40.83
CMB HEM O . 11.42 35.81 41.91
CAB HEM O . 12.55 38.31 43.09
CBB HEM O . 13.15 39.36 43.64
C1C HEM O . 11.45 41.77 40.04
C2C HEM O . 11.74 43.13 40.20
C3C HEM O . 11.25 43.82 39.11
C4C HEM O . 10.64 42.83 38.25
CMC HEM O . 12.49 43.77 41.36
CAC HEM O . 11.47 45.30 39.00
CBC HEM O . 11.20 46.06 37.95
C1D HEM O . 9.45 42.01 36.29
C2D HEM O . 8.84 42.30 34.97
C3D HEM O . 8.42 41.13 34.45
C4D HEM O . 8.81 40.13 35.47
CMD HEM O . 8.69 43.63 34.30
CAD HEM O . 7.72 41.03 33.10
CBD HEM O . 6.93 39.76 32.64
CGD HEM O . 5.51 39.61 33.17
O1D HEM O . 4.92 38.50 33.25
O2D HEM O . 4.85 40.60 33.54
NA HEM O . 9.41 38.06 37.40
NB HEM O . 10.81 38.83 39.81
NC HEM O . 10.77 41.63 38.86
ND HEM O . 9.43 40.69 36.55
FE HEM O . 10.05 39.82 38.11
C1 EPH P . 14.33 49.16 52.37
C2 EPH P . 13.65 50.52 52.10
C4 EPH P . 14.94 48.73 49.96
O2 EPH P . 15.31 48.86 51.37
O4 EPH P . 14.53 49.74 49.40
C18 EPH P . 15.04 47.43 49.18
C19 EPH P . 14.39 47.58 47.79
C20 EPH P . 14.51 46.36 46.87
C21 EPH P . 14.64 46.77 45.40
C22 EPH P . 13.46 47.61 44.89
C23 EPH P . 13.52 47.87 43.39
C24 EPH P . 12.21 48.36 42.81
C25 EPH P . 11.95 49.67 42.69
C26 EPH P . 10.64 50.15 42.11
C27 EPH P . 10.00 51.29 42.90
C28 EPH P . 8.52 51.03 43.13
C29 EPH P . 7.54 51.70 42.49
C30 EPH P . 6.08 51.38 42.76
C31 EPH P . 5.13 51.83 41.64
C37 EPH P . 13.31 51.25 53.39
O5 EPH P . 14.41 52.08 53.78
C3 EPH P . 11.44 49.42 51.72
O1 EPH P . 12.46 50.38 51.29
O3 EPH P . 11.00 49.52 52.85
C5 EPH P . 10.95 48.35 50.76
C6 EPH P . 10.46 47.06 51.44
C7 EPH P . 10.89 45.80 50.68
C8 EPH P . 9.98 44.60 51.01
C9 EPH P . 10.69 43.24 50.90
C10 EPH P . 9.86 42.18 50.16
C11 EPH P . 9.57 40.88 50.94
C12 EPH P . 10.48 39.74 50.51
C13 EPH P . 10.22 38.48 50.88
C14 EPH P . 11.14 37.36 50.45
C15 EPH P . 10.78 36.03 51.10
C16 EPH P . 11.68 35.07 51.37
C17 EPH P . 13.16 35.22 51.07
P1 EPH P . 14.92 52.19 55.30
O6 EPH P . 16.28 52.87 55.28
O7 EPH P . 13.79 52.80 56.09
O8 EPH P . 15.11 50.65 55.74
C38 EPH P . 15.76 50.26 56.95
C39 EPH P . 17.27 50.40 56.78
N1 EPH P . 17.92 49.17 57.19
C1 MLI Q . 29.01 -14.63 -10.98
C2 MLI Q . 28.56 -13.68 -9.88
C3 MLI Q . 29.17 -16.05 -10.50
O6 MLI Q . 28.47 -14.03 -8.68
O7 MLI Q . 28.31 -12.50 -10.22
O8 MLI Q . 28.19 -16.82 -10.56
O9 MLI Q . 30.29 -16.41 -10.06
PA FAD R . 19.89 -5.90 -15.71
O1A FAD R . 20.96 -5.75 -16.76
O2A FAD R . 19.50 -7.27 -15.22
O5B FAD R . 18.60 -5.20 -16.37
C5B FAD R . 18.73 -3.86 -16.85
C4B FAD R . 17.44 -3.39 -17.49
O4B FAD R . 17.59 -2.04 -17.94
C3B FAD R . 17.07 -4.23 -18.71
O3B FAD R . 15.80 -4.81 -18.51
C2B FAD R . 17.08 -3.25 -19.87
O2B FAD R . 16.02 -3.50 -20.81
C1B FAD R . 16.96 -1.89 -19.20
N9A FAD R . 17.58 -0.81 -19.98
C8A FAD R . 18.89 -0.55 -20.14
N7A FAD R . 19.08 0.55 -20.92
C5A FAD R . 17.86 1.01 -21.29
C6A FAD R . 17.32 2.12 -22.10
N6A FAD R . 18.12 3.01 -22.74
N1A FAD R . 15.98 2.22 -22.21
C2A FAD R . 15.15 1.36 -21.60
N3A FAD R . 15.59 0.33 -20.85
C4A FAD R . 16.90 0.11 -20.66
N1 FAD R . 25.14 -11.51 -9.15
C2 FAD R . 24.86 -12.38 -8.16
O2 FAD R . 24.51 -11.87 -7.07
N3 FAD R . 24.92 -13.71 -8.34
C4 FAD R . 25.29 -14.26 -9.51
O4 FAD R . 25.34 -15.50 -9.68
C4X FAD R . 25.61 -13.37 -10.65
N5 FAD R . 25.99 -13.84 -11.86
C5X FAD R . 26.29 -12.98 -12.86
C6 FAD R . 26.67 -13.47 -14.10
C7 FAD R . 26.96 -12.59 -15.14
C7M FAD R . 27.37 -13.16 -16.47
C8 FAD R . 26.88 -11.12 -14.91
C8M FAD R . 27.22 -10.04 -15.90
C9 FAD R . 26.51 -10.64 -13.67
C9A FAD R . 26.21 -11.51 -12.63
N10 FAD R . 25.84 -11.00 -11.37
C10 FAD R . 25.52 -11.93 -10.37
C1' FAD R . 25.68 -9.57 -11.08
C2' FAD R . 24.16 -9.34 -11.31
O2' FAD R . 23.69 -10.33 -12.24
C3' FAD R . 23.73 -7.99 -11.88
O3' FAD R . 24.28 -6.94 -11.08
C4' FAD R . 22.22 -7.84 -11.87
O4' FAD R . 21.59 -9.09 -12.17
C5' FAD R . 21.70 -6.80 -12.85
O5' FAD R . 20.30 -6.54 -12.61
P FAD R . 19.70 -5.09 -12.98
O1P FAD R . 18.19 -5.00 -13.05
O2P FAD R . 20.48 -4.16 -12.06
O3P FAD R . 20.29 -4.93 -14.48
FE1 FES S . 21.62 -16.07 -28.50
FE2 FES S . 21.30 -14.62 -26.12
S1 FES S . 21.81 -13.90 -28.15
S2 FES S . 20.29 -16.48 -26.79
FE1 SF4 T . 13.39 -22.13 -26.54
FE2 SF4 T . 10.88 -23.90 -26.79
FE3 SF4 T . 11.83 -23.04 -24.03
FE4 SF4 T . 13.44 -25.09 -25.67
S1 SF4 T . 11.44 -24.90 -24.99
S2 SF4 T . 13.83 -23.21 -24.75
S3 SF4 T . 12.91 -24.01 -27.42
S4 SF4 T . 11.36 -22.06 -25.84
FE1 F3S U . 2.79 -31.32 -30.37
FE3 F3S U . 5.60 -30.91 -30.88
FE4 F3S U . 3.76 -29.36 -32.38
S1 F3S U . 4.55 -32.51 -29.80
S2 F3S U . 2.06 -30.70 -32.34
S3 F3S U . 4.02 -29.54 -30.22
S4 F3S U . 5.90 -29.72 -32.70
CLF E24 V . 3.77 -32.24 -43.02
CAR E24 V . 2.87 -31.11 -43.92
CAM E24 V . 2.54 -31.40 -45.24
CAQ E24 V . 1.79 -30.49 -45.99
CLE E24 V . 1.38 -30.82 -47.63
CAK E24 V . 1.36 -29.29 -45.41
CAL E24 V . 1.70 -29.01 -44.09
CAS E24 V . 2.45 -29.92 -43.33
CAN E24 V . 2.77 -29.63 -42.02
NAO E24 V . 2.02 -30.57 -41.15
CAP E24 V . 0.69 -30.47 -40.88
OAA E24 V . -0.03 -29.58 -41.36
CAT E24 V . 0.14 -31.46 -40.05
CAI E24 V . 0.45 -32.79 -40.35
CAG E24 V . -0.02 -33.85 -39.60
CAH E24 V . -0.84 -33.60 -38.50
CAJ E24 V . -1.15 -32.28 -38.17
CAU E24 V . -0.69 -31.19 -38.92
CAV E24 V . -1.08 -29.89 -38.47
FAC E24 V . -2.16 -29.43 -39.23
FAD E24 V . -1.44 -29.94 -37.20
FAB E24 V . -0.12 -29.03 -38.56
CHA HEM W . -5.83 -40.17 -37.14
CHB HEM W . -4.74 -44.27 -34.87
CHC HEM W . -6.71 -46.84 -38.52
CHD HEM W . -7.84 -42.70 -40.77
C1A HEM W . -5.39 -41.08 -36.22
C2A HEM W . -4.77 -40.73 -35.00
C3A HEM W . -4.46 -41.90 -34.37
C4A HEM W . -4.89 -42.95 -35.19
CMA HEM W . -3.81 -42.05 -33.01
CAA HEM W . -4.53 -39.33 -34.48
CBA HEM W . -3.43 -38.57 -35.19
CGA HEM W . -3.44 -37.10 -34.81
O1A HEM W . -4.39 -36.59 -34.15
O2A HEM W . -2.48 -36.39 -35.16
C1B HEM W . -5.19 -45.33 -35.68
C2B HEM W . -5.04 -46.69 -35.30
C3B HEM W . -5.57 -47.46 -36.28
C4B HEM W . -6.07 -46.49 -37.31
CMB HEM W . -4.39 -47.16 -34.01
CAB HEM W . -5.60 -48.94 -36.20
CBB HEM W . -6.16 -49.76 -37.08
C1C HEM W . -7.21 -45.92 -39.46
C2C HEM W . -7.86 -46.30 -40.65
C3C HEM W . -8.19 -45.14 -41.31
C4C HEM W . -7.75 -44.03 -40.50
CMC HEM W . -8.18 -47.69 -41.15
CAC HEM W . -8.93 -45.21 -42.59
CBC HEM W . -9.40 -44.17 -43.27
C1D HEM W . -7.35 -41.71 -39.91
C2D HEM W . -7.52 -40.28 -40.25
C3D HEM W . -6.97 -39.55 -39.26
C4D HEM W . -6.46 -40.56 -38.31
CMD HEM W . -8.17 -39.67 -41.47
CAD HEM W . -6.95 -38.02 -39.32
CBD HEM W . -6.20 -37.15 -38.30
CGD HEM W . -4.77 -36.83 -38.70
O1D HEM W . -4.12 -35.97 -38.05
O2D HEM W . -4.19 -37.38 -39.65
NA HEM W . -5.45 -42.44 -36.34
NB HEM W . -5.80 -45.27 -36.86
NC HEM W . -7.13 -44.55 -39.40
ND HEM W . -6.72 -41.84 -38.72
FE HEM W . -6.24 -43.47 -37.86
C1 EPH X . -7.16 -58.57 -45.81
C2 EPH X . -7.18 -58.27 -47.32
C4 EPH X . -8.88 -56.88 -45.07
O2 EPH X . -8.43 -58.26 -45.22
O4 EPH X . -9.68 -56.48 -45.90
C18 EPH X . -8.40 -55.97 -43.96
C19 EPH X . -8.56 -54.48 -44.34
C20 EPH X . -8.41 -53.53 -43.16
C21 EPH X . -9.31 -52.29 -43.30
C22 EPH X . -8.77 -51.28 -44.31
C23 EPH X . -9.74 -50.12 -44.57
C24 EPH X . -9.11 -49.04 -45.43
C25 EPH X . -9.15 -49.10 -46.76
C26 EPH X . -8.51 -48.00 -47.60
C27 EPH X . -7.81 -48.50 -48.87
C28 EPH X . -6.50 -47.75 -49.08
C29 EPH X . -6.28 -46.95 -50.14
C30 EPH X . -4.96 -46.22 -50.31
C31 EPH X . -5.00 -45.25 -51.49
C37 EPH X . -6.54 -59.39 -48.15
O5 EPH X . -7.50 -60.39 -48.47
C3 EPH X . -5.13 -56.80 -47.25
O1 EPH X . -6.54 -57.00 -47.62
O3 EPH X . -4.28 -57.48 -47.80
C5 EPH X . -4.77 -55.72 -46.23
C6 EPH X . -3.54 -56.05 -45.38
C7 EPH X . -3.63 -55.37 -44.00
C8 EPH X . -2.34 -55.45 -43.19
C9 EPH X . -2.57 -55.40 -41.66
C10 EPH X . -1.94 -54.19 -40.97
C11 EPH X . -0.82 -54.51 -39.96
C12 EPH X . -1.31 -54.65 -38.54
C13 EPH X . -0.44 -54.84 -37.54
C14 EPH X . -0.94 -54.97 -36.12
C15 EPH X . 0.21 -55.08 -35.14
C16 EPH X . 0.03 -55.38 -33.84
C17 EPH X . -1.35 -55.63 -33.26
P1 EPH X . -7.02 -61.83 -49.01
O6 EPH X . -8.20 -62.58 -49.58
O7 EPH X . -5.82 -61.58 -49.89
O8 EPH X . -6.56 -62.59 -47.65
C38 EPH X . -6.61 -64.01 -47.48
C39 EPH X . -8.03 -64.47 -47.12
N1 EPH X . -8.16 -64.57 -45.68
#